data_4YTM
#
_entry.id   4YTM
#
_cell.length_a   123.654
_cell.length_b   126.426
_cell.length_c   220.873
_cell.angle_alpha   90.00
_cell.angle_beta   90.00
_cell.angle_gamma   90.00
#
_symmetry.space_group_name_H-M   'P 21 21 21'
#
loop_
_entity.id
_entity.type
_entity.pdbx_description
1 polymer 'Succinate dehydrogenase flavoprotein'
2 polymer 'Succinate dehydrogenase [ubiquinone] iron-sulfur subunit, mitochondrial'
3 polymer 'Cytochrome b-large subunit'
4 polymer 'Succinate dehydrogenase [ubiquinone] cytochrome b small subunit, mitochondrial'
5 non-polymer 'MALONATE ION'
6 non-polymer 'FLAVIN-ADENINE DINUCLEOTIDE'
7 non-polymer 'FE2/S2 (INORGANIC) CLUSTER'
8 non-polymer 'IRON/SULFUR CLUSTER'
9 non-polymer 'FE3-S4 CLUSTER'
10 non-polymer 'PROTOPORPHYRIN IX CONTAINING FE'
11 non-polymer N-biphenyl-3-yl-2-(trifluoromethyl)benzamide
12 non-polymer L-ALPHA-PHOSPHATIDYL-BETA-OLEOYL-GAMMA-PALMITOYL-PHOSPHATIDYLETHANOLAMINE
#
loop_
_entity_poly.entity_id
_entity_poly.type
_entity_poly.pdbx_seq_one_letter_code
_entity_poly.pdbx_strand_id
1 'polypeptide(L)'
;MLRAVRALICRIGARRTLSVSSSRLDVSTSNIAQYKVIDHAYDVVIIGAGGAGLRAAMGLGEAGFKTAVVTKMFPTRSHT
TAAQGGINAALGSMNPDDWKWHFYDTVKGSDWLGDQNAMHYLTRNAVEAVTELENFGMPFSRTPEGKIYQRSFGGQSNNY
GKGGVAKRTCCVADRTGHSMLHTLYGNSLRCHCTFFIEYFALDLLMDKGRCVGVIALCLEDGTIHRFRSKRTIVATGGYG
RAYFSCTTAHMNTGDGTALATRAGIALEDLEFIQFHPTGIYGVGCLITEGSRGEGGFLVNSEGERFMERYAPKAKDLASR
DVVSRAETIEIMEGRGVGPEKDHIYLQLHHLPAEQLHQRLPGISETAKIFAGVDVTKEPIPVIPTVHYNMGGIPTNYKAQ
VIKYTKEGGDKIVPGLYACGECACHSVHGANRLGANSLLDAVVFGRACSINIKEELKPDEKIPELPEGAGEESIANLDAV
RYANGDVPTAELRLTMQKTMQKHAGVFRRGDILAEGVKKMMDLFKELKRLKTTDRSLIWNSDLTESLELQNLMLNATQTI
VAAENRKESRGAHARDDFPKREDEYDYSKPIEGQTKRPFEKHWRKHTLTKQDPRTGHITLDYRPVIDKTLDPAEVDWIPP
IIRSY
;
A,E
2 'polypeptide(L)'
;MLRGSTSVCRSLELVTQAARYASAATAAAPTGKRIKTFEIYRFNPEEPGAKPKLQKFDVDLDKCGTMVLDALIKIKNEVD
PTLTFRRSCREGICGSCAMNIAGENTLACICNIDQNTSKTTKIYPLPHMFVIKDLVPDMNLFYAQYASIQPWLQKKTKIN
LGEKQQYQSIKEQEKLDGLYECILCACCSASCPSYWWNADKYLGPAVLMQAYRWIIDSRDDSAAERLARMQDGFSAFKCH
TIMNCTKTCPKHLNPARAIGEIKMLLTKMKTKPAPLPTPANF
;
B,F
3 'polypeptide(L)'
;MSLLPYNATLCRVLRHNVKFIRSVQTSAARVSAEKTPIQVWGWDYLMRQRALKRPIAPHLTIYKPQMTWMVSGLHRVTGC
AMAGTLLIGGVGFSVLPLDFTTFVEFIRGLGIPWVILDTFKFIIAFPIAFHTLNGIRFIGFDMAKGTDIPSIYRGAYLVL
GLAALISLAVVVYPRWERHKKATLPTNH
;
C,G
4 'polypeptide(L)'
;MLSAVRRAIPLSARILRTSLIQRCAGATSAAVTGAAPPQFDPIAAEKGFKPLHSHGTLFKIERYFAAAMVPLIPAAYFIH
GREMDLCLALALTLHVHWGVWGVVNDYGRPFVLGDTLAAAVRVGAYIFTACLLAGLLYFNEHDVGLTRAFEMVWEL
;
D,H
#
# COMPACT_ATOMS: atom_id res chain seq x y z
N SER A 30 -29.61 19.10 24.84
CA SER A 30 -28.56 20.12 25.15
C SER A 30 -29.17 21.44 25.67
N ASN A 31 -30.23 21.33 26.47
CA ASN A 31 -30.94 22.49 27.00
C ASN A 31 -30.04 23.48 27.72
N ILE A 32 -29.58 23.12 28.92
CA ILE A 32 -29.03 24.09 29.91
C ILE A 32 -27.58 24.58 29.62
N ALA A 33 -27.08 24.40 28.40
CA ALA A 33 -25.76 24.93 28.03
C ALA A 33 -25.46 24.92 26.52
N GLN A 34 -24.38 25.61 26.15
CA GLN A 34 -23.91 25.73 24.77
C GLN A 34 -22.64 24.88 24.60
N TYR A 35 -22.52 24.20 23.44
CA TYR A 35 -21.42 23.27 23.17
C TYR A 35 -20.84 23.49 21.80
N LYS A 36 -19.56 23.84 21.74
CA LYS A 36 -18.87 23.92 20.47
C LYS A 36 -18.86 22.51 19.90
N VAL A 37 -19.01 22.38 18.59
CA VAL A 37 -18.95 21.07 17.94
C VAL A 37 -18.06 21.18 16.72
N ILE A 38 -17.43 20.07 16.36
CA ILE A 38 -16.46 20.08 15.28
C ILE A 38 -16.55 18.79 14.48
N ASP A 39 -16.51 18.91 13.16
CA ASP A 39 -16.73 17.77 12.28
C ASP A 39 -15.44 17.40 11.60
N HIS A 40 -15.13 16.11 11.59
CA HIS A 40 -13.96 15.57 10.88
C HIS A 40 -14.41 14.54 9.86
N ALA A 41 -13.50 14.14 9.00
CA ALA A 41 -13.84 13.19 7.93
C ALA A 41 -12.68 12.25 7.69
N TYR A 42 -12.80 11.03 8.20
CA TYR A 42 -11.73 10.04 8.10
C TYR A 42 -12.20 8.78 7.39
N ASP A 43 -11.27 8.02 6.82
CA ASP A 43 -11.54 6.70 6.21
C ASP A 43 -11.99 5.69 7.24
N VAL A 44 -11.28 5.65 8.36
CA VAL A 44 -11.63 4.81 9.49
C VAL A 44 -11.22 5.49 10.79
N VAL A 45 -12.10 5.40 11.79
CA VAL A 45 -11.89 5.94 13.12
C VAL A 45 -11.77 4.80 14.11
N ILE A 46 -10.58 4.60 14.68
CA ILE A 46 -10.39 3.62 15.74
C ILE A 46 -10.66 4.22 17.13
N ILE A 47 -11.48 3.55 17.94
CA ILE A 47 -11.66 3.95 19.35
C ILE A 47 -10.85 3.04 20.29
N GLY A 48 -9.58 3.37 20.46
CA GLY A 48 -8.72 2.58 21.30
C GLY A 48 -7.27 2.80 20.91
N ALA A 49 -6.41 2.79 21.90
CA ALA A 49 -4.99 2.82 21.66
C ALA A 49 -4.27 1.74 22.49
N GLY A 50 -4.96 0.63 22.73
CA GLY A 50 -4.33 -0.52 23.33
C GLY A 50 -3.62 -1.33 22.26
N GLY A 51 -3.27 -2.58 22.58
CA GLY A 51 -2.59 -3.43 21.63
C GLY A 51 -3.39 -3.59 20.36
N ALA A 52 -4.66 -3.95 20.52
CA ALA A 52 -5.57 -4.12 19.40
C ALA A 52 -5.61 -2.86 18.56
N GLY A 53 -6.16 -1.79 19.13
CA GLY A 53 -6.24 -0.49 18.47
C GLY A 53 -5.04 -0.13 17.63
N LEU A 54 -3.89 0.08 18.28
CA LEU A 54 -2.68 0.51 17.56
C LEU A 54 -2.34 -0.41 16.41
N ARG A 55 -2.30 -1.72 16.69
CA ARG A 55 -1.91 -2.73 15.70
C ARG A 55 -2.82 -2.65 14.50
N ALA A 56 -4.10 -2.41 14.75
CA ALA A 56 -5.03 -2.16 13.66
C ALA A 56 -4.59 -0.91 12.92
N ALA A 57 -4.51 0.21 13.64
CA ALA A 57 -4.15 1.50 13.05
C ALA A 57 -2.88 1.42 12.21
N MET A 58 -1.88 0.68 12.68
CA MET A 58 -0.64 0.49 11.93
C MET A 58 -0.92 -0.07 10.55
N GLY A 59 -1.73 -1.13 10.50
CA GLY A 59 -2.07 -1.81 9.27
C GLY A 59 -2.71 -0.86 8.30
N LEU A 60 -3.66 -0.08 8.80
CA LEU A 60 -4.43 0.84 7.99
C LEU A 60 -3.60 1.99 7.38
N GLY A 61 -2.76 2.63 8.18
CA GLY A 61 -1.87 3.69 7.68
C GLY A 61 -0.86 3.18 6.67
N GLU A 62 -0.16 2.10 7.02
CA GLU A 62 0.70 1.36 6.09
C GLU A 62 0.04 1.18 4.71
N ALA A 63 -1.24 0.87 4.71
CA ALA A 63 -2.04 0.76 3.49
C ALA A 63 -2.76 2.08 3.13
N GLY A 64 -2.11 3.21 3.43
CA GLY A 64 -2.55 4.54 2.95
C GLY A 64 -3.96 5.05 3.24
N PHE A 65 -4.59 4.58 4.31
CA PHE A 65 -5.87 5.14 4.73
C PHE A 65 -5.63 6.34 5.60
N LYS A 66 -6.58 7.25 5.63
CA LYS A 66 -6.52 8.39 6.52
C LYS A 66 -7.18 7.94 7.83
N THR A 67 -6.36 7.46 8.76
CA THR A 67 -6.87 6.88 10.00
C THR A 67 -6.82 7.88 11.12
N ALA A 68 -7.91 7.95 11.89
CA ALA A 68 -7.91 8.64 13.17
C ALA A 68 -7.89 7.60 14.27
N VAL A 69 -7.15 7.89 15.33
CA VAL A 69 -7.16 7.07 16.53
C VAL A 69 -7.68 7.91 17.69
N VAL A 70 -8.84 7.54 18.21
CA VAL A 70 -9.44 8.27 19.30
C VAL A 70 -9.25 7.45 20.54
N THR A 71 -8.74 8.06 21.59
CA THR A 71 -8.48 7.34 22.85
C THR A 71 -8.60 8.28 24.02
N LYS A 72 -9.12 7.80 25.13
CA LYS A 72 -9.33 8.68 26.29
C LYS A 72 -8.07 8.92 27.13
N MET A 73 -6.95 8.34 26.71
CA MET A 73 -5.66 8.56 27.37
C MET A 73 -4.51 8.29 26.42
N PHE A 74 -3.34 8.77 26.77
CA PHE A 74 -2.16 8.58 25.92
C PHE A 74 -1.92 7.08 25.81
N PRO A 75 -1.60 6.59 24.60
CA PRO A 75 -1.64 5.13 24.35
C PRO A 75 -0.73 4.28 25.24
N THR A 76 0.40 4.84 25.63
CA THR A 76 1.26 4.18 26.59
C THR A 76 0.55 3.86 27.93
N ARG A 77 -0.50 4.59 28.27
CA ARG A 77 -1.22 4.40 29.54
C ARG A 77 -2.28 3.28 29.52
N SER A 78 -2.60 2.76 28.33
CA SER A 78 -3.63 1.74 28.18
C SER A 78 -3.21 0.52 28.97
N HIS A 79 -4.17 -0.35 29.24
CA HIS A 79 -3.93 -1.49 30.10
C HIS A 79 -2.89 -2.46 29.58
N THR A 80 -2.85 -2.66 28.26
CA THR A 80 -1.86 -3.53 27.65
C THR A 80 -0.52 -3.36 28.35
N THR A 81 -0.11 -2.12 28.59
CA THR A 81 1.17 -1.82 29.25
C THR A 81 1.37 -2.61 30.57
N ALA A 82 0.27 -2.93 31.26
CA ALA A 82 0.31 -3.57 32.58
C ALA A 82 0.31 -5.08 32.54
N ALA A 83 0.28 -5.63 31.33
CA ALA A 83 0.41 -7.06 31.15
C ALA A 83 1.83 -7.50 31.40
N GLN A 84 1.97 -8.70 31.99
CA GLN A 84 3.23 -9.18 32.50
C GLN A 84 3.68 -10.50 31.87
N GLY A 85 2.79 -11.49 31.90
CA GLY A 85 3.10 -12.88 31.56
C GLY A 85 3.67 -13.14 30.17
N GLY A 86 2.91 -12.78 29.14
CA GLY A 86 3.44 -12.89 27.81
C GLY A 86 2.43 -13.16 26.73
N ILE A 87 2.95 -13.61 25.59
CA ILE A 87 2.18 -13.75 24.37
C ILE A 87 2.51 -15.09 23.72
N ASN A 88 1.48 -15.85 23.37
CA ASN A 88 1.67 -17.23 22.93
C ASN A 88 1.93 -17.35 21.45
N ALA A 89 2.97 -18.09 21.12
CA ALA A 89 3.22 -18.52 19.76
C ALA A 89 4.10 -19.76 19.80
N ALA A 90 3.73 -20.78 19.00
CA ALA A 90 4.54 -22.00 18.87
C ALA A 90 5.83 -21.73 18.07
N LEU A 91 6.84 -21.19 18.74
CA LEU A 91 8.11 -20.85 18.07
C LEU A 91 9.15 -21.97 18.16
N GLY A 92 8.94 -22.90 19.09
CA GLY A 92 9.87 -24.00 19.30
C GLY A 92 11.25 -23.51 19.67
N SER A 93 11.31 -22.40 20.40
CA SER A 93 12.57 -21.84 20.82
C SER A 93 13.11 -22.56 22.03
N MET A 94 12.28 -23.38 22.68
CA MET A 94 12.67 -24.12 23.89
C MET A 94 12.48 -25.62 23.74
N ASN A 95 11.49 -26.00 22.94
CA ASN A 95 11.23 -27.40 22.61
C ASN A 95 10.29 -27.43 21.42
N PRO A 96 10.43 -28.42 20.52
CA PRO A 96 9.58 -28.45 19.33
C PRO A 96 8.09 -28.29 19.66
N ASP A 97 7.38 -27.52 18.85
CA ASP A 97 6.00 -27.15 19.12
C ASP A 97 5.22 -27.18 17.81
N ASP A 98 3.91 -27.30 17.92
CA ASP A 98 3.01 -27.33 16.77
C ASP A 98 1.88 -26.38 17.11
N TRP A 99 1.63 -25.40 16.25
CA TRP A 99 0.53 -24.46 16.46
C TRP A 99 -0.83 -25.17 16.60
N LYS A 100 -0.88 -26.44 16.22
CA LYS A 100 -2.09 -27.23 16.37
C LYS A 100 -2.29 -27.69 17.80
N TRP A 101 -1.18 -27.87 18.53
CA TRP A 101 -1.25 -28.21 19.95
C TRP A 101 -1.68 -26.98 20.73
N HIS A 102 -1.33 -25.81 20.20
CA HIS A 102 -1.78 -24.53 20.73
C HIS A 102 -3.27 -24.37 20.44
N PHE A 103 -3.65 -24.65 19.20
CA PHE A 103 -5.04 -24.70 18.84
C PHE A 103 -5.80 -25.67 19.75
N TYR A 104 -5.22 -26.84 20.03
CA TYR A 104 -5.85 -27.78 20.96
C TYR A 104 -6.16 -27.11 22.30
N ASP A 105 -5.10 -26.64 22.95
CA ASP A 105 -5.20 -26.08 24.29
C ASP A 105 -6.15 -24.89 24.33
N THR A 106 -6.15 -24.11 23.25
CA THR A 106 -7.02 -22.95 23.15
C THR A 106 -8.48 -23.37 23.25
N VAL A 107 -8.86 -24.41 22.52
CA VAL A 107 -10.26 -24.84 22.53
C VAL A 107 -10.62 -25.49 23.84
N LYS A 108 -9.73 -26.34 24.36
CA LYS A 108 -9.97 -26.97 25.64
C LYS A 108 -10.23 -25.90 26.69
N GLY A 109 -9.40 -24.87 26.68
CA GLY A 109 -9.53 -23.76 27.62
C GLY A 109 -10.85 -23.03 27.51
N SER A 110 -11.36 -22.87 26.29
CA SER A 110 -12.64 -22.22 26.08
C SER A 110 -13.80 -22.99 26.72
N ASP A 111 -13.64 -24.30 26.86
CA ASP A 111 -14.68 -25.21 27.42
C ASP A 111 -15.80 -25.46 26.40
N TRP A 112 -15.37 -25.54 25.13
CA TRP A 112 -16.24 -25.71 23.97
C TRP A 112 -17.39 -24.71 23.80
N LEU A 113 -17.27 -23.53 24.40
CA LEU A 113 -18.10 -22.40 24.04
C LEU A 113 -17.42 -21.62 22.92
N GLY A 114 -16.12 -21.87 22.71
CA GLY A 114 -15.35 -21.15 21.70
C GLY A 114 -15.68 -21.52 20.27
N ASP A 115 -15.85 -20.48 19.45
CA ASP A 115 -16.08 -20.62 18.02
C ASP A 115 -14.76 -20.99 17.40
N GLN A 116 -14.66 -22.23 16.91
CA GLN A 116 -13.37 -22.84 16.57
C GLN A 116 -12.67 -22.25 15.35
N ASN A 117 -13.45 -21.69 14.43
CA ASN A 117 -12.92 -20.89 13.32
C ASN A 117 -12.01 -19.75 13.79
N ALA A 118 -12.48 -18.96 14.74
CA ALA A 118 -11.73 -17.82 15.24
C ALA A 118 -10.52 -18.26 16.08
N MET A 119 -10.65 -19.39 16.78
CA MET A 119 -9.52 -19.97 17.51
C MET A 119 -8.47 -20.48 16.52
N HIS A 120 -8.94 -20.99 15.39
CA HIS A 120 -8.09 -21.46 14.29
C HIS A 120 -7.26 -20.28 13.78
N TYR A 121 -7.94 -19.24 13.30
CA TYR A 121 -7.27 -18.06 12.77
C TYR A 121 -6.20 -17.58 13.73
N LEU A 122 -6.58 -17.39 14.99
CA LEU A 122 -5.67 -16.92 16.05
C LEU A 122 -4.36 -17.71 16.11
N THR A 123 -4.47 -19.02 16.35
CA THR A 123 -3.33 -19.89 16.66
C THR A 123 -2.43 -20.17 15.46
N ARG A 124 -3.05 -20.24 14.29
CA ARG A 124 -2.34 -20.37 13.03
C ARG A 124 -1.41 -19.15 12.82
N ASN A 125 -2.01 -17.96 12.81
CA ASN A 125 -1.25 -16.70 12.64
C ASN A 125 -0.40 -16.28 13.86
N ALA A 126 -0.38 -17.10 14.91
CA ALA A 126 0.31 -16.77 16.15
C ALA A 126 1.81 -16.54 15.95
N VAL A 127 2.45 -17.43 15.22
CA VAL A 127 3.89 -17.40 15.04
C VAL A 127 4.31 -16.21 14.16
N GLU A 128 3.51 -15.89 13.16
CA GLU A 128 3.78 -14.71 12.34
C GLU A 128 3.62 -13.44 13.15
N ALA A 129 2.49 -13.33 13.84
CA ALA A 129 2.17 -12.13 14.60
C ALA A 129 3.29 -11.74 15.56
N VAL A 130 3.79 -12.71 16.34
CA VAL A 130 4.81 -12.44 17.35
C VAL A 130 6.18 -12.18 16.76
N THR A 131 6.43 -12.75 15.59
CA THR A 131 7.65 -12.49 14.86
C THR A 131 7.62 -11.06 14.30
N GLU A 132 6.45 -10.60 13.85
CA GLU A 132 6.29 -9.22 13.40
C GLU A 132 6.73 -8.28 14.51
N LEU A 133 6.25 -8.54 15.73
CA LEU A 133 6.63 -7.72 16.89
C LEU A 133 8.15 -7.64 17.03
N GLU A 134 8.81 -8.78 17.11
CA GLU A 134 10.26 -8.82 17.21
C GLU A 134 10.92 -8.01 16.06
N ASN A 135 10.32 -8.08 14.87
CA ASN A 135 10.82 -7.31 13.75
C ASN A 135 10.52 -5.82 13.88
N PHE A 136 9.43 -5.46 14.54
CA PHE A 136 9.13 -4.05 14.90
C PHE A 136 10.08 -3.45 15.94
N GLY A 137 10.91 -4.30 16.55
CA GLY A 137 11.91 -3.87 17.51
C GLY A 137 11.50 -4.15 18.95
N MET A 138 10.58 -5.09 19.16
CA MET A 138 10.21 -5.48 20.52
C MET A 138 11.35 -6.26 21.15
N PRO A 139 11.90 -5.74 22.26
CA PRO A 139 13.09 -6.30 22.89
C PRO A 139 12.83 -7.58 23.70
N PHE A 140 12.59 -8.70 23.03
CA PHE A 140 12.27 -9.94 23.73
C PHE A 140 13.48 -10.48 24.47
N SER A 141 13.20 -11.24 25.54
CA SER A 141 14.22 -12.01 26.24
C SER A 141 14.72 -13.08 25.29
N ARG A 142 15.96 -13.52 25.49
CA ARG A 142 16.60 -14.41 24.52
C ARG A 142 17.16 -15.68 25.14
N THR A 143 17.39 -16.64 24.25
CA THR A 143 18.03 -17.91 24.59
C THR A 143 19.53 -17.83 24.28
N PRO A 144 20.30 -18.84 24.75
CA PRO A 144 21.70 -18.99 24.33
C PRO A 144 21.90 -19.18 22.82
N GLU A 145 20.93 -19.81 22.14
CA GLU A 145 20.98 -19.93 20.68
C GLU A 145 20.74 -18.57 20.02
N GLY A 146 20.12 -17.66 20.78
CA GLY A 146 19.82 -16.29 20.34
C GLY A 146 18.39 -16.03 19.86
N LYS A 147 17.49 -16.97 20.18
CA LYS A 147 16.10 -16.91 19.72
C LYS A 147 15.21 -16.41 20.84
N ILE A 148 13.90 -16.35 20.60
CA ILE A 148 12.98 -15.80 21.59
C ILE A 148 12.78 -16.77 22.75
N TYR A 149 12.98 -16.28 23.97
CA TYR A 149 12.77 -17.11 25.16
C TYR A 149 11.29 -17.33 25.45
N GLN A 150 10.92 -18.58 25.71
CA GLN A 150 9.56 -18.96 26.03
C GLN A 150 9.49 -19.59 27.43
N ARG A 151 8.40 -19.28 28.14
CA ARG A 151 8.19 -19.81 29.48
C ARG A 151 6.93 -20.63 29.52
N SER A 152 6.81 -21.47 30.53
CA SER A 152 5.59 -22.22 30.74
C SER A 152 4.51 -21.32 31.28
N PHE A 153 3.26 -21.72 31.09
CA PHE A 153 2.15 -20.87 31.43
C PHE A 153 0.89 -21.71 31.52
N GLY A 154 -0.08 -21.21 32.28
CA GLY A 154 -1.27 -21.99 32.62
C GLY A 154 -2.14 -22.47 31.46
N GLY A 155 -2.60 -23.72 31.57
CA GLY A 155 -3.58 -24.30 30.64
C GLY A 155 -3.06 -25.01 29.39
N GLN A 156 -1.75 -24.93 29.14
CA GLN A 156 -1.17 -25.38 27.87
C GLN A 156 -0.28 -26.63 27.96
N SER A 157 -0.18 -27.35 26.84
CA SER A 157 0.48 -28.65 26.79
C SER A 157 0.83 -29.09 25.36
N ASN A 158 1.87 -29.93 25.26
CA ASN A 158 2.30 -30.48 23.98
C ASN A 158 1.52 -31.76 23.60
N ASN A 159 1.66 -32.19 22.34
CA ASN A 159 0.86 -33.27 21.72
C ASN A 159 -0.59 -33.46 22.20
N TYR A 160 -1.46 -32.53 21.80
CA TYR A 160 -2.90 -32.62 22.04
C TYR A 160 -3.24 -33.18 23.41
N GLY A 161 -2.72 -32.53 24.44
CA GLY A 161 -3.06 -32.86 25.82
C GLY A 161 -2.32 -34.05 26.38
N LYS A 162 -1.65 -34.81 25.51
CA LYS A 162 -0.96 -36.03 25.92
C LYS A 162 0.47 -35.74 26.34
N GLY A 163 1.18 -34.88 25.61
CA GLY A 163 2.55 -34.47 25.99
C GLY A 163 2.67 -33.78 27.35
N GLY A 164 3.83 -33.19 27.62
CA GLY A 164 4.11 -32.56 28.91
C GLY A 164 3.45 -31.18 29.09
N VAL A 165 4.15 -30.29 29.81
CA VAL A 165 3.70 -28.90 29.99
C VAL A 165 4.37 -28.03 28.93
N ALA A 166 3.57 -27.28 28.18
CA ALA A 166 4.04 -26.54 27.00
C ALA A 166 5.02 -25.44 27.39
N LYS A 167 5.75 -24.96 26.38
CA LYS A 167 6.64 -23.81 26.54
C LYS A 167 6.61 -22.99 25.28
N ARG A 168 5.59 -22.14 25.17
CA ARG A 168 5.45 -21.25 24.01
C ARG A 168 5.06 -19.81 24.35
N THR A 169 5.23 -19.45 25.62
CA THR A 169 4.81 -18.15 26.10
C THR A 169 6.00 -17.21 26.06
N CYS A 170 6.17 -16.56 24.92
CA CYS A 170 7.24 -15.59 24.69
C CYS A 170 7.08 -14.43 25.64
N CYS A 171 8.21 -13.93 26.15
CA CYS A 171 8.18 -12.81 27.08
C CYS A 171 9.41 -11.89 27.04
N VAL A 172 9.19 -10.68 27.57
CA VAL A 172 10.21 -9.70 27.89
C VAL A 172 10.24 -9.69 29.41
N ALA A 173 10.77 -10.77 29.97
CA ALA A 173 10.76 -10.98 31.40
C ALA A 173 9.35 -10.88 31.94
N ASP A 174 9.10 -9.85 32.73
CA ASP A 174 7.88 -9.74 33.52
C ASP A 174 7.02 -8.57 33.06
N ARG A 175 7.41 -7.97 31.93
CA ARG A 175 6.92 -6.67 31.50
C ARG A 175 6.63 -6.72 30.02
N THR A 176 5.93 -7.77 29.62
CA THR A 176 5.76 -8.08 28.21
C THR A 176 4.76 -7.16 27.50
N GLY A 177 3.72 -6.74 28.21
CA GLY A 177 2.75 -5.80 27.66
C GLY A 177 3.29 -4.38 27.50
N HIS A 178 3.95 -3.89 28.55
CA HIS A 178 4.66 -2.62 28.50
C HIS A 178 5.49 -2.57 27.23
N SER A 179 6.26 -3.62 27.02
CA SER A 179 7.19 -3.65 25.91
C SER A 179 6.47 -3.75 24.55
N MET A 180 5.32 -4.41 24.53
CA MET A 180 4.61 -4.63 23.28
C MET A 180 3.90 -3.36 22.86
N LEU A 181 3.25 -2.73 23.83
CA LEU A 181 2.53 -1.50 23.57
C LEU A 181 3.50 -0.40 23.16
N HIS A 182 4.59 -0.25 23.89
CA HIS A 182 5.60 0.76 23.59
C HIS A 182 6.18 0.60 22.21
N THR A 183 6.43 -0.65 21.82
CA THR A 183 6.92 -1.00 20.50
C THR A 183 5.87 -0.66 19.45
N LEU A 184 4.66 -1.17 19.65
CA LEU A 184 3.54 -0.83 18.80
C LEU A 184 3.33 0.69 18.66
N TYR A 185 3.31 1.40 19.79
CA TYR A 185 3.08 2.83 19.75
C TYR A 185 4.14 3.52 18.91
N GLY A 186 5.40 3.17 19.13
CA GLY A 186 6.47 3.76 18.36
C GLY A 186 6.24 3.60 16.87
N ASN A 187 5.95 2.38 16.45
CA ASN A 187 5.79 2.08 15.03
C ASN A 187 4.57 2.73 14.40
N SER A 188 3.60 3.13 15.24
CA SER A 188 2.42 3.82 14.75
C SER A 188 2.70 5.27 14.35
N LEU A 189 3.85 5.80 14.80
CA LEU A 189 4.23 7.18 14.52
C LEU A 189 4.86 7.24 13.13
N ARG A 190 5.56 6.17 12.77
CA ARG A 190 6.05 5.96 11.41
C ARG A 190 4.92 5.85 10.33
N CYS A 191 3.72 5.41 10.69
CA CYS A 191 2.70 5.18 9.65
C CYS A 191 1.46 6.10 9.72
N HIS A 192 1.72 7.39 9.89
CA HIS A 192 0.77 8.47 9.56
C HIS A 192 -0.69 8.24 9.97
N CYS A 193 -0.87 7.86 11.23
CA CYS A 193 -2.18 7.87 11.86
C CYS A 193 -2.22 9.19 12.58
N THR A 194 -3.30 9.94 12.44
CA THR A 194 -3.44 11.19 13.18
C THR A 194 -4.21 10.94 14.48
N PHE A 195 -3.52 11.14 15.61
CA PHE A 195 -3.97 10.78 16.97
C PHE A 195 -4.82 11.88 17.64
N PHE A 196 -6.01 11.52 18.12
CA PHE A 196 -6.87 12.42 18.93
C PHE A 196 -6.89 11.94 20.38
N ILE A 197 -5.98 12.47 21.20
CA ILE A 197 -5.67 11.90 22.51
C ILE A 197 -6.38 12.62 23.66
N GLU A 198 -6.77 11.85 24.67
CA GLU A 198 -7.66 12.32 25.75
C GLU A 198 -9.00 12.85 25.20
N TYR A 199 -9.53 12.13 24.20
CA TYR A 199 -10.89 12.30 23.70
C TYR A 199 -11.75 11.13 24.18
N PHE A 200 -12.76 11.45 25.00
CA PHE A 200 -13.70 10.49 25.54
C PHE A 200 -14.79 10.21 24.51
N ALA A 201 -14.76 9.03 23.90
CA ALA A 201 -15.79 8.63 22.92
C ALA A 201 -17.13 8.47 23.63
N LEU A 202 -18.17 9.04 23.03
CA LEU A 202 -19.48 9.11 23.68
C LEU A 202 -20.45 8.08 23.13
N ASP A 203 -20.57 8.02 21.81
CA ASP A 203 -21.50 7.09 21.15
C ASP A 203 -21.07 6.77 19.74
N LEU A 204 -21.56 5.66 19.20
CA LEU A 204 -21.39 5.40 17.78
C LEU A 204 -22.38 6.27 16.99
N LEU A 205 -21.97 6.71 15.80
CA LEU A 205 -22.87 7.43 14.88
C LEU A 205 -23.55 6.42 13.96
N MET A 206 -24.82 6.14 14.25
CA MET A 206 -25.59 5.12 13.54
C MET A 206 -26.56 5.72 12.51
N ASP A 207 -26.49 5.20 11.29
CA ASP A 207 -27.40 5.61 10.22
C ASP A 207 -28.24 4.42 9.74
N LYS A 208 -29.25 4.09 10.55
CA LYS A 208 -30.15 2.98 10.28
C LYS A 208 -29.35 1.71 9.94
N GLY A 209 -28.68 1.17 10.95
CA GLY A 209 -27.96 -0.10 10.82
C GLY A 209 -26.51 -0.03 10.33
N ARG A 210 -26.04 1.17 9.99
CA ARG A 210 -24.67 1.36 9.48
C ARG A 210 -23.88 2.28 10.41
N CYS A 211 -22.60 1.99 10.62
CA CYS A 211 -21.73 2.85 11.41
C CYS A 211 -20.95 3.82 10.53
N VAL A 212 -21.23 5.11 10.73
CA VAL A 212 -20.58 6.18 9.96
C VAL A 212 -19.60 7.00 10.79
N GLY A 213 -19.50 6.71 12.09
CA GLY A 213 -18.48 7.35 12.93
C GLY A 213 -18.69 7.32 14.42
N VAL A 214 -17.93 8.18 15.11
CA VAL A 214 -17.94 8.28 16.56
C VAL A 214 -18.13 9.74 16.95
N ILE A 215 -18.80 9.98 18.08
CA ILE A 215 -18.85 11.31 18.64
C ILE A 215 -18.10 11.28 19.98
N ALA A 216 -17.30 12.32 20.22
CA ALA A 216 -16.40 12.37 21.40
C ALA A 216 -16.26 13.73 22.05
N LEU A 217 -15.93 13.74 23.33
CA LEU A 217 -15.64 14.95 24.08
C LEU A 217 -14.12 15.13 24.30
N CYS A 218 -13.51 16.10 23.60
CA CYS A 218 -12.13 16.48 23.83
C CYS A 218 -11.99 17.14 25.21
N LEU A 219 -11.26 16.48 26.10
CA LEU A 219 -11.08 16.94 27.49
C LEU A 219 -10.27 18.22 27.62
N GLU A 220 -9.32 18.41 26.70
CA GLU A 220 -8.40 19.53 26.81
C GLU A 220 -9.14 20.86 26.77
N ASP A 221 -10.02 20.98 25.78
CA ASP A 221 -10.65 22.25 25.46
C ASP A 221 -12.19 22.22 25.53
N GLY A 222 -12.76 21.15 26.07
CA GLY A 222 -14.21 21.08 26.29
C GLY A 222 -15.13 21.10 25.05
N THR A 223 -14.58 20.83 23.87
CA THR A 223 -15.39 20.78 22.64
C THR A 223 -15.93 19.38 22.39
N ILE A 224 -16.87 19.28 21.45
CA ILE A 224 -17.47 18.01 21.08
C ILE A 224 -17.14 17.70 19.61
N HIS A 225 -16.71 16.47 19.35
CA HIS A 225 -16.20 16.11 18.04
C HIS A 225 -16.94 14.95 17.40
N ARG A 226 -17.50 15.17 16.21
CA ARG A 226 -18.04 14.09 15.41
C ARG A 226 -17.03 13.73 14.34
N PHE A 227 -16.76 12.44 14.20
CA PHE A 227 -15.87 11.94 13.15
C PHE A 227 -16.72 11.15 12.17
N ARG A 228 -16.63 11.49 10.90
CA ARG A 228 -17.30 10.73 9.89
C ARG A 228 -16.28 9.76 9.36
N SER A 229 -16.70 8.53 9.11
CA SER A 229 -15.80 7.51 8.59
C SER A 229 -16.52 6.35 7.94
N LYS A 230 -15.83 5.69 7.01
CA LYS A 230 -16.38 4.55 6.30
C LYS A 230 -16.44 3.35 7.25
N ARG A 231 -15.32 3.14 7.95
CA ARG A 231 -15.24 2.09 8.96
C ARG A 231 -15.04 2.66 10.34
N THR A 232 -15.28 1.80 11.32
CA THR A 232 -15.12 2.15 12.71
C THR A 232 -14.62 0.86 13.41
N ILE A 233 -13.47 0.92 14.04
CA ILE A 233 -12.99 -0.19 14.84
C ILE A 233 -13.13 0.16 16.31
N VAL A 234 -13.82 -0.70 17.05
CA VAL A 234 -13.92 -0.54 18.51
C VAL A 234 -12.84 -1.40 19.18
N ALA A 235 -12.01 -0.76 20.00
CA ALA A 235 -10.88 -1.44 20.61
C ALA A 235 -10.62 -0.90 22.01
N THR A 236 -11.67 -0.92 22.84
CA THR A 236 -11.72 -0.17 24.11
C THR A 236 -11.53 -0.95 25.42
N GLY A 237 -10.94 -2.14 25.38
CA GLY A 237 -10.66 -2.87 26.61
C GLY A 237 -11.89 -3.30 27.41
N GLY A 238 -11.65 -3.73 28.65
CA GLY A 238 -12.66 -4.42 29.47
C GLY A 238 -13.46 -3.59 30.46
N TYR A 239 -14.12 -4.28 31.38
CA TYR A 239 -14.94 -3.63 32.41
C TYR A 239 -14.71 -4.20 33.79
N GLY A 240 -13.46 -4.46 34.11
CA GLY A 240 -13.06 -4.87 35.45
C GLY A 240 -13.46 -3.95 36.61
N ARG A 241 -13.64 -2.65 36.37
CA ARG A 241 -14.05 -1.76 37.47
C ARG A 241 -15.54 -1.85 37.77
N ALA A 242 -16.22 -2.84 37.18
CA ALA A 242 -17.58 -3.19 37.59
C ALA A 242 -17.60 -4.00 38.88
N TYR A 243 -16.43 -4.42 39.37
CA TYR A 243 -16.28 -5.16 40.63
C TYR A 243 -15.46 -4.37 41.64
N PHE A 244 -15.61 -4.72 42.92
CA PHE A 244 -14.92 -3.99 43.99
C PHE A 244 -13.42 -4.28 44.00
N SER A 245 -13.05 -5.50 43.66
CA SER A 245 -11.65 -5.90 43.54
C SER A 245 -11.38 -6.34 42.10
N CYS A 246 -10.24 -5.93 41.56
CA CYS A 246 -9.81 -6.38 40.24
C CYS A 246 -8.30 -6.16 40.06
N THR A 247 -7.77 -6.62 38.94
CA THR A 247 -6.38 -6.36 38.55
C THR A 247 -6.30 -5.20 37.57
N THR A 248 -7.47 -4.75 37.10
CA THR A 248 -7.57 -3.83 35.97
C THR A 248 -7.33 -2.37 36.34
N ALA A 249 -7.23 -1.53 35.31
CA ALA A 249 -6.96 -0.10 35.47
C ALA A 249 -8.24 0.67 35.78
N HIS A 250 -8.10 1.89 36.26
CA HIS A 250 -9.26 2.74 36.57
C HIS A 250 -10.07 3.08 35.31
N MET A 251 -9.44 2.95 34.14
CA MET A 251 -10.05 3.34 32.88
C MET A 251 -10.85 2.20 32.27
N ASN A 252 -10.63 0.98 32.75
CA ASN A 252 -11.34 -0.22 32.30
C ASN A 252 -12.80 -0.18 32.67
N THR A 253 -13.60 0.60 31.96
CA THR A 253 -14.98 0.81 32.37
C THR A 253 -16.03 0.40 31.31
N GLY A 254 -15.60 -0.42 30.35
CA GLY A 254 -16.50 -1.00 29.35
C GLY A 254 -17.28 0.03 28.55
N ASP A 255 -16.58 1.07 28.12
CA ASP A 255 -17.22 2.11 27.33
C ASP A 255 -17.61 1.60 25.92
N GLY A 256 -16.80 0.70 25.37
CA GLY A 256 -17.06 0.17 24.03
C GLY A 256 -18.30 -0.70 23.95
N THR A 257 -18.50 -1.56 24.95
CA THR A 257 -19.68 -2.40 24.99
C THR A 257 -20.89 -1.55 25.31
N ALA A 258 -20.70 -0.50 26.09
CA ALA A 258 -21.74 0.49 26.32
C ALA A 258 -22.04 1.28 25.04
N LEU A 259 -21.01 1.57 24.26
CA LEU A 259 -21.20 2.20 22.95
C LEU A 259 -22.07 1.32 22.05
N ALA A 260 -21.77 0.03 22.02
CA ALA A 260 -22.50 -0.90 21.20
C ALA A 260 -23.90 -1.12 21.75
N THR A 261 -24.04 -1.17 23.06
CA THR A 261 -25.37 -1.32 23.65
C THR A 261 -26.26 -0.15 23.19
N ARG A 262 -25.79 1.09 23.34
CA ARG A 262 -26.57 2.30 22.96
C ARG A 262 -26.88 2.33 21.48
N ALA A 263 -26.00 1.79 20.67
CA ALA A 263 -26.22 1.69 19.24
C ALA A 263 -27.15 0.53 18.84
N GLY A 264 -27.80 -0.10 19.82
CA GLY A 264 -28.73 -1.21 19.57
C GLY A 264 -28.10 -2.53 19.13
N ILE A 265 -26.90 -2.83 19.63
CA ILE A 265 -26.22 -4.09 19.32
C ILE A 265 -26.17 -4.94 20.58
N ALA A 266 -26.53 -6.20 20.45
CA ALA A 266 -26.55 -7.12 21.58
C ALA A 266 -25.14 -7.58 21.87
N LEU A 267 -24.77 -7.58 23.16
CA LEU A 267 -23.48 -8.08 23.62
C LEU A 267 -23.56 -9.59 23.86
N GLU A 268 -22.41 -10.23 24.02
CA GLU A 268 -22.31 -11.68 24.03
C GLU A 268 -21.45 -12.19 25.19
N ASP A 269 -21.79 -13.36 25.73
CA ASP A 269 -20.97 -14.04 26.76
C ASP A 269 -20.53 -13.21 27.99
N LEU A 270 -21.28 -12.19 28.35
CA LEU A 270 -20.87 -11.30 29.43
C LEU A 270 -20.66 -12.03 30.75
N GLU A 271 -21.45 -13.05 31.01
CA GLU A 271 -21.42 -13.79 32.27
C GLU A 271 -20.09 -14.49 32.57
N PHE A 272 -19.23 -14.61 31.56
CA PHE A 272 -17.89 -15.16 31.74
C PHE A 272 -16.90 -14.05 32.08
N ILE A 273 -16.74 -13.86 33.39
CA ILE A 273 -15.75 -12.97 33.98
C ILE A 273 -14.66 -13.86 34.53
N GLN A 274 -13.42 -13.63 34.08
CA GLN A 274 -12.30 -14.47 34.46
C GLN A 274 -11.70 -13.97 35.77
N PHE A 275 -11.56 -14.89 36.72
CA PHE A 275 -10.90 -14.59 37.98
C PHE A 275 -9.49 -15.10 37.93
N HIS A 276 -8.54 -14.17 37.99
CA HIS A 276 -7.13 -14.51 38.03
C HIS A 276 -6.83 -15.02 39.44
N PRO A 277 -6.10 -16.13 39.55
CA PRO A 277 -5.89 -16.70 40.87
C PRO A 277 -4.99 -15.86 41.79
N THR A 278 -3.86 -15.36 41.28
CA THR A 278 -2.90 -14.65 42.13
C THR A 278 -2.89 -13.13 41.98
N GLY A 279 -3.98 -12.48 42.39
CA GLY A 279 -3.95 -11.04 42.65
C GLY A 279 -3.54 -10.79 44.11
N ILE A 280 -2.79 -9.71 44.37
CA ILE A 280 -2.32 -9.42 45.74
C ILE A 280 -3.52 -9.13 46.63
N TYR A 281 -3.42 -9.59 47.89
CA TYR A 281 -4.54 -9.65 48.83
C TYR A 281 -5.16 -8.29 49.15
N GLY A 282 -4.39 -7.41 49.79
CA GLY A 282 -4.93 -6.11 50.18
C GLY A 282 -5.33 -5.19 49.03
N VAL A 283 -4.57 -5.25 47.93
CA VAL A 283 -4.54 -4.15 46.96
C VAL A 283 -5.13 -4.46 45.57
N GLY A 284 -4.91 -5.65 45.07
CA GLY A 284 -5.47 -6.02 43.77
C GLY A 284 -4.40 -6.22 42.73
N CYS A 285 -3.30 -5.48 42.84
CA CYS A 285 -2.17 -5.60 41.90
C CYS A 285 -1.86 -7.05 41.55
N LEU A 286 -1.72 -7.31 40.26
CA LEU A 286 -1.53 -8.66 39.75
C LEU A 286 -0.11 -9.18 39.99
N ILE A 287 -0.04 -10.47 40.34
CA ILE A 287 1.20 -11.25 40.32
C ILE A 287 1.09 -12.22 39.16
N THR A 288 2.02 -12.17 38.22
CA THR A 288 1.88 -12.93 36.99
C THR A 288 1.75 -14.43 37.24
N GLU A 289 1.12 -15.10 36.28
CA GLU A 289 1.07 -16.56 36.24
C GLU A 289 2.47 -17.07 35.91
N GLY A 290 3.24 -16.22 35.24
CA GLY A 290 4.63 -16.49 34.96
C GLY A 290 5.44 -16.84 36.19
N SER A 291 5.01 -16.34 37.35
CA SER A 291 5.66 -16.68 38.62
C SER A 291 5.49 -18.17 38.96
N ARG A 292 4.41 -18.78 38.46
CA ARG A 292 4.15 -20.21 38.62
C ARG A 292 4.75 -21.01 37.46
N GLY A 293 4.79 -20.39 36.29
CA GLY A 293 5.42 -20.99 35.12
C GLY A 293 6.92 -21.13 35.21
N GLU A 294 7.55 -20.36 36.09
CA GLU A 294 8.98 -20.49 36.38
C GLU A 294 9.23 -21.62 37.38
N GLY A 295 8.27 -21.84 38.27
CA GLY A 295 8.40 -22.89 39.29
C GLY A 295 7.65 -22.62 40.59
N GLY A 296 7.29 -21.38 40.85
CA GLY A 296 6.56 -21.01 42.07
C GLY A 296 5.24 -21.76 42.20
N PHE A 297 4.74 -21.88 43.42
CA PHE A 297 3.47 -22.59 43.64
C PHE A 297 2.63 -22.05 44.79
N LEU A 298 1.35 -22.46 44.77
CA LEU A 298 0.37 -22.05 45.77
C LEU A 298 0.47 -22.96 46.97
N VAL A 299 0.23 -22.39 48.15
CA VAL A 299 0.33 -23.09 49.44
C VAL A 299 -0.73 -22.59 50.41
N ASN A 300 -1.40 -23.50 51.12
CA ASN A 300 -2.49 -23.14 52.05
C ASN A 300 -1.95 -22.94 53.46
N SER A 301 -2.82 -23.07 54.49
CA SER A 301 -2.38 -22.95 55.88
C SER A 301 -1.62 -24.20 56.38
N GLU A 302 -2.04 -25.37 55.89
CA GLU A 302 -1.39 -26.63 56.22
C GLU A 302 0.05 -26.69 55.73
N GLY A 303 0.42 -25.84 54.79
CA GLY A 303 1.70 -25.94 54.11
C GLY A 303 1.66 -26.95 52.98
N GLU A 304 0.46 -27.43 52.64
CA GLU A 304 0.31 -28.31 51.49
C GLU A 304 0.40 -27.49 50.22
N ARG A 305 1.12 -28.00 49.22
CA ARG A 305 1.03 -27.48 47.86
C ARG A 305 -0.25 -28.07 47.24
N PHE A 306 -1.39 -27.48 47.61
CA PHE A 306 -2.69 -28.11 47.42
C PHE A 306 -3.14 -28.35 45.97
N MET A 307 -2.57 -27.63 45.01
CA MET A 307 -3.02 -27.81 43.62
C MET A 307 -2.87 -29.26 43.11
N GLU A 308 -1.95 -30.03 43.71
CA GLU A 308 -1.75 -31.42 43.35
C GLU A 308 -2.99 -32.27 43.61
N ARG A 309 -3.88 -31.82 44.48
CA ARG A 309 -5.16 -32.50 44.72
C ARG A 309 -6.19 -32.15 43.68
N TYR A 310 -6.35 -30.86 43.40
CA TYR A 310 -7.35 -30.38 42.43
C TYR A 310 -6.93 -30.60 40.97
N ALA A 311 -5.65 -30.87 40.73
CA ALA A 311 -5.16 -31.10 39.38
C ALA A 311 -3.82 -31.85 39.40
N PRO A 312 -3.86 -33.18 39.62
CA PRO A 312 -2.67 -34.02 39.71
C PRO A 312 -1.68 -33.84 38.56
N LYS A 313 -2.18 -33.67 37.34
CA LYS A 313 -1.30 -33.56 36.17
C LYS A 313 -0.62 -32.20 36.08
N ALA A 314 -1.39 -31.13 36.01
CA ALA A 314 -0.86 -29.78 35.74
C ALA A 314 -0.64 -28.93 36.99
N LYS A 315 -1.27 -29.31 38.09
CA LYS A 315 -1.03 -28.67 39.40
C LYS A 315 -1.28 -27.16 39.39
N ASP A 316 -0.25 -26.36 39.62
CA ASP A 316 -0.41 -24.92 39.76
C ASP A 316 -0.51 -24.23 38.38
N LEU A 317 -0.23 -24.98 37.31
CA LEU A 317 -0.40 -24.53 35.92
C LEU A 317 -1.68 -25.08 35.26
N ALA A 318 -2.68 -25.42 36.07
CA ALA A 318 -4.00 -25.69 35.53
C ALA A 318 -4.63 -24.37 35.06
N SER A 319 -5.70 -24.48 34.29
CA SER A 319 -6.44 -23.31 33.82
C SER A 319 -6.78 -22.39 35.00
N ARG A 320 -6.93 -21.10 34.72
CA ARG A 320 -7.14 -20.12 35.79
C ARG A 320 -8.39 -20.38 36.63
N ASP A 321 -9.50 -20.68 35.96
CA ASP A 321 -10.77 -20.93 36.64
C ASP A 321 -10.71 -22.11 37.62
N VAL A 322 -9.99 -23.16 37.23
CA VAL A 322 -9.78 -24.33 38.08
C VAL A 322 -8.97 -23.95 39.32
N VAL A 323 -7.91 -23.18 39.11
CA VAL A 323 -7.05 -22.78 40.21
C VAL A 323 -7.80 -21.81 41.13
N SER A 324 -8.44 -20.80 40.54
CA SER A 324 -9.21 -19.80 41.31
C SER A 324 -10.27 -20.43 42.22
N ARG A 325 -10.97 -21.44 41.70
CA ARG A 325 -11.94 -22.17 42.52
C ARG A 325 -11.23 -22.94 43.63
N ALA A 326 -10.21 -23.71 43.25
CA ALA A 326 -9.37 -24.41 44.21
C ALA A 326 -9.02 -23.51 45.42
N GLU A 327 -8.49 -22.33 45.13
CA GLU A 327 -8.20 -21.34 46.18
C GLU A 327 -9.47 -20.98 46.93
N THR A 328 -10.53 -20.66 46.19
CA THR A 328 -11.76 -20.21 46.83
C THR A 328 -12.38 -21.28 47.74
N ILE A 329 -12.04 -22.56 47.51
CA ILE A 329 -12.49 -23.65 48.39
C ILE A 329 -11.68 -23.69 49.67
N GLU A 330 -10.37 -23.89 49.53
CA GLU A 330 -9.45 -23.88 50.66
C GLU A 330 -9.76 -22.75 51.64
N ILE A 331 -10.20 -21.60 51.14
CA ILE A 331 -10.63 -20.47 51.99
C ILE A 331 -11.90 -20.84 52.74
N MET A 332 -12.91 -21.31 52.01
CA MET A 332 -14.21 -21.71 52.57
C MET A 332 -14.13 -22.89 53.53
N GLU A 333 -13.13 -23.75 53.32
CA GLU A 333 -12.90 -24.90 54.19
C GLU A 333 -11.90 -24.60 55.32
N GLY A 334 -11.64 -23.32 55.58
CA GLY A 334 -10.83 -22.92 56.73
C GLY A 334 -9.36 -23.28 56.65
N ARG A 335 -8.82 -23.41 55.45
CA ARG A 335 -7.39 -23.62 55.26
C ARG A 335 -6.77 -22.41 54.55
N GLY A 336 -7.44 -21.27 54.68
CA GLY A 336 -6.89 -20.01 54.20
C GLY A 336 -5.80 -19.54 55.13
N VAL A 337 -4.87 -18.76 54.59
CA VAL A 337 -3.69 -18.31 55.31
C VAL A 337 -3.89 -16.89 55.86
N GLY A 338 -3.04 -16.51 56.82
CA GLY A 338 -3.05 -15.15 57.37
C GLY A 338 -3.98 -14.89 58.56
N PRO A 339 -3.96 -13.65 59.09
CA PRO A 339 -4.75 -13.27 60.27
C PRO A 339 -6.22 -13.69 60.20
N GLU A 340 -6.88 -13.40 59.09
CA GLU A 340 -8.29 -13.76 58.91
C GLU A 340 -8.48 -15.18 58.36
N LYS A 341 -7.38 -15.85 58.01
CA LYS A 341 -7.42 -17.13 57.30
C LYS A 341 -8.22 -17.01 56.01
N ASP A 342 -8.07 -15.87 55.31
CA ASP A 342 -8.93 -15.51 54.18
C ASP A 342 -8.20 -15.21 52.87
N HIS A 343 -6.94 -15.58 52.77
CA HIS A 343 -6.29 -15.60 51.46
C HIS A 343 -5.34 -16.79 51.35
N ILE A 344 -4.44 -16.78 50.37
CA ILE A 344 -3.53 -17.90 50.10
C ILE A 344 -2.10 -17.37 49.92
N TYR A 345 -1.11 -18.23 50.06
CA TYR A 345 0.27 -17.85 49.74
C TYR A 345 0.69 -18.39 48.37
N LEU A 346 1.39 -17.54 47.62
CA LEU A 346 2.17 -17.95 46.46
C LEU A 346 3.60 -18.03 46.95
N GLN A 347 4.24 -19.18 46.78
CA GLN A 347 5.60 -19.35 47.28
C GLN A 347 6.62 -19.28 46.15
N LEU A 348 7.55 -18.34 46.27
CA LEU A 348 8.59 -18.12 45.26
C LEU A 348 10.02 -18.24 45.79
N HIS A 349 10.19 -18.25 47.12
CA HIS A 349 11.52 -18.20 47.74
C HIS A 349 12.35 -19.50 47.65
N HIS A 350 11.74 -20.59 47.18
CA HIS A 350 12.48 -21.81 46.89
C HIS A 350 13.26 -21.77 45.57
N LEU A 351 12.95 -20.82 44.69
CA LEU A 351 13.68 -20.63 43.43
C LEU A 351 15.02 -19.94 43.71
N PRO A 352 15.97 -20.06 42.76
CA PRO A 352 17.19 -19.22 42.77
C PRO A 352 16.90 -17.71 42.78
N ALA A 353 17.79 -16.93 43.39
CA ALA A 353 17.65 -15.47 43.35
C ALA A 353 17.98 -14.93 41.96
N GLU A 354 18.95 -15.55 41.28
CA GLU A 354 19.31 -15.15 39.90
C GLU A 354 18.09 -15.17 38.99
N GLN A 355 17.28 -16.22 39.12
CA GLN A 355 16.12 -16.44 38.25
C GLN A 355 14.96 -15.49 38.57
N LEU A 356 14.83 -15.10 39.84
CA LEU A 356 13.82 -14.11 40.28
C LEU A 356 14.10 -12.69 39.77
N HIS A 357 15.38 -12.38 39.54
CA HIS A 357 15.77 -11.11 38.96
C HIS A 357 15.60 -11.16 37.44
N GLN A 358 16.03 -12.27 36.83
CA GLN A 358 16.09 -12.36 35.37
C GLN A 358 14.74 -12.60 34.72
N ARG A 359 13.86 -13.32 35.40
CA ARG A 359 12.52 -13.64 34.88
C ARG A 359 11.37 -12.84 35.49
N LEU A 360 11.45 -12.51 36.78
CA LEU A 360 10.37 -11.79 37.48
C LEU A 360 10.85 -10.56 38.25
N PRO A 361 11.56 -9.63 37.57
CA PRO A 361 11.99 -8.42 38.27
C PRO A 361 10.81 -7.53 38.65
N GLY A 362 9.81 -7.46 37.78
CA GLY A 362 8.67 -6.56 37.99
C GLY A 362 7.89 -6.86 39.26
N ILE A 363 7.37 -8.07 39.36
CA ILE A 363 6.62 -8.49 40.54
C ILE A 363 7.51 -8.64 41.79
N SER A 364 8.79 -8.99 41.62
CA SER A 364 9.71 -8.95 42.74
C SER A 364 9.54 -7.59 43.40
N GLU A 365 9.56 -6.54 42.57
CA GLU A 365 9.41 -5.17 43.04
C GLU A 365 8.01 -4.89 43.57
N THR A 366 6.97 -5.30 42.83
CA THR A 366 5.58 -4.98 43.19
C THR A 366 5.20 -5.55 44.55
N ALA A 367 5.58 -6.80 44.79
CA ALA A 367 5.37 -7.46 46.08
C ALA A 367 6.07 -6.71 47.22
N LYS A 368 7.28 -6.23 46.93
CA LYS A 368 8.03 -5.38 47.86
C LYS A 368 7.24 -4.10 48.24
N ILE A 369 6.65 -3.43 47.24
CA ILE A 369 6.02 -2.13 47.44
C ILE A 369 4.70 -2.24 48.19
N PHE A 370 3.87 -3.22 47.81
CA PHE A 370 2.47 -3.27 48.25
C PHE A 370 2.21 -4.24 49.40
N ALA A 371 2.92 -5.36 49.39
CA ALA A 371 2.75 -6.38 50.41
C ALA A 371 3.87 -6.33 51.45
N GLY A 372 4.91 -5.55 51.19
CA GLY A 372 6.08 -5.50 52.07
C GLY A 372 6.81 -6.83 52.17
N VAL A 373 7.07 -7.44 51.02
CA VAL A 373 7.59 -8.80 50.94
C VAL A 373 8.87 -8.86 50.12
N ASP A 374 9.88 -9.55 50.63
CA ASP A 374 11.02 -9.95 49.83
C ASP A 374 10.68 -11.31 49.25
N VAL A 375 10.39 -11.36 47.94
CA VAL A 375 9.91 -12.61 47.30
C VAL A 375 10.91 -13.76 47.36
N THR A 376 12.19 -13.42 47.56
CA THR A 376 13.27 -14.42 47.75
C THR A 376 13.32 -15.00 49.16
N LYS A 377 12.50 -14.49 50.08
CA LYS A 377 12.54 -14.91 51.49
C LYS A 377 11.17 -15.22 52.14
N GLU A 378 10.09 -14.61 51.65
CA GLU A 378 8.73 -14.89 52.15
C GLU A 378 7.75 -15.19 51.02
N PRO A 379 6.54 -15.67 51.37
CA PRO A 379 5.51 -15.77 50.36
C PRO A 379 4.68 -14.50 50.26
N ILE A 380 4.03 -14.34 49.11
CA ILE A 380 3.16 -13.21 48.80
C ILE A 380 1.73 -13.64 49.10
N PRO A 381 0.95 -12.78 49.79
CA PRO A 381 -0.45 -13.12 50.01
C PRO A 381 -1.25 -12.83 48.77
N VAL A 382 -1.97 -13.83 48.25
CA VAL A 382 -2.71 -13.70 46.99
C VAL A 382 -4.14 -14.22 47.11
N ILE A 383 -5.04 -13.74 46.25
CA ILE A 383 -6.44 -14.17 46.25
C ILE A 383 -7.10 -13.93 44.89
N PRO A 384 -7.87 -14.91 44.40
CA PRO A 384 -8.59 -14.78 43.13
C PRO A 384 -9.19 -13.40 42.92
N THR A 385 -8.99 -12.87 41.72
CA THR A 385 -9.28 -11.47 41.45
C THR A 385 -9.77 -11.29 40.02
N VAL A 386 -10.80 -10.47 39.84
CA VAL A 386 -11.36 -10.16 38.51
C VAL A 386 -10.27 -9.63 37.56
N HIS A 387 -10.32 -10.01 36.28
CA HIS A 387 -9.15 -9.83 35.40
C HIS A 387 -9.47 -9.62 33.92
N TYR A 388 -10.23 -10.53 33.31
CA TYR A 388 -10.52 -10.44 31.87
C TYR A 388 -12.03 -10.61 31.58
N ASN A 389 -12.45 -10.14 30.41
CA ASN A 389 -13.81 -10.28 29.94
C ASN A 389 -13.87 -10.98 28.59
N MET A 390 -14.16 -12.28 28.58
CA MET A 390 -14.31 -13.01 27.30
C MET A 390 -15.59 -12.61 26.58
N GLY A 391 -16.54 -12.11 27.35
CA GLY A 391 -17.66 -11.41 26.77
C GLY A 391 -17.24 -10.14 26.04
N GLY A 392 -18.22 -9.55 25.36
CA GLY A 392 -17.99 -8.36 24.58
C GLY A 392 -18.90 -8.24 23.39
N ILE A 393 -18.44 -7.49 22.40
CA ILE A 393 -19.22 -7.20 21.21
C ILE A 393 -19.11 -8.37 20.25
N PRO A 394 -20.22 -9.04 19.94
CA PRO A 394 -20.11 -10.21 19.08
C PRO A 394 -19.70 -9.83 17.65
N THR A 395 -18.79 -10.61 17.07
CA THR A 395 -18.23 -10.36 15.73
C THR A 395 -18.24 -11.67 14.93
N ASN A 396 -17.62 -11.66 13.76
CA ASN A 396 -17.30 -12.90 13.05
C ASN A 396 -15.80 -13.13 13.14
N TYR A 397 -15.29 -14.14 12.43
CA TYR A 397 -13.85 -14.40 12.41
C TYR A 397 -13.08 -13.28 11.75
N LYS A 398 -13.75 -12.51 10.89
CA LYS A 398 -13.13 -11.37 10.21
C LYS A 398 -13.16 -10.11 11.07
N ALA A 399 -13.84 -10.18 12.22
CA ALA A 399 -13.90 -9.09 13.21
C ALA A 399 -15.00 -8.08 12.92
N GLN A 400 -15.91 -8.42 12.03
CA GLN A 400 -17.07 -7.55 11.71
C GLN A 400 -18.19 -7.73 12.75
N VAL A 401 -18.47 -6.69 13.50
CA VAL A 401 -19.52 -6.76 14.51
C VAL A 401 -20.82 -7.27 13.90
N ILE A 402 -21.53 -8.12 14.65
CA ILE A 402 -22.73 -8.81 14.13
C ILE A 402 -24.00 -8.57 14.96
N LYS A 403 -25.12 -8.93 14.35
CA LYS A 403 -26.40 -9.04 15.03
C LYS A 403 -26.95 -10.45 14.79
N TYR A 404 -27.85 -10.88 15.65
CA TYR A 404 -28.39 -12.23 15.58
C TYR A 404 -29.86 -12.29 15.91
N THR A 405 -30.62 -12.90 15.00
CA THR A 405 -31.96 -13.35 15.28
C THR A 405 -32.05 -14.85 14.97
N LYS A 406 -33.02 -15.50 15.61
CA LYS A 406 -33.31 -16.92 15.43
C LYS A 406 -33.42 -17.31 13.96
N GLU A 407 -34.11 -16.47 13.18
CA GLU A 407 -34.48 -16.77 11.77
C GLU A 407 -33.43 -16.32 10.76
N GLY A 408 -33.01 -15.07 10.85
CA GLY A 408 -32.03 -14.49 9.93
C GLY A 408 -30.60 -14.98 10.16
N GLY A 409 -30.23 -15.11 11.44
CA GLY A 409 -28.93 -15.66 11.84
C GLY A 409 -27.88 -14.58 12.01
N ASP A 410 -26.65 -14.89 11.59
CA ASP A 410 -25.54 -13.94 11.64
C ASP A 410 -25.79 -12.81 10.63
N LYS A 411 -25.98 -11.59 11.13
CA LYS A 411 -26.16 -10.40 10.30
C LYS A 411 -25.12 -9.34 10.66
N ILE A 412 -24.14 -9.10 9.79
CA ILE A 412 -23.05 -8.16 10.11
C ILE A 412 -23.60 -6.74 10.23
N VAL A 413 -22.91 -5.88 10.96
CA VAL A 413 -23.26 -4.47 11.05
C VAL A 413 -22.27 -3.71 10.17
N PRO A 414 -22.73 -3.22 9.01
CA PRO A 414 -21.79 -2.63 8.04
C PRO A 414 -21.02 -1.43 8.58
N GLY A 415 -19.73 -1.38 8.26
CA GLY A 415 -18.87 -0.31 8.72
C GLY A 415 -18.24 -0.54 10.09
N LEU A 416 -18.86 -1.40 10.91
CA LEU A 416 -18.37 -1.66 12.27
C LEU A 416 -17.49 -2.91 12.41
N TYR A 417 -16.35 -2.75 13.07
CA TYR A 417 -15.50 -3.87 13.46
C TYR A 417 -15.16 -3.65 14.94
N ALA A 418 -14.68 -4.69 15.61
CA ALA A 418 -14.18 -4.57 16.98
C ALA A 418 -13.21 -5.69 17.28
N CYS A 419 -12.22 -5.41 18.12
CA CYS A 419 -11.19 -6.40 18.48
C CYS A 419 -10.61 -6.19 19.89
N GLY A 420 -10.05 -7.26 20.47
CA GLY A 420 -9.51 -7.23 21.82
C GLY A 420 -10.54 -7.43 22.93
N GLU A 421 -10.09 -7.35 24.19
CA GLU A 421 -10.93 -7.56 25.37
C GLU A 421 -12.38 -7.12 25.17
N CYS A 422 -12.57 -5.99 24.50
CA CYS A 422 -13.92 -5.45 24.26
C CYS A 422 -14.75 -6.28 23.29
N ALA A 423 -14.10 -7.17 22.54
CA ALA A 423 -14.76 -8.04 21.54
C ALA A 423 -15.13 -9.46 22.04
N CYS A 424 -15.87 -10.19 21.20
CA CYS A 424 -16.19 -11.59 21.46
C CYS A 424 -16.20 -12.37 20.15
N HIS A 425 -15.01 -12.73 19.68
CA HIS A 425 -14.85 -13.25 18.33
C HIS A 425 -15.56 -14.56 17.95
N SER A 426 -15.67 -15.58 18.81
CA SER A 426 -15.20 -15.63 20.22
C SER A 426 -14.11 -16.69 20.39
N VAL A 427 -12.89 -16.26 20.72
CA VAL A 427 -11.74 -17.19 20.77
C VAL A 427 -11.40 -17.76 22.15
N HIS A 428 -12.07 -17.27 23.19
CA HIS A 428 -11.79 -17.69 24.54
C HIS A 428 -12.98 -18.46 25.16
N GLY A 429 -14.10 -18.51 24.45
CA GLY A 429 -15.29 -19.16 24.96
C GLY A 429 -15.58 -18.79 26.39
N ALA A 430 -15.38 -19.73 27.30
CA ALA A 430 -15.78 -19.58 28.70
C ALA A 430 -14.59 -19.43 29.64
N ASN A 431 -13.38 -19.48 29.08
CA ASN A 431 -12.18 -19.35 29.88
C ASN A 431 -10.97 -18.97 29.03
N ARG A 432 -10.41 -17.79 29.30
CA ARG A 432 -9.24 -17.30 28.56
C ARG A 432 -8.01 -18.14 28.92
N LEU A 433 -7.27 -18.54 27.89
CA LEU A 433 -5.99 -19.17 28.08
C LEU A 433 -4.97 -18.09 28.40
N GLY A 434 -4.04 -18.38 29.29
CA GLY A 434 -3.06 -17.37 29.70
C GLY A 434 -2.19 -17.04 28.52
N ALA A 435 -1.92 -15.75 28.33
CA ALA A 435 -1.07 -15.25 27.23
C ALA A 435 -1.73 -15.31 25.85
N ASN A 436 -3.07 -15.28 25.84
CA ASN A 436 -3.85 -15.31 24.60
C ASN A 436 -4.55 -14.00 24.30
N SER A 437 -4.53 -13.05 25.23
CA SER A 437 -5.17 -11.76 24.95
C SER A 437 -4.28 -10.83 24.13
N LEU A 438 -3.00 -10.73 24.51
CA LEU A 438 -2.05 -9.96 23.71
C LEU A 438 -1.97 -10.52 22.31
N LEU A 439 -2.27 -11.80 22.15
CA LEU A 439 -2.24 -12.42 20.87
C LEU A 439 -3.51 -12.01 20.12
N ASP A 440 -4.66 -12.34 20.70
CA ASP A 440 -5.96 -11.89 20.21
C ASP A 440 -5.89 -10.42 19.76
N ALA A 441 -5.24 -9.56 20.54
CA ALA A 441 -5.15 -8.13 20.20
C ALA A 441 -4.35 -7.87 18.92
N VAL A 442 -3.18 -8.50 18.80
CA VAL A 442 -2.30 -8.27 17.67
C VAL A 442 -2.78 -9.01 16.42
N VAL A 443 -3.32 -10.21 16.60
CA VAL A 443 -3.84 -10.96 15.47
C VAL A 443 -5.09 -10.32 14.86
N PHE A 444 -6.12 -10.12 15.68
CA PHE A 444 -7.39 -9.61 15.21
C PHE A 444 -7.39 -8.11 15.01
N GLY A 445 -6.40 -7.43 15.58
CA GLY A 445 -6.16 -6.04 15.27
C GLY A 445 -5.68 -5.97 13.84
N ARG A 446 -4.68 -6.77 13.52
CA ARG A 446 -4.17 -6.86 12.15
C ARG A 446 -5.27 -7.38 11.23
N ALA A 447 -6.09 -8.29 11.73
CA ALA A 447 -7.18 -8.84 10.94
C ALA A 447 -8.20 -7.78 10.55
N CYS A 448 -8.43 -6.78 11.41
CA CYS A 448 -9.34 -5.67 11.06
C CYS A 448 -8.76 -4.86 9.91
N SER A 449 -7.46 -4.59 9.95
CA SER A 449 -6.80 -3.82 8.91
C SER A 449 -6.82 -4.57 7.58
N ILE A 450 -6.40 -5.84 7.61
CA ILE A 450 -6.46 -6.69 6.40
C ILE A 450 -7.90 -6.83 5.88
N ASN A 451 -8.85 -7.11 6.77
CA ASN A 451 -10.24 -7.29 6.37
C ASN A 451 -10.96 -5.99 6.01
N ILE A 452 -10.24 -4.87 6.05
CA ILE A 452 -10.76 -3.59 5.59
C ILE A 452 -10.06 -3.12 4.33
N LYS A 453 -8.74 -3.33 4.26
CA LYS A 453 -7.99 -3.09 3.02
C LYS A 453 -8.65 -3.77 1.82
N GLU A 454 -9.46 -4.81 2.07
CA GLU A 454 -9.99 -5.65 0.99
C GLU A 454 -11.49 -5.61 0.75
N GLU A 455 -12.28 -5.11 1.69
CA GLU A 455 -13.71 -4.90 1.40
C GLU A 455 -14.00 -3.44 1.09
N LEU A 456 -13.13 -2.54 1.56
CA LEU A 456 -13.22 -1.11 1.28
C LEU A 456 -12.35 -0.80 0.06
N LYS A 457 -12.94 -0.20 -0.97
CA LYS A 457 -12.26 0.11 -2.23
C LYS A 457 -12.43 1.60 -2.55
N PRO A 458 -11.44 2.20 -3.23
CA PRO A 458 -11.33 3.68 -3.30
C PRO A 458 -12.48 4.38 -4.03
N ASP A 459 -13.40 3.60 -4.60
CA ASP A 459 -14.66 4.10 -5.15
C ASP A 459 -15.56 4.64 -4.04
N GLU A 460 -15.80 3.83 -3.02
CA GLU A 460 -16.66 4.18 -1.89
C GLU A 460 -16.18 5.49 -1.23
N LYS A 461 -17.01 6.53 -1.25
CA LYS A 461 -16.66 7.80 -0.61
C LYS A 461 -17.13 7.83 0.86
N ILE A 462 -16.64 8.81 1.61
CA ILE A 462 -16.92 8.91 3.06
C ILE A 462 -18.35 9.32 3.34
N PRO A 463 -19.11 8.51 4.11
CA PRO A 463 -20.52 8.82 4.35
C PRO A 463 -20.77 10.20 4.93
N GLU A 464 -21.91 10.80 4.55
CA GLU A 464 -22.40 12.05 5.13
C GLU A 464 -23.21 11.73 6.39
N LEU A 465 -23.24 12.65 7.35
CA LEU A 465 -23.98 12.41 8.58
C LEU A 465 -25.47 12.73 8.44
N PRO A 466 -26.35 11.83 8.92
CA PRO A 466 -27.73 12.25 9.12
C PRO A 466 -27.81 13.52 9.98
N GLU A 467 -28.76 14.40 9.66
CA GLU A 467 -29.03 15.58 10.51
C GLU A 467 -29.41 15.09 11.90
N GLY A 468 -29.10 15.91 12.91
CA GLY A 468 -29.35 15.55 14.31
C GLY A 468 -28.45 14.44 14.83
N ALA A 469 -27.35 14.17 14.11
CA ALA A 469 -26.42 13.10 14.49
C ALA A 469 -25.60 13.47 15.73
N GLY A 470 -25.69 12.62 16.75
CA GLY A 470 -24.99 12.85 18.00
C GLY A 470 -25.68 13.84 18.90
N GLU A 471 -26.84 14.33 18.49
CA GLU A 471 -27.51 15.36 19.27
C GLU A 471 -27.89 14.84 20.66
N GLU A 472 -28.30 13.56 20.73
CA GLU A 472 -28.76 12.98 21.99
C GLU A 472 -27.61 12.57 22.91
N SER A 473 -26.46 12.24 22.33
CA SER A 473 -25.24 12.03 23.10
C SER A 473 -24.94 13.31 23.87
N ILE A 474 -25.05 14.44 23.19
CA ILE A 474 -24.79 15.75 23.77
C ILE A 474 -25.82 16.09 24.85
N ALA A 475 -27.08 15.73 24.57
CA ALA A 475 -28.16 15.91 25.54
C ALA A 475 -27.85 15.14 26.80
N ASN A 476 -27.34 13.92 26.65
CA ASN A 476 -26.98 13.12 27.81
C ASN A 476 -25.83 13.72 28.58
N LEU A 477 -24.81 14.14 27.84
CA LEU A 477 -23.62 14.79 28.41
C LEU A 477 -24.01 15.94 29.35
N ASP A 478 -24.83 16.84 28.81
CA ASP A 478 -25.31 18.06 29.49
C ASP A 478 -26.11 17.74 30.74
N ALA A 479 -26.95 16.72 30.62
CA ALA A 479 -27.81 16.31 31.72
C ALA A 479 -26.99 15.77 32.88
N VAL A 480 -25.91 15.07 32.55
CA VAL A 480 -25.00 14.48 33.55
C VAL A 480 -24.10 15.55 34.13
N ARG A 481 -23.67 16.45 33.28
CA ARG A 481 -22.76 17.48 33.69
C ARG A 481 -23.41 18.37 34.71
N TYR A 482 -24.65 18.73 34.49
CA TYR A 482 -25.34 19.69 35.33
C TYR A 482 -26.16 19.05 36.39
N ALA A 483 -26.19 17.74 36.39
CA ALA A 483 -27.19 17.03 37.12
C ALA A 483 -27.08 17.42 38.56
N ASN A 484 -28.22 17.56 39.22
CA ASN A 484 -28.27 17.74 40.66
C ASN A 484 -29.25 16.80 41.33
N GLY A 485 -28.83 15.55 41.46
CA GLY A 485 -29.61 14.56 42.15
C GLY A 485 -29.22 14.63 43.59
N ASP A 486 -29.51 13.58 44.32
CA ASP A 486 -29.19 13.49 45.74
C ASP A 486 -28.28 12.32 46.10
N VAL A 487 -27.76 11.60 45.11
CA VAL A 487 -26.69 10.62 45.34
C VAL A 487 -25.48 10.89 44.44
N PRO A 488 -24.31 11.10 45.07
CA PRO A 488 -23.07 11.41 44.38
C PRO A 488 -22.52 10.24 43.57
N THR A 489 -21.74 10.58 42.56
CA THR A 489 -21.34 9.64 41.54
C THR A 489 -20.39 8.56 42.07
N ALA A 490 -19.70 8.83 43.17
CA ALA A 490 -18.82 7.84 43.79
C ALA A 490 -19.59 6.77 44.56
N GLU A 491 -20.64 7.17 45.29
CA GLU A 491 -21.40 6.27 46.16
C GLU A 491 -22.19 5.21 45.39
N LEU A 492 -22.86 5.65 44.34
CA LEU A 492 -23.63 4.77 43.48
C LEU A 492 -22.71 3.72 42.83
N ARG A 493 -21.54 4.15 42.39
CA ARG A 493 -20.51 3.22 41.91
C ARG A 493 -20.06 2.25 43.01
N LEU A 494 -19.55 2.76 44.11
CA LEU A 494 -19.06 1.94 45.23
C LEU A 494 -19.95 0.73 45.59
N THR A 495 -21.29 0.88 45.49
CA THR A 495 -22.18 -0.26 45.76
C THR A 495 -22.36 -1.13 44.52
N MET A 496 -22.49 -0.53 43.34
CA MET A 496 -22.54 -1.34 42.12
C MET A 496 -21.38 -2.36 42.16
N GLN A 497 -20.19 -1.86 42.46
CA GLN A 497 -19.01 -2.70 42.59
C GLN A 497 -19.17 -3.73 43.72
N LYS A 498 -19.72 -3.30 44.84
CA LYS A 498 -19.88 -4.18 46.01
C LYS A 498 -20.93 -5.27 45.78
N THR A 499 -22.05 -4.88 45.17
CA THR A 499 -23.09 -5.82 44.77
C THR A 499 -22.52 -6.91 43.85
N MET A 500 -21.64 -6.52 42.94
CA MET A 500 -21.09 -7.45 41.98
C MET A 500 -20.12 -8.45 42.60
N GLN A 501 -19.35 -7.97 43.56
CA GLN A 501 -18.38 -8.80 44.26
C GLN A 501 -19.08 -9.87 45.08
N LYS A 502 -20.28 -9.56 45.55
CA LYS A 502 -21.02 -10.41 46.45
C LYS A 502 -21.87 -11.43 45.70
N HIS A 503 -22.60 -10.95 44.70
CA HIS A 503 -23.62 -11.76 44.03
C HIS A 503 -23.13 -12.47 42.76
N ALA A 504 -22.13 -11.91 42.07
CA ALA A 504 -21.66 -12.46 40.78
C ALA A 504 -20.22 -13.00 40.81
N GLY A 505 -19.74 -13.41 41.99
CA GLY A 505 -18.36 -13.87 42.15
C GLY A 505 -18.05 -15.27 41.63
N VAL A 506 -17.03 -15.90 42.22
CA VAL A 506 -16.42 -17.13 41.69
C VAL A 506 -17.41 -18.28 41.70
N PHE A 507 -18.08 -18.49 42.83
CA PHE A 507 -19.17 -19.45 42.95
C PHE A 507 -20.47 -18.69 43.10
N ARG A 508 -21.49 -19.10 42.34
CA ARG A 508 -22.76 -18.36 42.27
C ARG A 508 -23.93 -19.30 42.48
N ARG A 509 -24.99 -18.79 43.09
CA ARG A 509 -26.21 -19.58 43.34
C ARG A 509 -27.43 -18.82 42.85
N GLY A 510 -28.42 -19.56 42.34
CA GLY A 510 -29.58 -18.97 41.67
C GLY A 510 -30.36 -17.94 42.47
N ASP A 511 -30.40 -18.12 43.79
CA ASP A 511 -31.10 -17.19 44.69
C ASP A 511 -30.29 -15.93 44.96
N ILE A 512 -28.98 -16.11 45.18
CA ILE A 512 -28.05 -15.00 45.36
C ILE A 512 -28.06 -14.13 44.10
N LEU A 513 -27.83 -14.75 42.94
CA LEU A 513 -27.94 -14.04 41.67
C LEU A 513 -29.28 -13.32 41.50
N ALA A 514 -30.37 -14.00 41.82
CA ALA A 514 -31.71 -13.42 41.68
C ALA A 514 -31.83 -12.12 42.47
N GLU A 515 -31.35 -12.15 43.71
CA GLU A 515 -31.30 -10.96 44.55
C GLU A 515 -30.35 -9.93 43.94
N GLY A 516 -29.22 -10.42 43.44
CA GLY A 516 -28.26 -9.61 42.69
C GLY A 516 -28.94 -8.82 41.58
N VAL A 517 -29.60 -9.51 40.66
CA VAL A 517 -30.32 -8.82 39.58
C VAL A 517 -31.28 -7.77 40.15
N LYS A 518 -31.94 -8.13 41.24
CA LYS A 518 -32.92 -7.24 41.87
C LYS A 518 -32.20 -5.97 42.33
N LYS A 519 -31.23 -6.15 43.23
CA LYS A 519 -30.47 -5.02 43.76
C LYS A 519 -29.86 -4.20 42.63
N MET A 520 -29.32 -4.89 41.62
CA MET A 520 -28.70 -4.22 40.49
C MET A 520 -29.68 -3.38 39.69
N MET A 521 -30.89 -3.88 39.48
CA MET A 521 -31.86 -3.15 38.69
C MET A 521 -32.36 -1.92 39.41
N ASP A 522 -32.29 -1.93 40.74
CA ASP A 522 -32.62 -0.73 41.53
C ASP A 522 -31.57 0.37 41.40
N LEU A 523 -30.30 -0.02 41.31
CA LEU A 523 -29.22 0.95 41.15
C LEU A 523 -29.23 1.57 39.76
N PHE A 524 -29.84 0.87 38.80
CA PHE A 524 -30.03 1.46 37.47
C PHE A 524 -31.06 2.61 37.47
N LYS A 525 -31.96 2.60 38.45
CA LYS A 525 -32.96 3.65 38.61
C LYS A 525 -32.41 4.85 39.37
N GLU A 526 -31.50 4.61 40.31
CA GLU A 526 -30.86 5.70 41.05
C GLU A 526 -30.05 6.63 40.13
N LEU A 527 -29.64 6.13 38.96
CA LEU A 527 -28.97 6.94 37.92
C LEU A 527 -29.71 8.23 37.52
N LYS A 528 -31.02 8.32 37.72
CA LYS A 528 -31.75 9.59 37.55
C LYS A 528 -31.47 10.54 38.74
N ARG A 529 -31.36 9.98 39.95
CA ARG A 529 -31.03 10.76 41.14
C ARG A 529 -29.50 11.04 41.30
N LEU A 530 -28.81 11.29 40.20
CA LEU A 530 -27.34 11.40 40.24
C LEU A 530 -26.91 12.84 40.56
N LYS A 531 -25.81 12.97 41.29
CA LYS A 531 -25.28 14.27 41.72
C LYS A 531 -23.84 14.47 41.26
N THR A 532 -23.62 15.48 40.42
CA THR A 532 -22.27 15.90 40.08
C THR A 532 -22.03 17.32 40.62
N THR A 533 -20.75 17.68 40.77
CA THR A 533 -20.38 18.98 41.29
C THR A 533 -19.66 19.81 40.23
N ASP A 534 -18.57 19.28 39.69
CA ASP A 534 -17.75 20.01 38.71
C ASP A 534 -18.58 20.30 37.48
N ARG A 535 -18.77 21.59 37.16
CA ARG A 535 -19.63 21.99 36.04
C ARG A 535 -18.87 22.22 34.74
N SER A 536 -17.55 22.19 34.79
CA SER A 536 -16.71 22.60 33.65
C SER A 536 -16.71 21.61 32.49
N LEU A 537 -16.44 22.14 31.29
CA LEU A 537 -16.20 21.30 30.12
C LEU A 537 -14.74 20.84 30.08
N ILE A 538 -13.86 21.74 30.53
CA ILE A 538 -12.42 21.53 30.40
C ILE A 538 -11.90 20.62 31.50
N TRP A 539 -11.40 19.47 31.03
CA TRP A 539 -10.77 18.40 31.82
C TRP A 539 -11.57 18.12 33.08
N ASN A 540 -12.80 17.75 32.87
CA ASN A 540 -13.65 17.48 33.99
C ASN A 540 -13.65 16.00 34.26
N SER A 541 -12.83 15.59 35.22
CA SER A 541 -12.71 14.17 35.54
C SER A 541 -13.82 13.72 36.48
N ASP A 542 -14.65 14.65 36.95
CA ASP A 542 -15.86 14.29 37.69
C ASP A 542 -16.95 13.85 36.71
N LEU A 543 -17.12 14.65 35.66
CA LEU A 543 -18.08 14.37 34.60
C LEU A 543 -17.75 13.06 33.83
N THR A 544 -16.47 12.83 33.54
CA THR A 544 -16.10 11.67 32.74
C THR A 544 -16.15 10.38 33.53
N GLU A 545 -15.88 10.44 34.82
CA GLU A 545 -16.04 9.27 35.70
C GLU A 545 -17.52 8.95 35.94
N SER A 546 -18.41 9.88 35.57
CA SER A 546 -19.85 9.66 35.66
C SER A 546 -20.39 9.08 34.35
N LEU A 547 -19.78 9.42 33.22
CA LEU A 547 -20.09 8.73 31.96
C LEU A 547 -19.61 7.28 32.02
N GLU A 548 -18.51 7.06 32.74
CA GLU A 548 -17.98 5.72 32.94
C GLU A 548 -18.99 4.93 33.75
N LEU A 549 -19.61 5.56 34.75
CA LEU A 549 -20.56 4.88 35.62
C LEU A 549 -21.87 4.47 34.95
N GLN A 550 -22.34 5.22 33.96
CA GLN A 550 -23.46 4.77 33.12
C GLN A 550 -22.97 3.57 32.32
N ASN A 551 -21.78 3.71 31.75
CA ASN A 551 -21.25 2.67 30.90
C ASN A 551 -21.04 1.38 31.67
N LEU A 552 -20.60 1.49 32.93
CA LEU A 552 -20.48 0.31 33.79
C LEU A 552 -21.83 -0.31 34.09
N MET A 553 -22.79 0.51 34.52
CA MET A 553 -24.15 0.02 34.82
C MET A 553 -24.78 -0.78 33.66
N LEU A 554 -24.60 -0.31 32.43
CA LEU A 554 -25.06 -1.08 31.28
C LEU A 554 -24.39 -2.46 31.30
N ASN A 555 -23.07 -2.47 31.37
CA ASN A 555 -22.29 -3.70 31.32
C ASN A 555 -22.54 -4.58 32.51
N ALA A 556 -22.74 -3.97 33.67
CA ALA A 556 -22.90 -4.70 34.90
C ALA A 556 -24.23 -5.43 34.94
N THR A 557 -25.31 -4.71 34.67
CA THR A 557 -26.65 -5.30 34.74
C THR A 557 -26.78 -6.44 33.77
N GLN A 558 -26.27 -6.27 32.56
CA GLN A 558 -26.29 -7.33 31.55
C GLN A 558 -25.47 -8.54 32.00
N THR A 559 -24.37 -8.30 32.70
CA THR A 559 -23.50 -9.39 33.14
C THR A 559 -24.22 -10.27 34.15
N ILE A 560 -24.97 -9.66 35.06
CA ILE A 560 -25.55 -10.42 36.18
C ILE A 560 -26.83 -11.16 35.80
N VAL A 561 -27.64 -10.60 34.90
CA VAL A 561 -28.85 -11.32 34.43
C VAL A 561 -28.45 -12.48 33.53
N ALA A 562 -27.51 -12.25 32.62
CA ALA A 562 -27.00 -13.29 31.73
C ALA A 562 -26.45 -14.47 32.52
N ALA A 563 -25.89 -14.15 33.68
CA ALA A 563 -25.32 -15.12 34.61
C ALA A 563 -26.40 -15.83 35.41
N GLU A 564 -27.39 -15.06 35.86
CA GLU A 564 -28.47 -15.62 36.67
C GLU A 564 -29.30 -16.63 35.88
N ASN A 565 -29.29 -16.49 34.56
CA ASN A 565 -30.01 -17.39 33.65
C ASN A 565 -29.24 -18.65 33.21
N ARG A 566 -27.91 -18.61 33.26
CA ARG A 566 -27.06 -19.75 32.83
C ARG A 566 -27.04 -20.82 33.91
N LYS A 567 -27.87 -21.83 33.73
CA LYS A 567 -28.03 -22.90 34.72
C LYS A 567 -27.13 -24.09 34.38
N GLU A 568 -25.85 -23.80 34.22
CA GLU A 568 -24.85 -24.82 34.01
C GLU A 568 -23.56 -24.40 34.72
N SER A 569 -22.46 -25.10 34.45
CA SER A 569 -21.14 -24.75 34.99
C SER A 569 -20.08 -24.99 33.91
N ARG A 570 -19.61 -23.90 33.31
CA ARG A 570 -18.71 -23.98 32.17
C ARG A 570 -17.64 -22.91 32.29
N GLY A 571 -16.38 -23.33 32.19
CA GLY A 571 -15.22 -22.44 32.33
C GLY A 571 -15.23 -21.58 33.58
N ALA A 572 -15.12 -20.26 33.38
CA ALA A 572 -15.00 -19.32 34.48
C ALA A 572 -16.35 -18.92 35.04
N HIS A 573 -17.29 -19.86 35.02
CA HIS A 573 -18.62 -19.62 35.51
C HIS A 573 -19.07 -20.89 36.19
N ALA A 574 -19.22 -20.84 37.52
CA ALA A 574 -19.63 -22.01 38.28
C ALA A 574 -20.88 -21.70 39.09
N ARG A 575 -21.90 -22.53 38.91
CA ARG A 575 -23.10 -22.51 39.76
C ARG A 575 -23.00 -23.66 40.76
N ASP A 576 -23.10 -23.36 42.05
CA ASP A 576 -23.21 -24.41 43.07
C ASP A 576 -24.40 -25.31 42.77
N ASP A 577 -25.54 -24.68 42.52
CA ASP A 577 -26.78 -25.37 42.26
C ASP A 577 -26.93 -25.97 40.84
N PHE A 578 -25.94 -25.81 39.97
CA PHE A 578 -25.96 -26.46 38.66
C PHE A 578 -24.56 -26.85 38.23
N PRO A 579 -23.93 -27.74 38.99
CA PRO A 579 -22.51 -27.94 38.89
C PRO A 579 -22.01 -28.66 37.64
N LYS A 580 -22.89 -29.16 36.78
CA LYS A 580 -22.41 -29.93 35.64
C LYS A 580 -22.44 -29.14 34.35
N ARG A 581 -21.58 -29.53 33.41
CA ARG A 581 -21.53 -28.90 32.10
C ARG A 581 -22.59 -29.49 31.21
N GLU A 582 -23.53 -28.65 30.79
CA GLU A 582 -24.67 -29.07 29.97
C GLU A 582 -24.37 -28.83 28.48
N ASP A 583 -24.07 -29.91 27.75
CA ASP A 583 -23.79 -29.85 26.31
C ASP A 583 -24.89 -30.58 25.53
N GLU A 584 -24.74 -30.64 24.20
CA GLU A 584 -25.72 -31.32 23.32
C GLU A 584 -25.89 -32.78 23.75
N TYR A 585 -24.80 -33.53 23.72
CA TYR A 585 -24.78 -34.88 24.28
C TYR A 585 -24.21 -34.79 25.68
N ASP A 586 -24.08 -35.95 26.33
CA ASP A 586 -23.24 -36.08 27.51
C ASP A 586 -21.92 -36.62 27.00
N TYR A 587 -20.87 -35.81 27.07
CA TYR A 587 -19.57 -36.21 26.54
C TYR A 587 -18.74 -37.07 27.50
N SER A 588 -19.33 -37.46 28.63
CA SER A 588 -18.68 -38.35 29.62
C SER A 588 -18.79 -39.83 29.24
N LYS A 589 -19.91 -40.20 28.61
CA LYS A 589 -20.13 -41.55 28.07
C LYS A 589 -19.74 -41.55 26.59
N PRO A 590 -19.53 -42.74 25.98
CA PRO A 590 -19.30 -42.75 24.53
C PRO A 590 -20.51 -42.21 23.76
N ILE A 591 -20.27 -41.76 22.53
CA ILE A 591 -21.22 -40.88 21.84
C ILE A 591 -22.39 -41.67 21.24
N GLU A 592 -22.08 -42.53 20.27
CA GLU A 592 -23.12 -43.29 19.54
C GLU A 592 -24.01 -44.11 20.49
N GLY A 593 -25.30 -43.83 20.43
CA GLY A 593 -26.26 -44.39 21.37
C GLY A 593 -27.21 -43.35 21.92
N GLN A 594 -26.73 -42.11 22.05
CA GLN A 594 -27.55 -41.04 22.63
C GLN A 594 -28.37 -40.31 21.57
N THR A 595 -29.25 -39.45 22.04
CA THR A 595 -29.94 -38.52 21.15
C THR A 595 -29.54 -37.09 21.49
N LYS A 596 -29.17 -36.35 20.45
CA LYS A 596 -28.75 -34.97 20.59
C LYS A 596 -29.88 -34.13 21.17
N ARG A 597 -29.68 -33.64 22.40
CA ARG A 597 -30.65 -32.75 23.04
C ARG A 597 -30.96 -31.52 22.18
N PRO A 598 -32.19 -30.99 22.29
CA PRO A 598 -32.48 -29.80 21.50
C PRO A 598 -31.69 -28.56 21.99
N PHE A 599 -31.53 -27.59 21.10
CA PHE A 599 -30.82 -26.34 21.39
C PHE A 599 -31.38 -25.62 22.61
N GLU A 600 -32.69 -25.63 22.78
CA GLU A 600 -33.34 -24.95 23.91
C GLU A 600 -33.10 -25.61 25.26
N LYS A 601 -32.72 -26.90 25.25
CA LYS A 601 -32.54 -27.65 26.51
C LYS A 601 -31.12 -27.56 27.08
N HIS A 602 -30.11 -27.71 26.21
CA HIS A 602 -28.71 -27.64 26.66
C HIS A 602 -28.20 -26.19 26.70
N TRP A 603 -26.93 -26.02 27.06
CA TRP A 603 -26.35 -24.69 27.25
C TRP A 603 -25.07 -24.38 26.44
N ARG A 604 -24.57 -25.33 25.66
CA ARG A 604 -23.47 -25.05 24.72
C ARG A 604 -23.92 -24.07 23.63
N LYS A 605 -23.92 -22.80 24.00
CA LYS A 605 -24.38 -21.71 23.15
C LYS A 605 -24.00 -20.37 23.81
N HIS A 606 -23.86 -19.32 23.00
CA HIS A 606 -23.49 -17.99 23.50
C HIS A 606 -24.69 -17.21 24.05
N THR A 607 -24.60 -16.73 25.28
CA THR A 607 -25.62 -15.83 25.79
C THR A 607 -25.53 -14.49 25.04
N LEU A 608 -26.69 -13.94 24.66
CA LEU A 608 -26.77 -12.65 23.98
C LEU A 608 -27.70 -11.70 24.73
N THR A 609 -27.12 -10.82 25.55
CA THR A 609 -27.89 -9.77 26.20
C THR A 609 -28.13 -8.60 25.25
N LYS A 610 -29.35 -8.08 25.30
CA LYS A 610 -29.77 -6.91 24.55
C LYS A 610 -30.47 -6.04 25.57
N GLN A 611 -30.02 -4.79 25.73
CA GLN A 611 -30.54 -3.91 26.78
C GLN A 611 -31.09 -2.62 26.20
N ASP A 612 -32.12 -2.09 26.86
CA ASP A 612 -32.63 -0.76 26.52
C ASP A 612 -31.93 0.25 27.43
N PRO A 613 -31.11 1.13 26.84
CA PRO A 613 -30.25 2.03 27.61
C PRO A 613 -30.99 2.96 28.57
N ARG A 614 -32.21 3.37 28.20
CA ARG A 614 -32.94 4.35 29.00
C ARG A 614 -33.72 3.68 30.15
N THR A 615 -34.53 2.67 29.82
CA THR A 615 -35.33 1.94 30.83
C THR A 615 -34.53 0.95 31.66
N GLY A 616 -33.49 0.37 31.07
CA GLY A 616 -32.65 -0.62 31.76
C GLY A 616 -33.17 -2.03 31.69
N HIS A 617 -34.21 -2.24 30.89
CA HIS A 617 -34.79 -3.57 30.69
C HIS A 617 -33.87 -4.38 29.77
N ILE A 618 -33.69 -5.66 30.07
CA ILE A 618 -32.84 -6.56 29.28
C ILE A 618 -33.67 -7.74 28.77
N THR A 619 -33.29 -8.26 27.60
CA THR A 619 -33.86 -9.48 27.06
C THR A 619 -32.72 -10.40 26.61
N LEU A 620 -32.99 -11.70 26.57
CA LEU A 620 -31.97 -12.71 26.23
C LEU A 620 -32.31 -13.40 24.94
N ASP A 621 -31.34 -14.14 24.42
CA ASP A 621 -31.44 -14.86 23.15
C ASP A 621 -30.15 -15.66 23.12
N TYR A 622 -30.09 -16.71 22.30
CA TYR A 622 -28.94 -17.60 22.32
C TYR A 622 -28.47 -17.98 20.91
N ARG A 623 -27.15 -18.15 20.79
CA ARG A 623 -26.49 -18.25 19.50
C ARG A 623 -25.59 -19.50 19.44
N PRO A 624 -25.71 -20.29 18.37
CA PRO A 624 -24.99 -21.57 18.29
C PRO A 624 -23.49 -21.41 18.22
N VAL A 625 -22.75 -22.36 18.78
CA VAL A 625 -21.29 -22.30 18.72
C VAL A 625 -20.82 -22.82 17.38
N ILE A 626 -20.07 -21.99 16.66
CA ILE A 626 -19.45 -22.41 15.40
C ILE A 626 -18.38 -23.47 15.67
N ASP A 627 -18.70 -24.73 15.36
CA ASP A 627 -17.79 -25.84 15.67
C ASP A 627 -16.79 -26.17 14.56
N LYS A 628 -17.12 -25.83 13.31
CA LYS A 628 -16.23 -26.09 12.16
C LYS A 628 -14.99 -25.20 12.25
N THR A 629 -13.87 -25.67 11.72
CA THR A 629 -12.69 -24.80 11.55
C THR A 629 -12.86 -23.98 10.27
N LEU A 630 -11.90 -23.10 9.98
CA LEU A 630 -11.86 -22.39 8.69
C LEU A 630 -11.60 -23.33 7.52
N ASP A 631 -10.59 -24.20 7.68
CA ASP A 631 -10.12 -25.06 6.59
C ASP A 631 -9.94 -26.52 7.05
N PRO A 632 -10.94 -27.40 6.76
CA PRO A 632 -10.90 -28.82 7.15
C PRO A 632 -9.59 -29.51 6.80
N ALA A 633 -9.05 -29.19 5.62
CA ALA A 633 -7.75 -29.68 5.22
C ALA A 633 -6.68 -29.38 6.28
N GLU A 634 -6.51 -28.09 6.60
CA GLU A 634 -5.40 -27.65 7.47
C GLU A 634 -5.47 -28.25 8.89
N VAL A 635 -6.68 -28.36 9.44
CA VAL A 635 -6.87 -29.00 10.75
C VAL A 635 -8.35 -29.39 10.99
N ASP A 636 -8.55 -30.52 11.66
CA ASP A 636 -9.90 -30.99 12.01
C ASP A 636 -10.40 -30.24 13.23
N TRP A 637 -11.72 -30.10 13.33
CA TRP A 637 -12.33 -29.56 14.53
C TRP A 637 -12.10 -30.52 15.70
N ILE A 638 -12.24 -29.99 16.91
CA ILE A 638 -11.96 -30.77 18.12
C ILE A 638 -13.24 -30.95 18.91
N PRO A 639 -13.81 -32.17 18.87
CA PRO A 639 -15.12 -32.36 19.52
C PRO A 639 -14.97 -32.39 21.04
N PRO A 640 -16.00 -31.90 21.76
CA PRO A 640 -15.93 -31.76 23.22
C PRO A 640 -15.59 -33.05 23.94
N ILE A 641 -14.91 -32.89 25.08
CA ILE A 641 -14.57 -34.01 25.96
C ILE A 641 -14.73 -33.55 27.42
N ILE A 642 -14.42 -34.41 28.38
CA ILE A 642 -14.42 -33.98 29.79
C ILE A 642 -13.23 -33.04 30.00
N ARG A 643 -13.45 -31.96 30.74
CA ARG A 643 -12.40 -30.97 30.95
C ARG A 643 -11.78 -31.16 32.32
N SER A 644 -10.65 -31.87 32.34
CA SER A 644 -9.90 -32.11 33.56
C SER A 644 -8.43 -31.83 33.33
N TYR A 645 -7.82 -31.10 34.27
CA TYR A 645 -6.39 -30.83 34.25
C TYR A 645 -5.71 -31.62 35.37
N LYS B 33 -7.79 9.46 66.22
CA LYS B 33 -7.70 9.44 64.73
C LYS B 33 -6.56 10.31 64.24
N ARG B 34 -5.79 9.78 63.28
CA ARG B 34 -4.66 10.51 62.70
C ARG B 34 -5.07 11.26 61.44
N ILE B 35 -5.28 12.56 61.57
CA ILE B 35 -5.77 13.37 60.46
C ILE B 35 -4.58 14.08 59.80
N LYS B 36 -4.18 13.56 58.64
CA LYS B 36 -3.09 14.13 57.82
C LYS B 36 -3.61 15.20 56.85
N THR B 37 -2.76 16.20 56.60
CA THR B 37 -3.13 17.36 55.80
C THR B 37 -2.32 17.38 54.49
N PHE B 38 -2.94 17.81 53.40
CA PHE B 38 -2.26 17.92 52.10
C PHE B 38 -2.50 19.30 51.49
N GLU B 39 -1.43 20.00 51.12
CA GLU B 39 -1.54 21.26 50.40
C GLU B 39 -1.40 20.98 48.92
N ILE B 40 -2.49 21.10 48.18
CA ILE B 40 -2.53 20.66 46.78
C ILE B 40 -2.71 21.82 45.83
N TYR B 41 -1.70 22.05 45.01
CA TYR B 41 -1.76 23.05 43.95
C TYR B 41 -3.05 22.96 43.12
N ARG B 42 -3.72 24.09 42.92
CA ARG B 42 -5.00 24.14 42.22
C ARG B 42 -4.98 25.24 41.16
N PHE B 43 -5.66 24.99 40.05
CA PHE B 43 -5.84 26.00 39.03
C PHE B 43 -7.00 25.61 38.15
N ASN B 44 -7.86 26.58 37.81
CA ASN B 44 -8.99 26.34 36.92
C ASN B 44 -9.06 27.37 35.80
N PRO B 45 -8.94 26.94 34.53
CA PRO B 45 -8.86 27.89 33.42
C PRO B 45 -10.20 28.35 32.88
N GLU B 46 -11.27 28.23 33.67
CA GLU B 46 -12.60 28.71 33.27
C GLU B 46 -13.07 29.87 34.13
N GLU B 47 -12.63 29.90 35.37
CA GLU B 47 -12.85 31.06 36.21
C GLU B 47 -12.09 32.22 35.55
N PRO B 48 -12.77 33.36 35.32
CA PRO B 48 -12.11 34.44 34.56
C PRO B 48 -11.00 35.14 35.37
N GLY B 49 -9.84 35.31 34.73
CA GLY B 49 -8.67 35.89 35.40
C GLY B 49 -8.10 35.01 36.50
N ALA B 50 -8.07 33.71 36.25
CA ALA B 50 -7.71 32.72 37.28
C ALA B 50 -6.24 32.71 37.66
N LYS B 51 -5.98 32.30 38.90
CA LYS B 51 -4.64 32.15 39.39
C LYS B 51 -4.46 30.82 40.12
N PRO B 52 -3.27 30.21 39.99
CA PRO B 52 -2.92 29.05 40.79
C PRO B 52 -3.13 29.31 42.27
N LYS B 53 -3.44 28.25 43.02
CA LYS B 53 -3.64 28.36 44.47
C LYS B 53 -3.20 27.09 45.16
N LEU B 54 -2.91 27.20 46.45
CA LEU B 54 -2.79 26.02 47.31
C LEU B 54 -4.11 25.81 48.05
N GLN B 55 -4.52 24.55 48.19
CA GLN B 55 -5.73 24.21 48.94
C GLN B 55 -5.34 23.14 49.95
N LYS B 56 -5.62 23.38 51.23
CA LYS B 56 -5.41 22.35 52.25
C LYS B 56 -6.59 21.39 52.25
N PHE B 57 -6.29 20.12 52.52
CA PHE B 57 -7.28 19.07 52.64
C PHE B 57 -6.89 18.20 53.82
N ASP B 58 -7.85 17.87 54.67
CA ASP B 58 -7.58 17.00 55.80
C ASP B 58 -8.13 15.61 55.50
N VAL B 59 -7.30 14.60 55.76
CA VAL B 59 -7.60 13.20 55.41
C VAL B 59 -7.32 12.28 56.60
N ASP B 60 -8.32 11.49 57.00
CA ASP B 60 -8.11 10.49 58.08
C ASP B 60 -7.28 9.32 57.54
N LEU B 61 -6.08 9.12 58.09
CA LEU B 61 -5.14 8.10 57.59
C LEU B 61 -5.61 6.68 57.80
N ASP B 62 -6.45 6.47 58.82
CA ASP B 62 -6.99 5.14 59.13
C ASP B 62 -8.25 4.82 58.33
N LYS B 63 -8.77 5.79 57.61
CA LYS B 63 -9.88 5.60 56.69
C LYS B 63 -9.37 5.60 55.24
N CYS B 64 -8.10 5.26 55.02
CA CYS B 64 -7.46 5.56 53.74
C CYS B 64 -6.23 4.73 53.48
N GLY B 65 -6.11 4.36 52.20
CA GLY B 65 -5.04 3.54 51.70
C GLY B 65 -3.67 4.13 51.97
N THR B 66 -2.67 3.26 51.85
CA THR B 66 -1.29 3.60 52.16
C THR B 66 -0.68 4.68 51.24
N MET B 67 -1.03 4.67 49.96
CA MET B 67 -0.32 5.47 48.96
C MET B 67 -1.01 6.79 48.65
N VAL B 68 -0.20 7.78 48.26
CA VAL B 68 -0.68 9.15 48.02
C VAL B 68 -1.82 9.21 46.99
N LEU B 69 -1.79 8.35 45.97
CA LEU B 69 -2.89 8.35 45.01
C LEU B 69 -4.19 8.04 45.75
N ASP B 70 -4.12 7.13 46.74
CA ASP B 70 -5.30 6.73 47.52
C ASP B 70 -5.96 7.95 48.19
N ALA B 71 -5.14 8.88 48.66
CA ALA B 71 -5.64 10.13 49.25
C ALA B 71 -6.32 11.06 48.23
N LEU B 72 -5.67 11.29 47.10
CA LEU B 72 -6.26 12.13 46.07
C LEU B 72 -7.63 11.63 45.66
N ILE B 73 -7.78 10.30 45.57
CA ILE B 73 -9.06 9.69 45.16
C ILE B 73 -10.12 9.90 46.25
N LYS B 74 -9.75 9.51 47.46
CA LYS B 74 -10.58 9.72 48.65
C LYS B 74 -11.14 11.15 48.68
N ILE B 75 -10.24 12.13 48.69
CA ILE B 75 -10.59 13.55 48.59
C ILE B 75 -11.52 13.86 47.40
N LYS B 76 -11.31 13.22 46.26
CA LYS B 76 -12.14 13.54 45.12
C LYS B 76 -13.55 12.99 45.36
N ASN B 77 -13.61 11.83 45.99
CA ASN B 77 -14.87 11.12 46.18
C ASN B 77 -15.70 11.64 47.35
N GLU B 78 -15.03 11.99 48.45
CA GLU B 78 -15.71 12.37 49.71
C GLU B 78 -15.77 13.87 50.04
N VAL B 79 -14.91 14.68 49.43
CA VAL B 79 -14.72 16.07 49.85
C VAL B 79 -14.84 17.06 48.68
N ASP B 80 -13.97 16.94 47.68
CA ASP B 80 -13.99 17.83 46.50
C ASP B 80 -13.85 17.06 45.18
N PRO B 81 -14.98 16.80 44.50
CA PRO B 81 -14.95 16.15 43.18
C PRO B 81 -14.26 16.92 42.06
N THR B 82 -14.14 18.23 42.16
CA THR B 82 -13.46 19.01 41.13
C THR B 82 -11.97 18.63 40.99
N LEU B 83 -11.36 18.19 42.10
CA LEU B 83 -9.92 17.88 42.16
C LEU B 83 -9.49 16.91 41.06
N THR B 84 -8.70 17.44 40.13
CA THR B 84 -8.43 16.81 38.86
C THR B 84 -6.98 16.33 38.76
N PHE B 85 -6.80 15.05 38.45
CA PHE B 85 -5.47 14.45 38.28
C PHE B 85 -5.59 13.19 37.45
N ARG B 86 -4.50 12.79 36.82
CA ARG B 86 -4.48 11.55 36.01
C ARG B 86 -4.14 10.30 36.81
N ARG B 87 -4.72 9.17 36.39
CA ARG B 87 -4.37 7.85 36.90
C ARG B 87 -4.93 6.77 35.96
N SER B 88 -4.44 5.54 36.10
CA SER B 88 -4.99 4.42 35.34
C SER B 88 -4.58 3.10 35.99
N CYS B 89 -3.33 2.67 35.77
CA CYS B 89 -2.78 1.52 36.48
C CYS B 89 -2.64 1.85 37.95
N ARG B 90 -2.80 0.86 38.81
CA ARG B 90 -2.67 1.13 40.24
C ARG B 90 -1.32 0.65 40.78
N GLU B 91 -0.51 0.07 39.88
CA GLU B 91 0.66 -0.73 40.24
C GLU B 91 2.00 -0.08 39.85
N GLY B 92 1.98 1.17 39.40
CA GLY B 92 3.19 1.91 39.07
C GLY B 92 3.85 1.56 37.72
N ILE B 93 3.03 1.28 36.72
CA ILE B 93 3.54 0.88 35.40
C ILE B 93 3.16 1.84 34.24
N CYS B 94 1.99 2.47 34.33
CA CYS B 94 1.47 3.42 33.33
C CYS B 94 2.15 4.78 33.15
N GLY B 95 2.50 5.43 34.27
CA GLY B 95 3.13 6.76 34.24
C GLY B 95 2.19 7.96 34.10
N SER B 96 0.89 7.71 34.22
CA SER B 96 -0.12 8.75 34.14
C SER B 96 -0.05 9.70 35.29
N CYS B 97 0.18 9.16 36.48
CA CYS B 97 0.00 9.94 37.71
C CYS B 97 1.29 10.57 38.22
N ALA B 98 2.12 11.06 37.31
CA ALA B 98 3.36 11.68 37.73
C ALA B 98 3.02 13.05 38.25
N MET B 99 3.66 13.42 39.36
CA MET B 99 3.50 14.73 39.97
C MET B 99 4.62 15.01 40.97
N ASN B 100 4.66 16.23 41.52
CA ASN B 100 5.64 16.60 42.51
C ASN B 100 5.09 16.46 43.94
N ILE B 101 5.47 15.38 44.61
CA ILE B 101 5.04 15.13 45.96
C ILE B 101 6.19 15.39 46.93
N ALA B 102 5.92 16.20 47.95
CA ALA B 102 6.91 16.46 49.01
C ALA B 102 8.26 16.91 48.44
N GLY B 103 8.20 17.77 47.41
CA GLY B 103 9.39 18.29 46.75
C GLY B 103 9.92 17.52 45.53
N GLU B 104 9.76 16.20 45.54
CA GLU B 104 10.36 15.35 44.51
C GLU B 104 9.34 14.97 43.44
N ASN B 105 9.79 14.76 42.19
CA ASN B 105 8.93 14.22 41.13
C ASN B 105 8.85 12.72 41.22
N THR B 106 7.67 12.21 41.57
CA THR B 106 7.43 10.77 41.58
C THR B 106 5.98 10.41 41.19
N LEU B 107 5.70 9.12 41.10
CA LEU B 107 4.35 8.66 40.77
C LEU B 107 3.59 8.69 42.09
N ALA B 108 2.32 9.11 42.06
CA ALA B 108 1.53 9.16 43.29
C ALA B 108 1.18 7.77 43.81
N CYS B 109 1.00 6.81 42.90
CA CYS B 109 0.41 5.53 43.24
C CYS B 109 1.33 4.60 44.01
N ILE B 110 2.64 4.79 43.90
CA ILE B 110 3.57 4.01 44.70
C ILE B 110 4.31 4.88 45.69
N CYS B 111 3.66 5.96 46.10
CA CYS B 111 4.25 6.93 46.98
C CYS B 111 3.63 6.80 48.36
N ASN B 112 4.40 6.28 49.31
CA ASN B 112 3.86 6.12 50.66
C ASN B 112 3.66 7.46 51.33
N ILE B 113 2.46 7.66 51.88
CA ILE B 113 2.11 8.91 52.54
C ILE B 113 2.98 8.99 53.79
N ASP B 114 3.53 10.18 54.06
CA ASP B 114 4.31 10.41 55.29
C ASP B 114 3.34 10.48 56.44
N GLN B 115 3.35 9.45 57.29
CA GLN B 115 2.37 9.32 58.37
C GLN B 115 2.62 10.26 59.55
N ASN B 116 3.81 10.86 59.61
CA ASN B 116 4.07 11.94 60.56
C ASN B 116 3.08 13.09 60.33
N THR B 117 2.00 13.08 61.10
CA THR B 117 0.86 13.99 60.92
C THR B 117 1.13 15.44 61.33
N SER B 118 2.34 15.71 61.83
CA SER B 118 2.71 17.06 62.26
C SER B 118 3.05 17.93 61.05
N LYS B 119 3.71 17.33 60.06
CA LYS B 119 4.05 17.99 58.80
C LYS B 119 2.93 17.86 57.78
N THR B 120 3.00 18.65 56.72
CA THR B 120 2.01 18.59 55.65
C THR B 120 2.70 18.31 54.31
N THR B 121 2.21 17.30 53.60
CA THR B 121 2.77 16.90 52.32
C THR B 121 2.29 17.83 51.19
N LYS B 122 3.24 18.39 50.43
CA LYS B 122 2.93 19.33 49.34
C LYS B 122 2.94 18.67 47.97
N ILE B 123 1.82 18.82 47.29
CA ILE B 123 1.58 18.20 46.01
C ILE B 123 1.31 19.24 44.93
N TYR B 124 2.31 19.43 44.07
CA TYR B 124 2.25 20.28 42.91
C TYR B 124 2.39 19.34 41.72
N PRO B 125 2.09 19.83 40.51
CA PRO B 125 2.30 19.00 39.33
C PRO B 125 3.76 18.98 38.88
N LEU B 126 4.06 18.21 37.84
CA LEU B 126 5.39 18.19 37.23
C LEU B 126 5.90 19.61 37.01
N PRO B 127 7.04 19.94 37.60
CA PRO B 127 7.55 21.29 37.50
C PRO B 127 7.73 21.85 36.10
N HIS B 128 7.50 23.16 36.02
CA HIS B 128 7.72 23.98 34.86
C HIS B 128 6.95 23.57 33.62
N MET B 129 5.89 22.79 33.76
CA MET B 129 5.04 22.49 32.62
C MET B 129 3.79 23.37 32.63
N PHE B 130 3.35 23.77 31.44
CA PHE B 130 2.08 24.48 31.31
C PHE B 130 0.97 23.58 31.85
N VAL B 131 0.14 24.10 32.74
CA VAL B 131 -0.90 23.27 33.35
C VAL B 131 -2.23 23.47 32.62
N ILE B 132 -3.00 22.38 32.53
CA ILE B 132 -4.33 22.41 31.96
C ILE B 132 -5.34 22.60 33.09
N LYS B 133 -5.22 21.81 34.15
CA LYS B 133 -6.10 21.93 35.30
C LYS B 133 -5.57 21.18 36.49
N ASP B 134 -5.36 21.90 37.59
CA ASP B 134 -4.95 21.29 38.87
C ASP B 134 -3.61 20.53 38.78
N LEU B 135 -3.67 19.20 38.68
CA LEU B 135 -2.46 18.37 38.64
C LEU B 135 -2.19 17.76 37.28
N VAL B 136 -2.81 18.32 36.25
CA VAL B 136 -2.76 17.78 34.90
C VAL B 136 -1.99 18.69 33.93
N PRO B 137 -0.74 18.32 33.62
CA PRO B 137 0.10 19.10 32.72
C PRO B 137 0.02 18.66 31.26
N ASP B 138 -0.02 19.65 30.37
CA ASP B 138 0.01 19.43 28.93
C ASP B 138 1.35 18.81 28.55
N MET B 139 1.26 17.57 28.11
CA MET B 139 2.38 16.68 27.97
C MET B 139 2.76 16.58 26.49
N ASN B 140 2.37 17.57 25.69
CA ASN B 140 2.43 17.42 24.23
C ASN B 140 3.78 17.64 23.55
N LEU B 141 4.63 18.44 24.17
CA LEU B 141 5.97 18.57 23.66
C LEU B 141 6.69 17.29 24.02
N PHE B 142 6.50 16.86 25.26
CA PHE B 142 7.17 15.66 25.72
C PHE B 142 6.93 14.48 24.79
N TYR B 143 5.70 14.38 24.29
CA TYR B 143 5.35 13.31 23.36
C TYR B 143 5.95 13.59 21.99
N ALA B 144 5.85 14.83 21.52
CA ALA B 144 6.33 15.14 20.18
C ALA B 144 7.83 14.83 20.10
N GLN B 145 8.56 15.18 21.14
CA GLN B 145 9.99 14.94 21.21
C GLN B 145 10.28 13.44 21.19
N TYR B 146 9.49 12.66 21.94
CA TYR B 146 9.63 11.20 21.91
C TYR B 146 9.43 10.69 20.48
N ALA B 147 8.56 11.32 19.71
CA ALA B 147 8.38 10.93 18.32
C ALA B 147 9.60 11.26 17.44
N SER B 148 10.26 12.36 17.77
CA SER B 148 11.34 12.93 16.98
C SER B 148 12.66 12.15 16.99
N ILE B 149 12.86 11.31 18.01
CA ILE B 149 13.97 10.33 18.00
C ILE B 149 13.68 9.12 17.11
N GLN B 150 12.43 9.00 16.66
CA GLN B 150 11.98 7.89 15.81
C GLN B 150 12.11 6.60 16.59
N PRO B 151 11.20 6.37 17.54
CA PRO B 151 11.34 5.23 18.40
C PRO B 151 10.80 3.97 17.73
N TRP B 152 11.55 3.45 16.77
CA TRP B 152 11.19 2.20 16.12
C TRP B 152 12.38 1.59 15.41
N LEU B 153 12.23 0.37 14.92
CA LEU B 153 13.35 -0.38 14.36
C LEU B 153 13.54 -0.09 12.88
N GLN B 154 14.77 0.17 12.49
CA GLN B 154 15.06 0.60 11.14
C GLN B 154 16.16 -0.29 10.58
N LYS B 155 15.96 -0.74 9.34
CA LYS B 155 16.85 -1.70 8.71
C LYS B 155 17.32 -1.16 7.36
N LYS B 156 18.58 -1.43 7.02
CA LYS B 156 19.13 -1.07 5.70
C LYS B 156 18.58 -2.01 4.63
N THR B 157 18.66 -3.31 4.88
CA THR B 157 18.15 -4.34 3.97
C THR B 157 16.69 -4.61 4.28
N LYS B 158 15.77 -4.02 3.52
CA LYS B 158 14.33 -4.29 3.66
C LYS B 158 14.10 -5.74 4.09
N ILE B 159 13.48 -5.91 5.26
CA ILE B 159 13.18 -7.24 5.80
C ILE B 159 11.75 -7.63 5.41
N ASN B 160 11.50 -8.93 5.31
CA ASN B 160 10.14 -9.45 5.10
C ASN B 160 9.43 -9.59 6.43
N LEU B 161 8.44 -8.73 6.63
CA LEU B 161 8.00 -8.33 7.96
C LEU B 161 7.61 -9.44 8.96
N GLY B 162 7.03 -10.54 8.49
CA GLY B 162 6.58 -11.61 9.39
C GLY B 162 7.36 -12.91 9.34
N GLU B 163 8.45 -12.93 8.59
CA GLU B 163 9.05 -14.20 8.12
C GLU B 163 9.93 -14.93 9.15
N LYS B 164 10.93 -14.25 9.70
CA LYS B 164 11.80 -14.88 10.71
C LYS B 164 12.29 -13.90 11.75
N GLN B 165 12.72 -14.44 12.90
CA GLN B 165 13.26 -13.62 13.98
C GLN B 165 14.61 -13.07 13.59
N GLN B 166 14.95 -11.90 14.12
CA GLN B 166 16.29 -11.35 13.97
C GLN B 166 17.14 -11.83 15.14
N TYR B 167 18.34 -12.31 14.82
CA TYR B 167 19.23 -12.80 15.85
C TYR B 167 19.65 -11.67 16.76
N GLN B 168 19.71 -11.96 18.05
CA GLN B 168 20.31 -11.08 19.02
C GLN B 168 20.70 -11.94 20.20
N SER B 169 21.96 -11.84 20.63
CA SER B 169 22.43 -12.64 21.77
C SER B 169 21.81 -12.14 23.07
N ILE B 170 22.00 -12.90 24.15
CA ILE B 170 21.57 -12.45 25.47
C ILE B 170 22.30 -11.13 25.79
N LYS B 171 23.63 -11.17 25.81
CA LYS B 171 24.46 -9.97 26.10
C LYS B 171 24.08 -8.71 25.28
N GLU B 172 23.86 -8.89 23.99
CA GLU B 172 23.42 -7.80 23.13
C GLU B 172 22.13 -7.20 23.63
N GLN B 173 21.15 -8.06 23.93
CA GLN B 173 19.85 -7.57 24.35
C GLN B 173 19.81 -7.14 25.80
N GLU B 174 20.74 -7.60 26.65
CA GLU B 174 20.82 -7.09 28.02
C GLU B 174 21.38 -5.67 28.06
N LYS B 175 21.94 -5.20 26.96
CA LYS B 175 22.24 -3.78 26.80
C LYS B 175 20.95 -2.97 27.00
N LEU B 176 19.83 -3.50 26.48
CA LEU B 176 18.52 -2.88 26.62
C LEU B 176 17.98 -2.85 28.04
N ASP B 177 18.43 -3.75 28.93
CA ASP B 177 18.06 -3.65 30.34
C ASP B 177 18.43 -2.27 30.90
N GLY B 178 17.59 -1.74 31.79
CA GLY B 178 17.78 -0.40 32.32
C GLY B 178 17.27 0.72 31.44
N LEU B 179 16.84 0.36 30.23
CA LEU B 179 16.48 1.32 29.19
C LEU B 179 15.05 1.12 28.66
N TYR B 180 14.72 -0.10 28.27
CA TYR B 180 13.40 -0.40 27.70
C TYR B 180 12.25 -0.30 28.71
N GLU B 181 12.57 -0.19 30.01
CA GLU B 181 11.56 -0.10 31.10
C GLU B 181 11.02 1.29 31.40
N CYS B 182 11.49 2.29 30.66
CA CYS B 182 10.96 3.64 30.75
C CYS B 182 9.47 3.64 30.45
N ILE B 183 8.68 4.14 31.40
CA ILE B 183 7.20 4.22 31.24
C ILE B 183 6.68 5.57 30.69
N LEU B 184 7.61 6.49 30.40
CA LEU B 184 7.30 7.78 29.76
C LEU B 184 6.49 8.71 30.68
N CYS B 185 6.86 8.70 31.97
CA CYS B 185 6.11 9.42 33.02
C CYS B 185 6.49 10.90 33.10
N ALA B 186 7.71 11.19 32.63
CA ALA B 186 8.27 12.54 32.53
C ALA B 186 8.78 13.09 33.84
N CYS B 187 8.81 12.29 34.89
CA CYS B 187 9.37 12.73 36.17
C CYS B 187 10.75 13.33 35.97
N CYS B 188 11.59 12.65 35.20
CA CYS B 188 12.97 13.07 35.05
C CYS B 188 13.13 14.29 34.15
N SER B 189 12.49 14.32 32.98
CA SER B 189 12.54 15.52 32.13
C SER B 189 12.12 16.74 32.92
N ALA B 190 11.03 16.59 33.68
CA ALA B 190 10.47 17.66 34.51
C ALA B 190 11.25 17.97 35.80
N SER B 191 12.31 17.22 36.10
CA SER B 191 13.18 17.53 37.24
C SER B 191 14.51 18.15 36.83
N CYS B 192 14.82 18.12 35.53
CA CYS B 192 16.08 18.67 35.00
C CYS B 192 15.96 20.16 34.74
N PRO B 193 16.76 20.97 35.44
CA PRO B 193 16.74 22.42 35.24
C PRO B 193 16.95 22.85 33.80
N SER B 194 17.91 22.23 33.12
CA SER B 194 18.15 22.56 31.72
C SER B 194 16.87 22.48 30.89
N TYR B 195 16.09 21.43 31.14
CA TYR B 195 14.84 21.20 30.43
C TYR B 195 13.75 22.18 30.84
N TRP B 196 13.84 22.70 32.06
CA TRP B 196 12.95 23.77 32.50
C TRP B 196 13.19 24.99 31.62
N TRP B 197 14.47 25.40 31.55
CA TRP B 197 14.86 26.59 30.81
C TRP B 197 14.79 26.42 29.29
N ASN B 198 14.94 25.21 28.78
CA ASN B 198 15.01 25.03 27.32
C ASN B 198 14.26 23.83 26.74
N ALA B 199 13.13 23.49 27.33
CA ALA B 199 12.28 22.42 26.79
C ALA B 199 12.19 22.44 25.27
N ASP B 200 12.17 23.63 24.68
CA ASP B 200 11.93 23.73 23.24
C ASP B 200 13.10 23.22 22.37
N LYS B 201 14.31 23.20 22.92
CA LYS B 201 15.47 22.80 22.11
C LYS B 201 16.14 21.54 22.63
N TYR B 202 16.41 21.51 23.94
CA TYR B 202 16.91 20.32 24.65
C TYR B 202 15.84 19.22 24.77
N LEU B 203 16.18 18.01 24.34
CA LEU B 203 15.22 16.89 24.34
C LEU B 203 14.92 16.39 25.76
N GLY B 204 15.94 16.44 26.62
CA GLY B 204 15.80 16.07 28.01
C GLY B 204 15.93 14.57 28.27
N PRO B 205 16.23 14.21 29.51
CA PRO B 205 16.64 12.89 29.97
C PRO B 205 15.82 11.70 29.49
N ALA B 206 14.50 11.82 29.53
CA ALA B 206 13.64 10.67 29.25
C ALA B 206 13.60 10.33 27.77
N VAL B 207 13.58 11.37 26.94
CA VAL B 207 13.54 11.19 25.51
C VAL B 207 14.94 10.81 25.05
N LEU B 208 15.96 11.33 25.74
CA LEU B 208 17.35 11.04 25.34
C LEU B 208 17.77 9.62 25.67
N MET B 209 17.32 9.11 26.81
CA MET B 209 17.64 7.74 27.20
C MET B 209 16.98 6.76 26.24
N GLN B 210 15.77 7.11 25.80
CA GLN B 210 15.06 6.33 24.79
C GLN B 210 15.77 6.40 23.45
N ALA B 211 16.30 7.57 23.13
CA ALA B 211 17.12 7.73 21.92
C ALA B 211 18.30 6.76 21.91
N TYR B 212 18.94 6.62 23.08
CA TYR B 212 20.07 5.71 23.23
C TYR B 212 19.67 4.23 23.16
N ARG B 213 18.47 3.90 23.61
CA ARG B 213 17.99 2.52 23.52
C ARG B 213 17.76 2.05 22.08
N TRP B 214 17.47 2.95 21.14
CA TRP B 214 17.38 2.56 19.73
C TRP B 214 18.74 2.68 19.03
N ILE B 215 19.75 3.14 19.76
CA ILE B 215 21.09 3.32 19.20
C ILE B 215 21.96 2.12 19.52
N ILE B 216 21.99 1.67 20.79
CA ILE B 216 22.73 0.44 21.13
C ILE B 216 21.94 -0.84 20.87
N ASP B 217 20.80 -0.75 20.20
CA ASP B 217 20.08 -1.96 19.80
C ASP B 217 20.80 -2.57 18.61
N SER B 218 21.43 -3.73 18.82
CA SER B 218 22.21 -4.39 17.77
C SER B 218 21.40 -4.52 16.48
N ARG B 219 20.09 -4.64 16.64
CA ARG B 219 19.21 -4.86 15.51
C ARG B 219 18.97 -3.60 14.67
N ASP B 220 19.53 -2.48 15.10
CA ASP B 220 19.20 -1.18 14.49
C ASP B 220 20.34 -0.66 13.62
N ASP B 221 20.11 -0.63 12.31
CA ASP B 221 21.13 -0.24 11.36
C ASP B 221 21.41 1.26 11.36
N SER B 222 20.50 2.06 11.93
CA SER B 222 20.55 3.53 11.80
C SER B 222 21.32 4.28 12.90
N ALA B 223 22.12 3.57 13.69
CA ALA B 223 22.97 4.23 14.70
C ALA B 223 23.59 5.51 14.16
N ALA B 224 24.08 5.43 12.92
CA ALA B 224 24.63 6.56 12.17
C ALA B 224 23.77 7.82 12.17
N GLU B 225 22.59 7.71 11.56
CA GLU B 225 21.70 8.85 11.30
C GLU B 225 20.96 9.30 12.55
N ARG B 226 20.85 8.42 13.54
CA ARG B 226 20.19 8.76 14.82
C ARG B 226 20.95 9.85 15.57
N LEU B 227 22.27 9.71 15.61
CA LEU B 227 23.14 10.71 16.24
C LEU B 227 23.19 12.02 15.46
N ALA B 228 22.77 12.01 14.18
CA ALA B 228 22.78 13.19 13.31
C ALA B 228 21.70 14.24 13.66
N ARG B 229 20.67 13.81 14.39
CA ARG B 229 19.60 14.69 14.80
C ARG B 229 19.80 15.20 16.24
N MET B 230 20.94 14.90 16.84
CA MET B 230 21.33 15.50 18.12
C MET B 230 22.77 15.99 18.08
N GLN B 231 23.22 16.32 16.86
CA GLN B 231 24.56 16.87 16.63
C GLN B 231 24.70 18.26 17.24
N ASP B 232 23.68 19.09 17.05
CA ASP B 232 23.71 20.50 17.51
C ASP B 232 23.96 20.63 19.00
N GLY B 233 24.36 21.84 19.39
CA GLY B 233 24.77 22.12 20.75
C GLY B 233 23.63 22.32 21.72
N PHE B 234 22.42 21.99 21.32
CA PHE B 234 21.26 22.12 22.20
C PHE B 234 20.48 20.83 22.42
N SER B 235 20.37 20.01 21.38
CA SER B 235 19.54 18.80 21.45
C SER B 235 19.95 17.83 22.56
N ALA B 236 21.24 17.51 22.62
CA ALA B 236 21.75 16.58 23.64
C ALA B 236 22.87 17.16 24.48
N PHE B 237 23.56 18.18 23.96
CA PHE B 237 24.71 18.75 24.67
C PHE B 237 24.30 19.74 25.75
N LYS B 238 23.03 20.12 25.79
CA LYS B 238 22.57 20.99 26.86
C LYS B 238 22.38 20.26 28.18
N CYS B 239 22.71 18.96 28.23
CA CYS B 239 22.82 18.26 29.50
C CYS B 239 24.06 18.73 30.28
N HIS B 240 23.85 19.51 31.34
CA HIS B 240 24.94 20.02 32.18
C HIS B 240 25.16 19.14 33.42
N THR B 241 25.01 17.83 33.21
CA THR B 241 25.22 16.78 34.22
C THR B 241 24.88 17.18 35.64
N ILE B 242 23.65 17.65 35.83
CA ILE B 242 23.19 18.09 37.15
C ILE B 242 22.89 16.87 38.00
N MET B 243 22.33 15.84 37.35
CA MET B 243 22.03 14.51 37.91
C MET B 243 20.68 14.40 38.62
N ASN B 244 19.82 15.39 38.43
CA ASN B 244 18.45 15.33 38.96
C ASN B 244 17.61 14.18 38.40
N CYS B 245 17.86 13.84 37.14
CA CYS B 245 17.08 12.83 36.44
C CYS B 245 17.20 11.44 37.05
N THR B 246 18.42 10.94 37.14
CA THR B 246 18.70 9.62 37.74
C THR B 246 18.25 9.54 39.19
N LYS B 247 18.35 10.66 39.90
CA LYS B 247 17.97 10.73 41.31
C LYS B 247 16.46 10.57 41.54
N THR B 248 15.64 11.18 40.68
CA THR B 248 14.20 11.25 40.93
C THR B 248 13.40 10.08 40.34
N CYS B 249 14.04 9.27 39.49
CA CYS B 249 13.29 8.33 38.65
C CYS B 249 12.64 7.19 39.42
N PRO B 250 11.31 7.21 39.52
CA PRO B 250 10.62 6.26 40.40
C PRO B 250 10.76 4.80 39.95
N LYS B 251 11.30 4.57 38.75
CA LYS B 251 11.52 3.24 38.21
C LYS B 251 12.97 2.82 38.36
N HIS B 252 13.73 3.59 39.14
CA HIS B 252 15.14 3.27 39.43
C HIS B 252 16.06 3.10 38.22
N LEU B 253 15.70 3.70 37.09
CA LEU B 253 16.55 3.69 35.91
C LEU B 253 17.48 4.90 35.94
N ASN B 254 18.32 5.00 34.92
CA ASN B 254 19.41 5.98 34.86
C ASN B 254 19.59 6.59 33.47
N PRO B 255 19.03 7.80 33.24
CA PRO B 255 19.27 8.57 32.02
C PRO B 255 20.62 9.31 31.99
N ALA B 256 21.06 9.84 33.11
CA ALA B 256 22.32 10.57 33.16
C ALA B 256 23.51 9.80 32.55
N ARG B 257 23.46 8.48 32.67
CA ARG B 257 24.49 7.58 32.15
C ARG B 257 24.28 7.41 30.66
N ALA B 258 23.03 7.19 30.27
CA ALA B 258 22.70 7.04 28.86
C ALA B 258 23.05 8.30 28.07
N ILE B 259 22.91 9.46 28.71
CA ILE B 259 23.24 10.74 28.05
C ILE B 259 24.75 10.84 27.94
N GLY B 260 25.42 10.71 29.07
CA GLY B 260 26.86 10.60 29.06
C GLY B 260 27.29 9.67 27.94
N GLU B 261 26.62 8.52 27.82
CA GLU B 261 26.98 7.56 26.81
C GLU B 261 26.78 8.14 25.41
N ILE B 262 25.63 8.79 25.19
CA ILE B 262 25.30 9.48 23.92
C ILE B 262 26.34 10.53 23.48
N LYS B 263 26.99 11.19 24.42
CA LYS B 263 28.00 12.12 24.02
C LYS B 263 29.19 11.47 23.37
N MET B 264 29.66 10.39 23.96
CA MET B 264 30.91 9.88 23.52
C MET B 264 30.68 9.62 22.09
N LEU B 265 29.55 9.04 21.81
CA LEU B 265 29.33 8.62 20.47
C LEU B 265 29.41 9.88 19.68
N LEU B 266 28.83 10.95 20.18
CA LEU B 266 28.83 12.18 19.44
C LEU B 266 30.24 12.68 19.29
N THR B 267 31.01 12.62 20.37
CA THR B 267 32.42 12.94 20.32
C THR B 267 33.23 11.98 19.48
N LYS B 268 32.87 10.71 19.49
CA LYS B 268 33.66 9.73 18.79
C LYS B 268 34.64 9.09 19.70
N MET B 269 34.55 9.42 20.97
CA MET B 269 35.34 8.77 21.97
C MET B 269 34.92 7.32 22.03
N LYS B 270 33.76 7.04 21.49
CA LYS B 270 33.23 5.68 21.39
C LYS B 270 32.46 5.46 20.11
N THR B 271 32.26 4.23 19.71
CA THR B 271 31.29 3.92 18.67
C THR B 271 30.55 2.63 19.02
N LYS B 272 29.49 2.37 18.28
CA LYS B 272 28.61 1.24 18.53
C LYS B 272 29.24 -0.04 17.94
N PRO B 273 29.40 -1.09 18.77
CA PRO B 273 29.89 -2.34 18.18
C PRO B 273 29.02 -2.79 17.03
N ALA B 274 29.60 -3.46 16.05
CA ALA B 274 28.83 -4.07 14.97
C ALA B 274 28.04 -5.25 15.54
N PRO B 275 26.92 -5.60 14.89
CA PRO B 275 26.15 -6.71 15.47
C PRO B 275 27.00 -7.98 15.48
N LEU B 276 26.85 -8.80 16.53
CA LEU B 276 27.46 -10.14 16.53
C LEU B 276 26.88 -10.91 15.34
N PRO B 277 27.72 -11.65 14.60
CA PRO B 277 27.23 -12.20 13.34
C PRO B 277 26.21 -13.32 13.57
N THR B 278 25.08 -13.22 12.86
CA THR B 278 23.96 -14.16 13.03
C THR B 278 24.29 -15.57 12.48
N PRO B 279 24.39 -16.59 13.36
CA PRO B 279 24.74 -17.95 12.91
C PRO B 279 23.87 -18.52 11.74
N ALA B 280 24.48 -19.26 10.82
CA ALA B 280 23.82 -19.69 9.57
C ALA B 280 22.77 -20.80 9.75
N ASN B 281 22.81 -21.49 10.90
CA ASN B 281 21.79 -22.48 11.26
C ASN B 281 20.55 -21.84 11.91
N PHE B 282 20.57 -20.52 12.08
CA PHE B 282 19.46 -19.75 12.65
C PHE B 282 18.32 -19.56 11.63
N GLU C 34 19.97 28.06 13.25
CA GLU C 34 19.25 27.12 12.32
C GLU C 34 18.90 25.83 13.05
N LYS C 35 17.61 25.62 13.26
CA LYS C 35 17.08 24.61 14.15
C LYS C 35 16.81 23.26 13.49
N THR C 36 16.55 22.25 14.32
CA THR C 36 16.02 20.96 13.86
C THR C 36 14.50 21.11 13.69
N PRO C 37 13.84 20.16 13.01
CA PRO C 37 12.40 20.35 12.81
C PRO C 37 11.61 20.31 14.12
N ILE C 38 12.03 19.46 15.06
CA ILE C 38 11.39 19.38 16.37
C ILE C 38 11.58 20.67 17.19
N GLN C 39 12.73 21.30 17.04
CA GLN C 39 13.06 22.54 17.73
C GLN C 39 12.24 23.70 17.19
N VAL C 40 11.84 23.58 15.92
CA VAL C 40 10.92 24.51 15.30
C VAL C 40 9.55 24.23 15.87
N TRP C 41 9.08 22.99 15.73
CA TRP C 41 7.79 22.58 16.30
C TRP C 41 7.70 22.99 17.76
N GLY C 42 8.79 22.74 18.49
CA GLY C 42 8.87 23.03 19.91
C GLY C 42 8.67 24.50 20.25
N TRP C 43 9.15 25.37 19.37
CA TRP C 43 8.97 26.81 19.56
C TRP C 43 7.49 27.15 19.42
N ASP C 44 6.92 26.81 18.27
CA ASP C 44 5.51 27.04 17.98
C ASP C 44 4.59 26.54 19.08
N TYR C 45 4.97 25.42 19.69
CA TYR C 45 4.26 24.89 20.85
C TYR C 45 4.30 25.87 22.03
N LEU C 46 5.45 26.46 22.29
CA LEU C 46 5.51 27.42 23.36
C LEU C 46 4.54 28.56 23.07
N MET C 47 4.53 29.00 21.81
CA MET C 47 3.71 30.15 21.41
C MET C 47 2.25 29.86 21.63
N ARG C 48 1.83 28.64 21.30
CA ARG C 48 0.49 28.18 21.61
C ARG C 48 0.18 28.25 23.10
N GLN C 49 1.08 27.70 23.93
CA GLN C 49 0.81 27.60 25.36
C GLN C 49 0.76 28.98 25.96
N ARG C 50 1.56 29.87 25.41
CA ARG C 50 1.47 31.29 25.72
C ARG C 50 0.07 31.81 25.43
N ALA C 51 -0.34 31.67 24.16
CA ALA C 51 -1.63 32.19 23.70
C ALA C 51 -2.79 31.76 24.58
N LEU C 52 -2.76 30.50 25.02
CA LEU C 52 -3.80 29.97 25.91
C LEU C 52 -3.67 30.49 27.33
N LYS C 53 -2.62 31.26 27.60
CA LYS C 53 -2.40 31.87 28.91
C LYS C 53 -2.45 30.86 30.06
N ARG C 54 -1.81 29.71 29.85
CA ARG C 54 -1.74 28.69 30.89
C ARG C 54 -0.56 28.96 31.78
N PRO C 55 -0.73 28.77 33.10
CA PRO C 55 0.37 28.98 34.05
C PRO C 55 1.50 27.98 33.86
N ILE C 56 2.64 28.26 34.48
CA ILE C 56 3.76 27.36 34.44
C ILE C 56 3.97 26.78 35.83
N ALA C 57 3.89 25.46 35.95
CA ALA C 57 3.91 24.83 37.25
C ALA C 57 5.17 25.23 38.00
N PRO C 58 5.07 25.65 39.27
CA PRO C 58 6.27 26.02 40.02
C PRO C 58 7.40 25.00 40.00
N HIS C 59 8.63 25.47 40.20
CA HIS C 59 9.87 24.66 40.11
C HIS C 59 10.92 24.98 41.21
N LEU C 60 11.74 26.02 41.05
CA LEU C 60 12.74 26.38 42.09
C LEU C 60 12.05 26.43 43.42
N THR C 61 10.99 27.24 43.45
CA THR C 61 10.27 27.53 44.66
C THR C 61 9.67 26.30 45.34
N ILE C 62 9.49 25.20 44.61
CA ILE C 62 8.91 23.99 45.20
C ILE C 62 9.83 22.78 45.24
N TYR C 63 10.85 22.72 44.39
CA TYR C 63 11.64 21.48 44.30
C TYR C 63 12.57 21.34 45.51
N LYS C 64 12.60 20.12 46.04
CA LYS C 64 13.38 19.73 47.23
C LYS C 64 14.87 19.96 47.03
N PRO C 65 15.54 20.58 47.99
CA PRO C 65 17.00 20.65 47.88
C PRO C 65 17.65 19.27 47.95
N GLN C 66 18.56 18.99 47.01
CA GLN C 66 19.20 17.70 46.89
C GLN C 66 20.66 17.93 46.55
N MET C 67 21.50 17.00 46.94
CA MET C 67 22.92 17.08 46.60
C MET C 67 23.18 17.21 45.09
N THR C 68 22.36 16.55 44.28
CA THR C 68 22.58 16.51 42.86
C THR C 68 22.70 17.90 42.24
N TRP C 69 21.73 18.76 42.52
CA TRP C 69 21.62 20.06 41.84
C TRP C 69 22.13 21.25 42.66
N MET C 70 22.24 21.11 43.97
CA MET C 70 22.88 22.15 44.82
C MET C 70 24.37 22.24 44.48
N VAL C 71 24.99 21.08 44.32
CA VAL C 71 26.39 21.02 43.96
C VAL C 71 26.57 21.64 42.56
N SER C 72 25.81 21.19 41.57
CA SER C 72 25.85 21.82 40.24
C SER C 72 25.62 23.32 40.33
N GLY C 73 24.59 23.70 41.08
CA GLY C 73 24.32 25.10 41.37
C GLY C 73 25.60 25.76 41.82
N LEU C 74 26.22 25.19 42.86
CA LEU C 74 27.44 25.76 43.39
C LEU C 74 28.51 25.85 42.32
N HIS C 75 28.73 24.73 41.62
CA HIS C 75 29.76 24.66 40.57
C HIS C 75 29.70 25.82 39.60
N ARG C 76 28.48 26.17 39.20
CA ARG C 76 28.24 27.33 38.37
C ARG C 76 28.47 28.60 39.17
N VAL C 77 27.74 28.79 40.26
CA VAL C 77 27.85 30.01 41.07
C VAL C 77 29.32 30.38 41.32
N THR C 78 30.12 29.43 41.74
CA THR C 78 31.56 29.66 41.92
C THR C 78 32.24 30.02 40.59
N GLY C 79 32.11 29.15 39.59
CA GLY C 79 32.72 29.41 38.29
C GLY C 79 32.47 30.81 37.79
N CYS C 80 31.22 31.26 37.88
CA CYS C 80 30.83 32.60 37.43
C CYS C 80 31.42 33.70 38.31
N ALA C 81 31.35 33.55 39.64
CA ALA C 81 31.82 34.59 40.58
C ALA C 81 33.31 34.91 40.39
N MET C 82 34.11 33.88 40.12
CA MET C 82 35.52 34.07 39.83
C MET C 82 35.69 34.90 38.56
N ALA C 83 35.05 34.47 37.48
CA ALA C 83 35.03 35.25 36.24
C ALA C 83 34.63 36.70 36.56
N GLY C 84 33.53 36.85 37.31
CA GLY C 84 33.04 38.14 37.73
C GLY C 84 34.10 38.93 38.44
N THR C 85 34.73 38.31 39.44
CA THR C 85 35.83 38.94 40.20
C THR C 85 36.95 39.37 39.27
N LEU C 86 37.35 38.48 38.36
CA LEU C 86 38.41 38.76 37.39
C LEU C 86 38.07 39.91 36.42
N LEU C 87 36.82 40.00 35.98
CA LEU C 87 36.38 41.14 35.17
C LEU C 87 36.25 42.40 36.03
N ILE C 88 35.53 42.33 37.15
CA ILE C 88 35.44 43.49 38.07
C ILE C 88 36.84 43.88 38.59
N GLY C 89 37.74 42.91 38.71
CA GLY C 89 39.10 43.17 39.14
C GLY C 89 39.95 43.80 38.04
N GLY C 90 40.12 43.07 36.95
CA GLY C 90 41.02 43.48 35.85
C GLY C 90 40.65 44.82 35.24
N VAL C 91 39.39 44.97 34.90
CA VAL C 91 38.88 46.21 34.32
C VAL C 91 38.77 47.30 35.39
N GLY C 92 38.51 46.92 36.64
CA GLY C 92 38.33 47.89 37.71
C GLY C 92 39.56 48.72 38.05
N PHE C 93 40.70 48.06 38.20
CA PHE C 93 41.95 48.76 38.57
C PHE C 93 42.54 49.52 37.39
N SER C 94 42.22 49.08 36.18
CA SER C 94 42.68 49.74 34.97
C SER C 94 41.93 51.04 34.71
N VAL C 95 40.61 51.02 34.92
CA VAL C 95 39.76 52.19 34.69
C VAL C 95 39.72 53.13 35.91
N LEU C 96 40.45 52.79 36.98
CA LEU C 96 40.57 53.68 38.14
C LEU C 96 42.02 54.14 38.35
N PRO C 97 42.21 55.27 39.06
CA PRO C 97 43.56 55.73 39.37
C PRO C 97 44.21 54.83 40.42
N LEU C 98 43.37 54.23 41.26
CA LEU C 98 43.79 53.25 42.26
C LEU C 98 44.52 52.04 41.64
N ASP C 99 45.52 51.52 42.35
CA ASP C 99 46.26 50.32 41.96
C ASP C 99 46.14 49.29 43.07
N PHE C 100 46.66 48.08 42.84
CA PHE C 100 46.44 46.98 43.77
C PHE C 100 47.20 47.13 45.10
N THR C 101 48.38 47.76 45.05
CA THR C 101 49.19 47.90 46.25
C THR C 101 48.51 48.83 47.24
N THR C 102 47.96 49.95 46.78
CA THR C 102 47.25 50.86 47.69
C THR C 102 45.96 50.23 48.24
N PHE C 103 45.36 49.30 47.49
CA PHE C 103 44.16 48.58 47.99
C PHE C 103 44.49 47.61 49.13
N VAL C 104 45.52 46.78 48.97
CA VAL C 104 45.98 45.88 50.04
C VAL C 104 46.43 46.70 51.24
N GLU C 105 47.17 47.78 50.96
CA GLU C 105 47.61 48.74 51.97
C GLU C 105 46.42 49.29 52.76
N PHE C 106 45.36 49.66 52.03
CA PHE C 106 44.18 50.25 52.65
C PHE C 106 43.55 49.35 53.72
N ILE C 107 43.33 48.08 53.38
CA ILE C 107 42.57 47.16 54.26
C ILE C 107 43.39 46.61 55.46
N ARG C 108 44.72 46.58 55.33
CA ARG C 108 45.59 46.33 56.47
C ARG C 108 45.48 47.50 57.43
N GLY C 109 45.32 48.69 56.86
CA GLY C 109 45.13 49.91 57.62
C GLY C 109 43.87 49.92 58.47
N LEU C 110 42.92 49.06 58.14
CA LEU C 110 41.67 48.97 58.91
C LEU C 110 41.85 48.20 60.22
N GLY C 111 42.96 47.48 60.36
CA GLY C 111 43.26 46.74 61.58
C GLY C 111 42.12 45.82 61.94
N ILE C 112 41.93 44.79 61.12
CA ILE C 112 40.81 43.85 61.25
C ILE C 112 41.29 42.47 61.73
N PRO C 113 40.58 41.85 62.69
CA PRO C 113 41.07 40.63 63.35
C PRO C 113 41.56 39.56 62.38
N TRP C 114 42.59 38.83 62.78
CA TRP C 114 43.23 37.86 61.90
C TRP C 114 42.27 36.73 61.51
N VAL C 115 41.38 36.37 62.42
CA VAL C 115 40.41 35.31 62.19
C VAL C 115 39.52 35.67 61.01
N ILE C 116 38.98 36.89 61.04
CA ILE C 116 38.12 37.39 59.96
C ILE C 116 38.88 37.44 58.62
N LEU C 117 40.15 37.83 58.65
CA LEU C 117 40.97 37.91 57.45
C LEU C 117 41.34 36.55 56.85
N ASP C 118 41.46 35.52 57.68
CA ASP C 118 41.70 34.18 57.18
C ASP C 118 40.42 33.48 56.75
N THR C 119 39.27 33.98 57.23
CA THR C 119 37.96 33.56 56.71
C THR C 119 37.79 34.09 55.28
N PHE C 120 38.16 35.35 55.07
CA PHE C 120 38.09 35.94 53.74
C PHE C 120 39.08 35.30 52.78
N LYS C 121 40.16 34.73 53.31
CA LYS C 121 41.04 33.90 52.48
C LYS C 121 40.41 32.54 52.19
N PHE C 122 39.77 31.93 53.19
CA PHE C 122 39.07 30.65 52.99
C PHE C 122 38.01 30.77 51.90
N ILE C 123 37.27 31.89 51.91
CA ILE C 123 36.21 32.17 50.94
C ILE C 123 36.77 32.42 49.53
N ILE C 124 38.03 32.82 49.43
CA ILE C 124 38.69 32.97 48.12
C ILE C 124 39.26 31.65 47.60
N ALA C 125 39.70 30.79 48.51
CA ALA C 125 40.29 29.51 48.12
C ALA C 125 39.22 28.50 47.74
N PHE C 126 38.21 28.36 48.60
CA PHE C 126 37.14 27.34 48.47
C PHE C 126 36.43 27.32 47.11
N PRO C 127 36.10 28.51 46.56
CA PRO C 127 35.62 28.56 45.19
C PRO C 127 36.57 27.90 44.20
N ILE C 128 37.86 28.25 44.25
CA ILE C 128 38.80 27.70 43.27
C ILE C 128 39.04 26.21 43.50
N ALA C 129 39.03 25.81 44.76
CA ALA C 129 39.25 24.41 45.14
C ALA C 129 38.06 23.55 44.73
N PHE C 130 36.87 23.97 45.15
CA PHE C 130 35.68 23.19 44.84
C PHE C 130 35.45 23.09 43.33
N HIS C 131 35.46 24.22 42.62
CA HIS C 131 35.14 24.23 41.20
C HIS C 131 36.07 23.32 40.40
N THR C 132 37.33 23.27 40.82
CA THR C 132 38.35 22.53 40.08
C THR C 132 38.21 21.03 40.29
N LEU C 133 37.99 20.63 41.55
CA LEU C 133 37.71 19.23 41.91
C LEU C 133 36.43 18.73 41.24
N ASN C 134 35.35 19.48 41.44
CA ASN C 134 34.06 19.14 40.84
C ASN C 134 34.08 19.22 39.32
N GLY C 135 35.03 19.96 38.77
CA GLY C 135 35.25 19.95 37.34
C GLY C 135 35.57 18.55 36.84
N ILE C 136 36.46 17.85 37.55
CA ILE C 136 36.92 16.55 37.09
C ILE C 136 35.75 15.58 37.23
N ARG C 137 35.06 15.64 38.37
CA ARG C 137 33.82 14.88 38.64
C ARG C 137 32.85 14.93 37.44
N PHE C 138 32.52 16.15 37.02
CA PHE C 138 31.64 16.38 35.86
C PHE C 138 32.24 15.84 34.57
N ILE C 139 33.55 15.93 34.39
CA ILE C 139 34.14 15.33 33.21
C ILE C 139 33.92 13.81 33.29
N GLY C 140 33.97 13.26 34.50
CA GLY C 140 33.55 11.89 34.73
C GLY C 140 32.13 11.65 34.22
N PHE C 141 31.16 12.34 34.83
CA PHE C 141 29.73 12.18 34.48
C PHE C 141 29.45 12.37 32.99
N ASP C 142 30.27 13.16 32.31
CA ASP C 142 30.14 13.38 30.86
C ASP C 142 30.51 12.12 30.08
N MET C 143 31.33 11.27 30.68
CA MET C 143 31.74 10.01 30.05
C MET C 143 31.08 8.80 30.71
N ALA C 144 29.93 9.04 31.33
CA ALA C 144 29.12 7.98 31.96
C ALA C 144 29.76 7.36 33.20
N LYS C 145 30.94 7.83 33.59
CA LYS C 145 31.64 7.24 34.72
C LYS C 145 31.05 7.73 36.03
N GLY C 146 30.64 6.79 36.88
CA GLY C 146 30.24 7.10 38.26
C GLY C 146 28.89 7.74 38.39
N THR C 147 27.97 7.30 37.54
CA THR C 147 26.65 7.93 37.42
C THR C 147 25.56 7.27 38.26
N ASP C 148 25.89 6.18 38.97
CA ASP C 148 24.92 5.54 39.85
C ASP C 148 24.71 6.42 41.07
N ILE C 149 23.64 6.18 41.81
CA ILE C 149 23.19 7.14 42.81
C ILE C 149 24.12 7.27 44.02
N PRO C 150 24.82 6.17 44.42
CA PRO C 150 25.92 6.28 45.41
C PRO C 150 27.16 7.02 44.90
N SER C 151 27.71 6.62 43.76
CA SER C 151 28.81 7.37 43.13
C SER C 151 28.52 8.87 42.97
N ILE C 152 27.25 9.22 42.82
CA ILE C 152 26.86 10.62 42.77
C ILE C 152 26.97 11.23 44.16
N TYR C 153 26.53 10.49 45.18
CA TYR C 153 26.53 11.01 46.54
C TYR C 153 27.90 10.90 47.26
N ARG C 154 28.80 10.03 46.81
CA ARG C 154 30.15 10.02 47.37
C ARG C 154 30.94 11.13 46.70
N GLY C 155 31.03 11.05 45.38
CA GLY C 155 31.65 12.09 44.57
C GLY C 155 31.31 13.49 45.06
N ALA C 156 30.09 13.68 45.56
CA ALA C 156 29.70 14.97 46.10
C ALA C 156 30.39 15.29 47.42
N TYR C 157 30.35 14.36 48.37
CA TYR C 157 30.96 14.62 49.70
C TYR C 157 32.48 14.68 49.61
N LEU C 158 33.07 13.75 48.86
CA LEU C 158 34.52 13.71 48.67
C LEU C 158 35.04 15.07 48.16
N VAL C 159 34.31 15.65 47.19
CA VAL C 159 34.64 16.96 46.61
C VAL C 159 34.46 18.11 47.61
N LEU C 160 33.28 18.25 48.22
CA LEU C 160 33.11 19.24 49.31
C LEU C 160 34.11 19.03 50.45
N GLY C 161 34.53 17.79 50.65
CA GLY C 161 35.51 17.46 51.68
C GLY C 161 36.87 17.97 51.29
N LEU C 162 37.45 17.36 50.25
CA LEU C 162 38.80 17.72 49.76
C LEU C 162 38.95 19.21 49.43
N ALA C 163 37.87 19.85 48.98
CA ALA C 163 37.89 21.26 48.68
C ALA C 163 37.89 22.13 49.94
N ALA C 164 37.13 21.75 50.97
CA ALA C 164 37.17 22.46 52.24
C ALA C 164 38.48 22.16 52.99
N LEU C 165 38.96 20.91 52.87
CA LEU C 165 40.24 20.50 53.45
C LEU C 165 41.37 21.33 52.88
N ILE C 166 41.49 21.32 51.56
CA ILE C 166 42.51 22.13 50.84
C ILE C 166 42.45 23.64 51.12
N SER C 167 41.24 24.19 51.31
CA SER C 167 41.09 25.63 51.58
C SER C 167 41.39 26.04 53.01
N LEU C 168 41.29 25.10 53.95
CA LEU C 168 41.75 25.33 55.32
C LEU C 168 43.27 25.11 55.38
N ALA C 169 43.74 24.08 54.66
CA ALA C 169 45.15 23.77 54.59
C ALA C 169 45.97 24.88 53.96
N VAL C 170 45.34 25.71 53.13
CA VAL C 170 46.03 26.79 52.43
C VAL C 170 45.87 28.13 53.17
N VAL C 171 45.00 28.14 54.17
CA VAL C 171 44.78 29.34 55.00
C VAL C 171 45.49 29.21 56.34
N VAL C 172 45.37 28.04 56.97
CA VAL C 172 45.86 27.83 58.34
C VAL C 172 47.34 27.42 58.38
N TYR C 173 47.84 26.77 57.33
CA TYR C 173 49.25 26.36 57.29
C TYR C 173 50.24 27.52 57.39
N PRO C 174 50.10 28.55 56.53
CA PRO C 174 51.00 29.70 56.63
C PRO C 174 50.72 30.55 57.87
N ARG C 175 49.50 30.48 58.38
CA ARG C 175 49.11 31.16 59.63
C ARG C 175 49.66 30.43 60.86
N TRP C 176 49.90 29.13 60.72
CA TRP C 176 50.54 28.31 61.74
C TRP C 176 52.06 28.43 61.60
N GLU C 177 52.51 28.76 60.39
CA GLU C 177 53.94 29.01 60.10
C GLU C 177 54.34 30.47 60.29
N ARG C 178 53.39 31.32 60.65
CA ARG C 178 53.67 32.70 61.07
C ARG C 178 53.56 32.85 62.59
N HIS C 179 52.84 31.93 63.24
CA HIS C 179 52.81 31.89 64.69
C HIS C 179 54.04 31.16 65.24
N LYS C 180 54.83 30.54 64.36
CA LYS C 180 56.16 30.00 64.72
C LYS C 180 57.22 31.11 64.75
N LYS C 181 57.29 31.94 63.71
CA LYS C 181 58.18 33.11 63.74
C LYS C 181 57.86 34.03 64.92
N ALA C 182 56.58 34.30 65.14
CA ALA C 182 56.16 35.22 66.20
C ALA C 182 56.64 34.77 67.57
N THR C 183 56.43 33.50 67.88
CA THR C 183 56.56 32.99 69.25
C THR C 183 57.72 32.00 69.48
N LEU C 184 58.30 31.44 68.41
CA LEU C 184 59.36 30.39 68.53
C LEU C 184 60.78 30.95 68.37
N PRO C 185 61.81 30.15 68.75
CA PRO C 185 63.18 30.67 68.80
C PRO C 185 63.85 30.80 67.42
N THR D 28 -28.00 22.79 18.88
CA THR D 28 -27.89 21.70 17.86
C THR D 28 -26.42 21.42 17.50
N SER D 29 -26.22 20.65 16.43
CA SER D 29 -24.91 20.49 15.82
C SER D 29 -24.94 21.17 14.46
N ALA D 30 -24.73 22.50 14.47
CA ALA D 30 -24.42 23.26 13.25
C ALA D 30 -23.02 23.88 13.48
N ALA D 31 -22.00 23.15 13.01
CA ALA D 31 -20.62 23.31 13.47
C ALA D 31 -19.64 23.41 12.33
N VAL D 32 -18.41 23.78 12.68
CA VAL D 32 -17.35 24.00 11.69
C VAL D 32 -16.56 22.71 11.40
N THR D 33 -16.05 22.57 10.18
CA THR D 33 -15.08 21.52 9.88
C THR D 33 -13.74 21.95 10.48
N GLY D 34 -13.28 21.19 11.50
CA GLY D 34 -12.06 21.51 12.24
C GLY D 34 -10.89 20.71 11.74
N ALA D 35 -9.71 21.03 12.26
CA ALA D 35 -8.47 20.51 11.72
C ALA D 35 -7.83 19.47 12.66
N ALA D 36 -6.90 18.71 12.11
CA ALA D 36 -6.13 17.74 12.86
C ALA D 36 -5.34 18.49 13.92
N PRO D 37 -5.16 17.88 15.11
CA PRO D 37 -4.41 18.61 16.15
C PRO D 37 -2.93 18.70 15.81
N PRO D 38 -2.23 19.64 16.46
CA PRO D 38 -0.84 19.84 16.08
C PRO D 38 -0.08 18.62 16.49
N GLN D 39 0.80 18.15 15.63
CA GLN D 39 1.34 16.81 15.82
C GLN D 39 2.55 16.60 14.94
N PHE D 40 3.59 16.07 15.56
CA PHE D 40 4.88 16.02 14.94
C PHE D 40 4.98 14.75 14.15
N ASP D 41 5.34 14.90 12.88
CA ASP D 41 5.62 13.76 12.01
C ASP D 41 7.14 13.66 11.82
N PRO D 42 7.75 12.59 12.37
CA PRO D 42 9.20 12.44 12.26
C PRO D 42 9.67 12.01 10.87
N ILE D 43 8.74 11.78 9.94
CA ILE D 43 9.08 11.46 8.55
C ILE D 43 8.92 12.68 7.65
N ALA D 44 7.87 13.46 7.88
CA ALA D 44 7.69 14.75 7.23
C ALA D 44 8.86 15.70 7.59
N ALA D 45 9.36 15.56 8.81
CA ALA D 45 10.54 16.30 9.25
C ALA D 45 11.81 15.92 8.47
N GLU D 46 11.89 14.69 7.96
CA GLU D 46 13.12 14.17 7.34
C GLU D 46 13.32 14.54 5.85
N LYS D 47 12.46 15.43 5.34
CA LYS D 47 12.52 15.90 3.95
C LYS D 47 13.06 17.33 3.92
N GLY D 48 14.26 17.50 3.38
CA GLY D 48 14.89 18.82 3.34
C GLY D 48 15.69 19.17 4.59
N PHE D 49 15.61 18.35 5.62
CA PHE D 49 16.42 18.60 6.80
C PHE D 49 17.84 18.14 6.53
N LYS D 50 18.80 19.03 6.72
CA LYS D 50 20.19 18.70 6.53
C LYS D 50 20.94 18.94 7.81
N PRO D 51 21.74 17.97 8.22
CA PRO D 51 22.26 17.95 9.56
C PRO D 51 23.02 19.21 9.83
N LEU D 52 22.92 19.67 11.07
CA LEU D 52 23.62 20.84 11.55
C LEU D 52 25.08 20.56 11.73
N HIS D 53 25.92 21.57 11.65
CA HIS D 53 27.32 21.29 11.78
C HIS D 53 27.45 20.71 13.13
N SER D 54 28.23 19.65 13.24
CA SER D 54 28.33 18.94 14.48
C SER D 54 29.05 19.73 15.53
N HIS D 55 28.45 19.76 16.68
CA HIS D 55 29.00 20.39 17.88
C HIS D 55 29.99 19.46 18.60
N GLY D 56 29.99 18.19 18.23
CA GLY D 56 30.77 17.14 18.91
C GLY D 56 32.26 17.41 19.10
N THR D 57 32.92 17.81 18.02
CA THR D 57 34.35 18.05 18.07
C THR D 57 34.64 19.13 19.09
N LEU D 58 33.82 20.17 19.06
CA LEU D 58 34.01 21.32 19.95
C LEU D 58 33.86 20.92 21.41
N PHE D 59 32.81 20.16 21.74
CA PHE D 59 32.57 19.71 23.11
C PHE D 59 33.78 18.94 23.64
N LYS D 60 34.42 18.18 22.75
CA LYS D 60 35.62 17.44 23.12
C LYS D 60 36.73 18.37 23.59
N ILE D 61 37.02 19.42 22.81
CA ILE D 61 38.17 20.29 23.13
C ILE D 61 37.87 21.20 24.32
N GLU D 62 36.61 21.58 24.51
CA GLU D 62 36.21 22.33 25.69
C GLU D 62 36.62 21.58 26.94
N ARG D 63 36.32 20.29 26.97
CA ARG D 63 36.50 19.49 28.17
C ARG D 63 37.96 19.08 28.31
N TYR D 64 38.57 18.69 27.19
CA TYR D 64 40.01 18.37 27.18
C TYR D 64 40.80 19.54 27.73
N PHE D 65 40.51 20.72 27.22
CA PHE D 65 41.12 21.94 27.69
C PHE D 65 40.95 22.10 29.21
N ALA D 66 39.75 21.85 29.72
CA ALA D 66 39.50 21.93 31.16
C ALA D 66 40.32 20.87 31.90
N ALA D 67 40.42 19.67 31.32
CA ALA D 67 41.22 18.60 31.91
C ALA D 67 42.68 19.01 32.03
N ALA D 68 43.20 19.64 30.97
CA ALA D 68 44.60 20.08 30.93
C ALA D 68 44.90 21.23 31.89
N MET D 69 43.86 21.96 32.31
CA MET D 69 44.02 23.00 33.33
C MET D 69 44.07 22.43 34.74
N VAL D 70 43.75 21.16 34.91
CA VAL D 70 43.76 20.55 36.23
C VAL D 70 45.15 20.59 36.88
N PRO D 71 46.23 20.32 36.12
CA PRO D 71 47.57 20.49 36.67
C PRO D 71 48.02 21.95 36.81
N LEU D 72 47.43 22.84 35.99
CA LEU D 72 47.83 24.25 35.93
C LEU D 72 47.55 24.99 37.22
N ILE D 73 46.37 24.76 37.81
CA ILE D 73 46.03 25.46 39.06
C ILE D 73 46.99 25.12 40.20
N PRO D 74 47.26 23.83 40.41
CA PRO D 74 48.28 23.50 41.43
C PRO D 74 49.69 23.95 41.03
N ALA D 75 50.01 23.93 39.74
CA ALA D 75 51.29 24.46 39.25
C ALA D 75 51.47 25.89 39.75
N ALA D 76 50.46 26.73 39.51
CA ALA D 76 50.49 28.14 39.88
C ALA D 76 50.45 28.40 41.39
N TYR D 77 50.18 27.38 42.21
CA TYR D 77 50.27 27.54 43.66
C TYR D 77 51.72 27.64 44.07
N PHE D 78 52.55 26.77 43.50
CA PHE D 78 53.96 26.71 43.85
C PHE D 78 54.75 27.74 43.05
N ILE D 79 54.61 27.72 41.73
CA ILE D 79 55.44 28.59 40.87
C ILE D 79 54.65 29.87 40.47
N HIS D 80 55.23 31.04 40.80
CA HIS D 80 54.63 32.34 40.54
C HIS D 80 55.43 33.09 39.47
N GLY D 81 55.09 34.36 39.24
CA GLY D 81 55.84 35.20 38.33
C GLY D 81 55.12 35.50 37.04
N ARG D 82 55.81 36.19 36.14
CA ARG D 82 55.17 36.79 34.98
C ARG D 82 54.84 35.83 33.85
N GLU D 83 55.56 34.73 33.73
CA GLU D 83 55.24 33.75 32.71
C GLU D 83 53.99 32.95 33.10
N MET D 84 53.81 32.74 34.40
CA MET D 84 52.61 32.05 34.91
C MET D 84 51.38 32.93 34.73
N ASP D 85 51.44 34.15 35.29
CA ASP D 85 50.40 35.16 35.11
C ASP D 85 49.84 35.20 33.69
N LEU D 86 50.74 35.10 32.72
CA LEU D 86 50.36 35.15 31.30
C LEU D 86 49.63 33.90 30.85
N CYS D 87 50.03 32.74 31.37
CA CYS D 87 49.46 31.46 30.94
C CYS D 87 48.11 31.16 31.59
N LEU D 88 47.90 31.69 32.79
CA LEU D 88 46.58 31.72 33.41
C LEU D 88 45.62 32.60 32.60
N ALA D 89 45.97 33.88 32.48
CA ALA D 89 45.16 34.82 31.69
C ALA D 89 44.73 34.25 30.32
N LEU D 90 45.64 33.61 29.61
CA LEU D 90 45.31 32.98 28.33
C LEU D 90 44.36 31.80 28.49
N ALA D 91 44.64 30.93 29.46
CA ALA D 91 43.84 29.73 29.69
C ALA D 91 42.46 30.05 30.24
N LEU D 92 42.42 30.77 31.36
CA LEU D 92 41.15 31.19 31.98
C LEU D 92 40.22 31.90 31.02
N THR D 93 40.74 32.87 30.27
CA THR D 93 39.96 33.56 29.24
C THR D 93 39.25 32.56 28.33
N LEU D 94 40.02 31.65 27.74
CA LEU D 94 39.49 30.69 26.77
C LEU D 94 38.52 29.69 27.40
N HIS D 95 38.76 29.35 28.67
CA HIS D 95 37.86 28.49 29.41
C HIS D 95 36.58 29.23 29.75
N VAL D 96 36.72 30.41 30.36
CA VAL D 96 35.58 31.26 30.77
C VAL D 96 34.82 31.84 29.56
N HIS D 97 35.49 31.91 28.40
CA HIS D 97 34.80 32.24 27.15
C HIS D 97 33.73 31.19 26.86
N TRP D 98 34.13 29.93 26.93
CA TRP D 98 33.21 28.83 26.68
C TRP D 98 32.27 28.61 27.85
N GLY D 99 32.69 29.01 29.04
CA GLY D 99 31.84 28.95 30.20
C GLY D 99 30.62 29.82 29.98
N VAL D 100 30.84 31.14 29.93
CA VAL D 100 29.73 32.10 29.87
C VAL D 100 28.88 31.95 28.61
N TRP D 101 29.44 31.44 27.52
CA TRP D 101 28.63 31.18 26.34
C TRP D 101 27.55 30.18 26.66
N GLY D 102 27.88 29.16 27.43
CA GLY D 102 26.90 28.17 27.85
C GLY D 102 25.90 28.71 28.87
N VAL D 103 26.32 29.68 29.68
CA VAL D 103 25.46 30.22 30.75
C VAL D 103 24.50 31.25 30.19
N VAL D 104 24.96 31.91 29.13
CA VAL D 104 24.16 32.85 28.38
C VAL D 104 23.10 32.07 27.61
N ASN D 105 23.49 30.96 26.99
CA ASN D 105 22.53 30.19 26.22
C ASN D 105 21.47 29.51 27.11
N ASP D 106 21.74 29.38 28.40
CA ASP D 106 20.77 28.83 29.31
C ASP D 106 19.77 29.90 29.70
N TYR D 107 20.25 31.03 30.21
CA TYR D 107 19.35 32.05 30.78
C TYR D 107 18.94 33.14 29.82
N GLY D 108 19.52 33.19 28.63
CA GLY D 108 19.24 34.24 27.65
C GLY D 108 18.28 33.74 26.59
N ARG D 109 17.09 33.37 27.03
CA ARG D 109 16.16 32.62 26.19
C ARG D 109 15.24 33.56 25.41
N PRO D 110 14.97 33.24 24.12
CA PRO D 110 14.03 34.10 23.37
C PRO D 110 12.64 34.12 23.99
N PHE D 111 12.17 32.97 24.48
CA PHE D 111 10.79 32.87 25.02
C PHE D 111 10.51 33.78 26.22
N VAL D 112 11.56 34.35 26.83
CA VAL D 112 11.37 35.24 27.96
C VAL D 112 12.02 36.64 27.74
N LEU D 113 13.01 36.78 26.86
CA LEU D 113 13.57 38.10 26.55
C LEU D 113 13.09 38.68 25.23
N GLY D 114 12.43 37.88 24.40
CA GLY D 114 12.15 38.28 23.04
C GLY D 114 13.41 38.09 22.24
N ASP D 115 13.29 38.13 20.91
CA ASP D 115 14.38 37.71 20.01
C ASP D 115 15.66 38.57 20.10
N THR D 116 15.58 39.86 19.81
CA THR D 116 16.80 40.68 19.68
C THR D 116 17.48 41.00 21.02
N LEU D 117 16.71 41.14 22.10
CA LEU D 117 17.35 41.32 23.42
C LEU D 117 18.17 40.08 23.83
N ALA D 118 17.72 38.90 23.45
CA ALA D 118 18.44 37.65 23.71
C ALA D 118 19.71 37.55 22.87
N ALA D 119 19.62 37.98 21.62
CA ALA D 119 20.77 38.12 20.74
C ALA D 119 21.76 39.18 21.24
N ALA D 120 21.25 40.22 21.88
CA ALA D 120 22.12 41.21 22.51
C ALA D 120 22.96 40.57 23.61
N VAL D 121 22.35 39.64 24.34
CA VAL D 121 23.01 38.94 25.45
C VAL D 121 24.07 37.97 24.92
N ARG D 122 23.77 37.31 23.81
CA ARG D 122 24.77 36.53 23.08
C ARG D 122 25.95 37.38 22.60
N VAL D 123 25.69 38.59 22.12
CA VAL D 123 26.77 39.48 21.73
C VAL D 123 27.54 39.93 22.98
N GLY D 124 26.83 40.33 24.02
CA GLY D 124 27.46 40.74 25.29
C GLY D 124 28.29 39.67 25.97
N ALA D 125 28.14 38.43 25.53
CA ALA D 125 28.99 37.32 25.97
C ALA D 125 30.39 37.42 25.37
N TYR D 126 30.45 37.84 24.10
CA TYR D 126 31.72 38.06 23.40
C TYR D 126 32.38 39.35 23.82
N ILE D 127 31.58 40.30 24.33
CA ILE D 127 32.13 41.53 24.91
C ILE D 127 32.79 41.16 26.26
N PHE D 128 32.04 40.43 27.09
CA PHE D 128 32.52 39.97 28.41
C PHE D 128 33.85 39.20 28.32
N THR D 129 33.98 38.39 27.28
CA THR D 129 35.19 37.61 27.02
C THR D 129 36.39 38.51 26.66
N ALA D 130 36.14 39.55 25.87
CA ALA D 130 37.19 40.45 25.40
C ALA D 130 37.49 41.61 26.35
N CYS D 131 36.61 41.90 27.30
CA CYS D 131 36.92 42.84 28.39
C CYS D 131 37.62 42.13 29.54
N LEU D 132 37.32 40.84 29.71
CA LEU D 132 37.99 40.02 30.71
C LEU D 132 39.48 40.01 30.44
N LEU D 133 39.83 39.74 29.19
CA LEU D 133 41.23 39.63 28.78
C LEU D 133 41.95 40.95 28.91
N ALA D 134 41.40 41.99 28.28
CA ALA D 134 42.04 43.29 28.26
C ALA D 134 42.41 43.70 29.67
N GLY D 135 41.45 43.61 30.59
CA GLY D 135 41.67 43.90 32.01
C GLY D 135 42.72 43.01 32.65
N LEU D 136 42.72 41.71 32.32
CA LEU D 136 43.77 40.80 32.79
C LEU D 136 45.14 41.17 32.25
N LEU D 137 45.27 41.23 30.93
CA LEU D 137 46.51 41.66 30.27
C LEU D 137 47.01 42.98 30.84
N TYR D 138 46.09 43.93 31.01
CA TYR D 138 46.43 45.19 31.65
C TYR D 138 47.05 44.93 33.02
N PHE D 139 46.34 44.15 33.82
CA PHE D 139 46.72 43.88 35.22
C PHE D 139 48.12 43.28 35.35
N ASN D 140 48.49 42.40 34.42
CA ASN D 140 49.79 41.74 34.46
C ASN D 140 50.90 42.65 33.97
N GLU D 141 50.58 43.51 33.01
CA GLU D 141 51.55 44.42 32.38
C GLU D 141 51.75 45.78 33.08
N HIS D 142 50.78 46.21 33.88
CA HIS D 142 50.88 47.50 34.56
C HIS D 142 50.49 47.42 36.02
N ASP D 143 50.57 46.22 36.59
CA ASP D 143 50.26 46.00 37.99
C ASP D 143 50.89 44.68 38.41
N VAL D 144 50.75 44.34 39.69
CA VAL D 144 51.47 43.22 40.29
C VAL D 144 51.36 41.88 39.54
N GLY D 145 50.23 41.63 38.88
CA GLY D 145 49.96 40.35 38.21
C GLY D 145 49.05 39.48 39.06
N LEU D 146 48.50 38.43 38.49
CA LEU D 146 47.56 37.55 39.21
C LEU D 146 48.19 36.86 40.43
N THR D 147 49.37 36.27 40.25
CA THR D 147 50.06 35.56 41.34
C THR D 147 50.48 36.51 42.47
N ARG D 148 51.22 37.54 42.11
CA ARG D 148 51.66 38.54 43.09
C ARG D 148 50.47 39.14 43.84
N ALA D 149 49.34 39.32 43.14
CA ALA D 149 48.13 39.84 43.77
C ALA D 149 47.61 38.91 44.85
N PHE D 150 47.64 37.60 44.58
CA PHE D 150 47.26 36.61 45.58
C PHE D 150 48.23 36.59 46.77
N GLU D 151 49.54 36.62 46.47
CA GLU D 151 50.54 36.66 47.54
C GLU D 151 50.15 37.71 48.57
N MET D 152 49.92 38.93 48.09
CA MET D 152 49.73 40.11 48.95
C MET D 152 48.47 40.10 49.83
N VAL D 153 47.42 39.39 49.41
CA VAL D 153 46.24 39.23 50.27
C VAL D 153 46.47 38.10 51.26
N TRP D 154 47.36 37.18 50.92
CA TRP D 154 47.78 36.11 51.84
C TRP D 154 48.83 36.59 52.85
N GLU D 155 49.45 37.74 52.57
CA GLU D 155 50.35 38.39 53.52
C GLU D 155 49.59 39.28 54.52
N LEU D 156 48.27 39.35 54.43
CA LEU D 156 47.47 40.08 55.42
C LEU D 156 47.39 39.30 56.73
N SER E 30 -8.71 31.13 -26.27
CA SER E 30 -10.22 31.07 -26.30
C SER E 30 -10.86 32.19 -27.13
N ASN E 31 -10.13 32.67 -28.14
CA ASN E 31 -10.60 33.81 -28.96
C ASN E 31 -11.69 33.45 -29.96
N ILE E 32 -11.29 32.81 -31.06
CA ILE E 32 -12.19 32.61 -32.22
C ILE E 32 -13.24 31.48 -31.99
N ALA E 33 -13.28 30.87 -30.81
CA ALA E 33 -14.31 29.85 -30.49
C ALA E 33 -14.67 29.75 -28.99
N GLN E 34 -15.64 28.88 -28.69
CA GLN E 34 -16.08 28.58 -27.31
C GLN E 34 -15.54 27.19 -26.91
N TYR E 35 -15.08 27.04 -25.67
CA TYR E 35 -14.57 25.75 -25.19
C TYR E 35 -15.20 25.28 -23.88
N LYS E 36 -15.78 24.08 -23.92
CA LYS E 36 -16.30 23.40 -22.72
C LYS E 36 -15.11 22.80 -21.99
N VAL E 37 -14.99 23.09 -20.70
CA VAL E 37 -13.87 22.59 -19.90
C VAL E 37 -14.43 21.75 -18.77
N ILE E 38 -13.63 20.80 -18.30
CA ILE E 38 -14.07 19.87 -17.26
C ILE E 38 -12.92 19.62 -16.28
N ASP E 39 -13.25 19.63 -14.98
CA ASP E 39 -12.25 19.44 -13.93
C ASP E 39 -12.37 18.04 -13.31
N HIS E 40 -11.21 17.49 -12.96
CA HIS E 40 -11.10 16.17 -12.36
C HIS E 40 -10.12 16.22 -11.20
N ALA E 41 -10.28 15.35 -10.21
CA ALA E 41 -9.31 15.24 -9.11
C ALA E 41 -8.94 13.78 -8.78
N TYR E 42 -7.65 13.47 -8.92
CA TYR E 42 -7.12 12.13 -8.68
C TYR E 42 -5.86 12.28 -7.85
N ASP E 43 -5.47 11.19 -7.21
CA ASP E 43 -4.25 11.19 -6.44
C ASP E 43 -3.06 11.17 -7.38
N VAL E 44 -3.12 10.32 -8.40
CA VAL E 44 -2.09 10.31 -9.44
C VAL E 44 -2.68 10.21 -10.86
N VAL E 45 -2.05 10.94 -11.77
CA VAL E 45 -2.39 10.90 -13.17
C VAL E 45 -1.17 10.36 -13.89
N ILE E 46 -1.39 9.33 -14.70
CA ILE E 46 -0.35 8.76 -15.54
C ILE E 46 -0.68 9.11 -16.98
N ILE E 47 0.25 9.76 -17.66
CA ILE E 47 0.08 10.10 -19.07
C ILE E 47 0.79 9.02 -19.83
N GLY E 48 0.02 8.10 -20.39
CA GLY E 48 0.56 7.00 -21.16
C GLY E 48 0.07 5.66 -20.65
N ALA E 49 -0.20 4.75 -21.56
CA ALA E 49 -0.56 3.40 -21.18
C ALA E 49 0.21 2.41 -22.06
N GLY E 50 1.53 2.59 -22.11
CA GLY E 50 2.41 1.64 -22.78
C GLY E 50 2.85 0.61 -21.79
N GLY E 51 4.09 0.14 -21.92
CA GLY E 51 4.68 -0.70 -20.87
C GLY E 51 4.70 0.06 -19.54
N ALA E 52 5.51 1.12 -19.51
CA ALA E 52 5.78 1.88 -18.30
C ALA E 52 4.52 2.47 -17.68
N GLY E 53 3.66 3.05 -18.49
CA GLY E 53 2.40 3.60 -18.00
C GLY E 53 1.64 2.57 -17.18
N LEU E 54 1.33 1.43 -17.79
CA LEU E 54 0.47 0.44 -17.16
C LEU E 54 1.13 -0.20 -15.94
N ARG E 55 2.42 -0.50 -16.02
CA ARG E 55 3.08 -1.12 -14.86
C ARG E 55 2.99 -0.19 -13.66
N ALA E 56 3.21 1.11 -13.89
CA ALA E 56 3.01 2.10 -12.85
C ALA E 56 1.57 2.14 -12.35
N ALA E 57 0.61 1.98 -13.25
CA ALA E 57 -0.82 2.02 -12.89
C ALA E 57 -1.25 0.79 -12.09
N MET E 58 -0.72 -0.38 -12.46
CA MET E 58 -0.89 -1.57 -11.68
C MET E 58 -0.36 -1.33 -10.28
N GLY E 59 0.90 -0.92 -10.19
CA GLY E 59 1.47 -0.60 -8.89
C GLY E 59 0.54 0.25 -8.04
N LEU E 60 0.12 1.40 -8.58
CA LEU E 60 -0.56 2.41 -7.78
C LEU E 60 -1.98 2.03 -7.37
N GLY E 61 -2.74 1.44 -8.28
CA GLY E 61 -4.10 1.02 -7.99
C GLY E 61 -4.14 0.00 -6.86
N GLU E 62 -3.38 -1.08 -7.04
CA GLU E 62 -3.18 -2.12 -6.02
C GLU E 62 -2.94 -1.53 -4.63
N ALA E 63 -2.16 -0.47 -4.57
CA ALA E 63 -1.88 0.23 -3.32
C ALA E 63 -2.88 1.37 -3.08
N GLY E 64 -4.14 1.12 -3.41
CA GLY E 64 -5.25 1.97 -2.94
C GLY E 64 -5.50 3.30 -3.63
N PHE E 65 -4.51 3.82 -4.33
CA PHE E 65 -4.62 5.15 -4.96
C PHE E 65 -5.66 5.24 -6.07
N LYS E 66 -6.41 6.34 -6.05
CA LYS E 66 -7.33 6.70 -7.11
C LYS E 66 -6.50 7.23 -8.28
N THR E 67 -6.45 6.43 -9.34
CA THR E 67 -5.54 6.65 -10.46
C THR E 67 -6.35 6.95 -11.73
N ALA E 68 -5.94 7.99 -12.44
CA ALA E 68 -6.45 8.23 -13.78
C ALA E 68 -5.34 7.92 -14.76
N VAL E 69 -5.64 7.13 -15.79
CA VAL E 69 -4.70 6.90 -16.89
C VAL E 69 -5.19 7.64 -18.13
N VAL E 70 -4.38 8.58 -18.61
CA VAL E 70 -4.71 9.36 -19.80
C VAL E 70 -3.84 8.87 -20.96
N THR E 71 -4.49 8.38 -22.01
CA THR E 71 -3.78 7.95 -23.22
C THR E 71 -4.51 8.37 -24.50
N LYS E 72 -3.77 8.53 -25.60
CA LYS E 72 -4.37 8.99 -26.84
C LYS E 72 -4.84 7.85 -27.73
N MET E 73 -4.72 6.62 -27.23
CA MET E 73 -5.19 5.43 -27.93
C MET E 73 -5.38 4.31 -26.93
N PHE E 74 -6.19 3.32 -27.28
CA PHE E 74 -6.40 2.15 -26.44
C PHE E 74 -5.05 1.50 -26.16
N PRO E 75 -4.74 1.23 -24.88
CA PRO E 75 -3.37 0.92 -24.45
C PRO E 75 -2.70 -0.23 -25.20
N THR E 76 -3.45 -1.27 -25.51
CA THR E 76 -3.02 -2.34 -26.42
C THR E 76 -2.32 -1.87 -27.70
N ARG E 77 -2.78 -0.74 -28.24
CA ARG E 77 -2.25 -0.17 -29.50
C ARG E 77 -0.89 0.48 -29.34
N SER E 78 -0.49 0.72 -28.09
CA SER E 78 0.79 1.36 -27.81
C SER E 78 1.90 0.58 -28.44
N HIS E 79 3.02 1.24 -28.59
CA HIS E 79 4.11 0.70 -29.35
C HIS E 79 4.79 -0.49 -28.71
N THR E 80 4.75 -0.59 -27.39
CA THR E 80 5.26 -1.77 -26.72
C THR E 80 4.75 -3.01 -27.46
N THR E 81 3.49 -2.99 -27.93
CA THR E 81 2.92 -4.09 -28.71
C THR E 81 3.77 -4.54 -29.93
N ALA E 82 4.54 -3.62 -30.51
CA ALA E 82 5.34 -3.95 -31.69
C ALA E 82 6.74 -4.47 -31.34
N ALA E 83 7.05 -4.58 -30.07
CA ALA E 83 8.29 -5.20 -29.64
C ALA E 83 8.29 -6.71 -29.86
N GLN E 84 9.47 -7.24 -30.15
CA GLN E 84 9.65 -8.62 -30.62
C GLN E 84 10.69 -9.41 -29.84
N GLY E 85 11.96 -8.99 -29.94
CA GLY E 85 13.11 -9.75 -29.47
C GLY E 85 13.03 -10.32 -28.06
N GLY E 86 12.73 -9.47 -27.09
CA GLY E 86 12.52 -9.96 -25.73
C GLY E 86 12.93 -8.99 -24.64
N ILE E 87 13.13 -9.52 -23.45
CA ILE E 87 13.32 -8.70 -22.26
C ILE E 87 14.37 -9.39 -21.38
N ASN E 88 15.32 -8.60 -20.87
CA ASN E 88 16.53 -9.14 -20.23
C ASN E 88 16.38 -9.42 -18.74
N ALA E 89 16.84 -10.61 -18.36
CA ALA E 89 16.92 -11.00 -16.97
C ALA E 89 17.86 -12.20 -16.87
N ALA E 90 18.59 -12.27 -15.76
CA ALA E 90 19.51 -13.39 -15.52
C ALA E 90 18.77 -14.50 -14.79
N LEU E 91 17.83 -15.13 -15.47
CA LEU E 91 17.03 -16.20 -14.85
C LEU E 91 17.84 -17.49 -14.82
N GLY E 92 18.73 -17.62 -15.79
CA GLY E 92 19.54 -18.80 -15.92
C GLY E 92 18.65 -19.99 -16.21
N SER E 93 17.84 -19.88 -17.25
CA SER E 93 17.01 -20.97 -17.70
C SER E 93 17.78 -21.84 -18.69
N MET E 94 18.86 -21.30 -19.25
CA MET E 94 19.64 -21.95 -20.31
C MET E 94 21.12 -22.23 -19.97
N ASN E 95 21.60 -21.57 -18.92
CA ASN E 95 22.98 -21.67 -18.44
C ASN E 95 23.02 -20.87 -17.15
N PRO E 96 24.10 -20.97 -16.37
CA PRO E 96 24.14 -20.11 -15.18
C PRO E 96 24.37 -18.64 -15.55
N ASP E 97 23.94 -17.74 -14.69
CA ASP E 97 23.99 -16.30 -14.98
C ASP E 97 24.07 -15.48 -13.72
N ASP E 98 24.42 -14.21 -13.89
CA ASP E 98 24.52 -13.29 -12.76
C ASP E 98 24.17 -11.85 -13.18
N TRP E 99 23.15 -11.29 -12.54
CA TRP E 99 22.71 -9.93 -12.84
C TRP E 99 23.82 -8.89 -12.88
N LYS E 100 24.93 -9.12 -12.16
CA LYS E 100 26.10 -8.25 -12.26
C LYS E 100 26.78 -8.37 -13.62
N TRP E 101 26.65 -9.53 -14.27
CA TRP E 101 27.15 -9.74 -15.63
C TRP E 101 26.33 -8.96 -16.64
N HIS E 102 25.02 -8.88 -16.35
CA HIS E 102 24.06 -8.02 -17.04
C HIS E 102 24.45 -6.56 -16.77
N PHE E 103 24.53 -6.19 -15.49
CA PHE E 103 24.98 -4.86 -15.08
C PHE E 103 26.24 -4.41 -15.76
N TYR E 104 27.18 -5.33 -15.93
CA TYR E 104 28.42 -5.00 -16.62
C TYR E 104 28.14 -4.70 -18.09
N ASP E 105 27.36 -5.54 -18.75
CA ASP E 105 27.06 -5.38 -20.18
C ASP E 105 26.16 -4.17 -20.46
N THR E 106 25.24 -3.92 -19.53
CA THR E 106 24.39 -2.73 -19.57
C THR E 106 25.25 -1.46 -19.49
N VAL E 107 26.34 -1.51 -18.74
CA VAL E 107 27.24 -0.35 -18.61
C VAL E 107 28.22 -0.28 -19.78
N LYS E 108 28.82 -1.41 -20.14
CA LYS E 108 29.74 -1.43 -21.25
C LYS E 108 29.05 -0.98 -22.54
N GLY E 109 27.76 -1.26 -22.64
CA GLY E 109 26.95 -0.80 -23.79
C GLY E 109 26.74 0.71 -23.77
N SER E 110 26.25 1.22 -22.64
CA SER E 110 26.01 2.66 -22.50
C SER E 110 27.22 3.49 -22.94
N ASP E 111 28.41 2.87 -22.90
CA ASP E 111 29.68 3.54 -23.24
C ASP E 111 30.05 4.53 -22.13
N TRP E 112 29.62 4.23 -20.92
CA TRP E 112 29.97 4.99 -19.73
C TRP E 112 29.43 6.39 -19.70
N LEU E 113 28.41 6.65 -20.51
CA LEU E 113 27.66 7.88 -20.35
C LEU E 113 26.52 7.64 -19.39
N GLY E 114 26.26 6.37 -19.04
CA GLY E 114 25.13 6.00 -18.20
C GLY E 114 25.35 6.27 -16.73
N ASP E 115 24.28 6.57 -16.02
CA ASP E 115 24.31 6.77 -14.57
C ASP E 115 24.24 5.39 -13.92
N GLN E 116 25.35 4.95 -13.33
CA GLN E 116 25.52 3.56 -12.94
C GLN E 116 24.67 3.16 -11.75
N ASN E 117 24.28 4.13 -10.95
CA ASN E 117 23.32 3.88 -9.88
C ASN E 117 21.96 3.41 -10.43
N ALA E 118 21.53 3.98 -11.56
CA ALA E 118 20.23 3.62 -12.15
C ALA E 118 20.31 2.31 -12.95
N MET E 119 21.44 2.08 -13.62
CA MET E 119 21.71 0.80 -14.30
C MET E 119 21.87 -0.36 -13.32
N HIS E 120 22.32 -0.04 -12.10
CA HIS E 120 22.34 -0.97 -10.98
C HIS E 120 20.89 -1.34 -10.63
N TYR E 121 20.08 -0.33 -10.30
CA TYR E 121 18.68 -0.55 -9.95
C TYR E 121 17.97 -1.39 -10.98
N LEU E 122 18.29 -1.17 -12.25
CA LEU E 122 17.65 -1.88 -13.36
C LEU E 122 18.01 -3.37 -13.33
N THR E 123 19.30 -3.64 -13.32
CA THR E 123 19.77 -5.01 -13.47
C THR E 123 19.53 -5.84 -12.22
N ARG E 124 19.60 -5.20 -11.05
CA ARG E 124 19.33 -5.88 -9.77
C ARG E 124 17.89 -6.38 -9.67
N ASN E 125 16.92 -5.52 -10.02
CA ASN E 125 15.51 -5.90 -9.98
C ASN E 125 14.99 -6.56 -11.26
N ALA E 126 15.88 -6.98 -12.15
CA ALA E 126 15.49 -7.49 -13.46
C ALA E 126 14.88 -8.87 -13.41
N VAL E 127 15.34 -9.73 -12.51
CA VAL E 127 14.81 -11.10 -12.40
C VAL E 127 13.42 -11.12 -11.73
N GLU E 128 13.29 -10.32 -10.67
CA GLU E 128 12.02 -10.16 -9.97
C GLU E 128 10.93 -9.57 -10.88
N ALA E 129 11.30 -8.59 -11.70
CA ALA E 129 10.32 -7.90 -12.55
C ALA E 129 9.86 -8.76 -13.73
N VAL E 130 10.71 -9.67 -14.21
CA VAL E 130 10.32 -10.61 -15.27
C VAL E 130 9.57 -11.81 -14.71
N THR E 131 9.88 -12.19 -13.48
CA THR E 131 9.12 -13.22 -12.82
C THR E 131 7.66 -12.75 -12.67
N GLU E 132 7.48 -11.57 -12.08
CA GLU E 132 6.16 -10.94 -11.93
C GLU E 132 5.31 -10.99 -13.19
N LEU E 133 5.91 -10.73 -14.35
CA LEU E 133 5.17 -10.77 -15.61
C LEU E 133 4.59 -12.16 -15.86
N GLU E 134 5.39 -13.19 -15.59
CA GLU E 134 4.95 -14.57 -15.77
C GLU E 134 3.89 -14.95 -14.72
N ASN E 135 4.01 -14.38 -13.53
CA ASN E 135 3.00 -14.56 -12.50
C ASN E 135 1.72 -13.78 -12.77
N PHE E 136 1.82 -12.69 -13.53
CA PHE E 136 0.62 -11.95 -14.00
C PHE E 136 -0.16 -12.71 -15.08
N GLY E 137 0.50 -13.64 -15.78
CA GLY E 137 -0.13 -14.45 -16.82
C GLY E 137 0.53 -14.35 -18.19
N MET E 138 1.73 -13.77 -18.27
CA MET E 138 2.39 -13.60 -19.55
C MET E 138 2.92 -14.94 -20.05
N PRO E 139 2.45 -15.39 -21.22
CA PRO E 139 2.60 -16.75 -21.70
C PRO E 139 3.95 -17.08 -22.33
N PHE E 140 5.02 -17.00 -21.55
CA PHE E 140 6.37 -17.18 -22.10
C PHE E 140 6.58 -18.49 -22.83
N SER E 141 7.51 -18.46 -23.79
CA SER E 141 8.04 -19.67 -24.39
C SER E 141 8.75 -20.45 -23.30
N ARG E 142 8.75 -21.78 -23.43
CA ARG E 142 9.26 -22.64 -22.37
C ARG E 142 10.40 -23.59 -22.77
N THR E 143 11.14 -23.99 -21.75
CA THR E 143 12.23 -24.92 -21.87
C THR E 143 11.75 -26.31 -21.45
N PRO E 144 12.41 -27.35 -21.94
CA PRO E 144 12.15 -28.72 -21.48
C PRO E 144 12.02 -28.88 -19.95
N GLU E 145 12.72 -28.07 -19.15
CA GLU E 145 12.54 -28.09 -17.70
C GLU E 145 11.26 -27.36 -17.24
N GLY E 146 10.55 -26.72 -18.18
CA GLY E 146 9.34 -25.95 -17.88
C GLY E 146 9.59 -24.49 -17.51
N LYS E 147 10.83 -24.03 -17.71
CA LYS E 147 11.21 -22.66 -17.37
C LYS E 147 11.17 -21.75 -18.60
N ILE E 148 11.35 -20.45 -18.38
CA ILE E 148 11.23 -19.43 -19.44
C ILE E 148 12.37 -19.55 -20.45
N TYR E 149 12.02 -19.64 -21.73
CA TYR E 149 13.03 -19.80 -22.78
C TYR E 149 13.75 -18.50 -22.97
N GLN E 150 15.08 -18.56 -23.11
CA GLN E 150 15.87 -17.37 -23.31
C GLN E 150 16.67 -17.52 -24.59
N ARG E 151 17.12 -16.40 -25.15
CA ARG E 151 17.87 -16.43 -26.40
C ARG E 151 19.07 -15.48 -26.34
N SER E 152 19.91 -15.55 -27.37
CA SER E 152 21.06 -14.66 -27.49
C SER E 152 20.64 -13.35 -28.13
N PHE E 153 21.26 -12.27 -27.70
CA PHE E 153 20.89 -10.95 -28.16
C PHE E 153 22.13 -10.06 -28.32
N GLY E 154 21.92 -8.81 -28.71
CA GLY E 154 23.02 -7.92 -29.04
C GLY E 154 23.77 -7.42 -27.84
N GLY E 155 25.07 -7.71 -27.81
CA GLY E 155 26.01 -7.07 -26.89
C GLY E 155 26.04 -7.59 -25.45
N GLN E 156 25.63 -8.84 -25.24
CA GLN E 156 25.61 -9.42 -23.91
C GLN E 156 26.57 -10.60 -23.84
N SER E 157 27.13 -10.82 -22.65
CA SER E 157 28.19 -11.81 -22.43
C SER E 157 28.21 -12.29 -20.98
N ASN E 158 28.63 -13.54 -20.78
CA ASN E 158 28.84 -14.08 -19.43
C ASN E 158 30.26 -13.85 -18.92
N ASN E 159 30.37 -13.73 -17.60
CA ASN E 159 31.65 -13.54 -16.91
C ASN E 159 32.34 -12.21 -17.29
N TYR E 160 31.58 -11.13 -17.14
CA TYR E 160 32.11 -9.78 -17.31
C TYR E 160 32.88 -9.65 -18.62
N GLY E 161 32.35 -10.23 -19.69
CA GLY E 161 32.99 -10.17 -21.00
C GLY E 161 33.94 -11.33 -21.31
N LYS E 162 34.50 -11.95 -20.27
CA LYS E 162 35.51 -12.98 -20.49
C LYS E 162 34.92 -14.32 -20.94
N GLY E 163 33.67 -14.60 -20.53
CA GLY E 163 33.02 -15.88 -20.84
C GLY E 163 32.55 -15.97 -22.28
N GLY E 164 31.42 -16.64 -22.49
CA GLY E 164 30.84 -16.76 -23.84
C GLY E 164 29.83 -15.68 -24.14
N VAL E 165 29.10 -15.86 -25.24
CA VAL E 165 27.98 -14.99 -25.60
C VAL E 165 26.79 -15.33 -24.70
N ALA E 166 26.11 -14.33 -24.14
CA ALA E 166 25.07 -14.57 -23.13
C ALA E 166 23.71 -15.01 -23.68
N LYS E 167 22.91 -15.59 -22.76
CA LYS E 167 21.56 -16.05 -23.05
C LYS E 167 20.65 -15.61 -21.90
N ARG E 168 20.15 -14.37 -21.98
CA ARG E 168 19.31 -13.74 -20.94
C ARG E 168 17.97 -13.23 -21.45
N THR E 169 17.80 -13.17 -22.77
CA THR E 169 16.66 -12.49 -23.37
C THR E 169 15.42 -13.35 -23.34
N CYS E 170 14.65 -13.23 -22.24
CA CYS E 170 13.39 -13.95 -22.07
C CYS E 170 12.40 -13.53 -23.15
N CYS E 171 11.79 -14.48 -23.84
CA CYS E 171 10.83 -14.12 -24.89
C CYS E 171 9.57 -15.01 -24.99
N VAL E 172 8.46 -14.36 -25.38
CA VAL E 172 7.29 -15.05 -25.91
C VAL E 172 7.54 -15.16 -27.40
N ALA E 173 8.43 -16.07 -27.78
CA ALA E 173 8.87 -16.18 -29.14
C ALA E 173 9.20 -14.79 -29.69
N ASP E 174 8.40 -14.34 -30.65
CA ASP E 174 8.74 -13.23 -31.51
C ASP E 174 7.79 -12.06 -31.31
N ARG E 175 6.87 -12.21 -30.34
CA ARG E 175 5.80 -11.26 -30.15
C ARG E 175 5.70 -10.89 -28.68
N THR E 176 6.86 -10.55 -28.11
CA THR E 176 7.03 -10.44 -26.68
C THR E 176 6.42 -9.15 -26.16
N GLY E 177 6.53 -8.07 -26.93
CA GLY E 177 5.94 -6.79 -26.54
C GLY E 177 4.43 -6.84 -26.50
N HIS E 178 3.84 -7.30 -27.60
CA HIS E 178 2.41 -7.63 -27.70
C HIS E 178 1.91 -8.39 -26.50
N SER E 179 2.67 -9.41 -26.11
CA SER E 179 2.29 -10.29 -25.02
C SER E 179 2.47 -9.63 -23.64
N MET E 180 3.58 -8.92 -23.47
CA MET E 180 3.86 -8.22 -22.22
C MET E 180 2.79 -7.16 -21.92
N LEU E 181 2.38 -6.44 -22.97
CA LEU E 181 1.43 -5.34 -22.85
C LEU E 181 0.00 -5.83 -22.68
N HIS E 182 -0.35 -6.90 -23.38
CA HIS E 182 -1.68 -7.49 -23.23
C HIS E 182 -1.84 -8.04 -21.81
N THR E 183 -0.78 -8.65 -21.28
CA THR E 183 -0.77 -9.09 -19.90
C THR E 183 -0.97 -7.90 -18.98
N LEU E 184 -0.08 -6.92 -19.13
CA LEU E 184 -0.12 -5.67 -18.36
C LEU E 184 -1.45 -4.96 -18.46
N TYR E 185 -2.01 -4.92 -19.66
CA TYR E 185 -3.30 -4.27 -19.84
C TYR E 185 -4.38 -5.05 -19.11
N GLY E 186 -4.33 -6.37 -19.22
CA GLY E 186 -5.32 -7.24 -18.61
C GLY E 186 -5.33 -7.15 -17.10
N ASN E 187 -4.14 -7.15 -16.51
CA ASN E 187 -4.00 -7.07 -15.06
C ASN E 187 -4.33 -5.70 -14.49
N SER E 188 -4.42 -4.69 -15.36
CA SER E 188 -4.75 -3.35 -14.91
C SER E 188 -6.25 -3.15 -14.79
N LEU E 189 -7.04 -4.11 -15.25
CA LEU E 189 -8.49 -4.02 -15.10
C LEU E 189 -8.88 -4.58 -13.73
N ARG E 190 -7.90 -5.07 -13.00
CA ARG E 190 -8.16 -5.63 -11.70
C ARG E 190 -7.79 -4.66 -10.63
N CYS E 191 -7.35 -3.48 -11.02
CA CYS E 191 -6.78 -2.54 -10.09
C CYS E 191 -7.56 -1.28 -9.83
N HIS E 192 -8.80 -1.21 -10.19
CA HIS E 192 -9.50 -0.01 -9.83
C HIS E 192 -8.81 1.24 -10.29
N CYS E 193 -8.41 1.32 -11.54
CA CYS E 193 -7.92 2.56 -12.10
C CYS E 193 -8.84 2.97 -13.20
N THR E 194 -9.27 4.23 -13.22
CA THR E 194 -10.15 4.66 -14.27
C THR E 194 -9.32 5.06 -15.45
N PHE E 195 -9.80 4.72 -16.63
CA PHE E 195 -9.08 4.92 -17.90
C PHE E 195 -9.73 6.01 -18.71
N PHE E 196 -8.97 7.05 -19.05
CA PHE E 196 -9.39 8.07 -20.02
C PHE E 196 -8.72 7.81 -21.37
N ILE E 197 -9.44 7.12 -22.26
CA ILE E 197 -8.86 6.64 -23.50
C ILE E 197 -9.22 7.53 -24.71
N GLU E 198 -8.23 7.74 -25.59
CA GLU E 198 -8.30 8.72 -26.67
C GLU E 198 -8.58 10.12 -26.13
N TYR E 199 -7.66 10.54 -25.27
CA TYR E 199 -7.58 11.89 -24.72
C TYR E 199 -6.18 12.34 -25.05
N PHE E 200 -6.06 13.48 -25.71
CA PHE E 200 -4.74 13.99 -26.07
C PHE E 200 -4.17 14.92 -24.98
N ALA E 201 -3.04 14.54 -24.39
CA ALA E 201 -2.36 15.41 -23.41
C ALA E 201 -1.78 16.64 -24.11
N LEU E 202 -2.31 17.81 -23.74
CA LEU E 202 -1.87 19.11 -24.29
C LEU E 202 -0.67 19.69 -23.57
N ASP E 203 -0.76 19.81 -22.25
CA ASP E 203 0.30 20.41 -21.44
C ASP E 203 0.17 19.99 -19.97
N LEU E 204 1.30 19.93 -19.27
CA LEU E 204 1.32 19.77 -17.81
C LEU E 204 0.74 21.02 -17.14
N LEU E 205 0.16 20.86 -15.95
CA LEU E 205 -0.33 21.99 -15.17
C LEU E 205 0.70 22.33 -14.09
N MET E 206 1.38 23.47 -14.25
CA MET E 206 2.43 23.87 -13.32
C MET E 206 1.97 25.01 -12.41
N ASP E 207 2.32 24.88 -11.12
CA ASP E 207 2.07 25.90 -10.09
C ASP E 207 3.33 26.18 -9.28
N LYS E 208 4.01 27.28 -9.63
CA LYS E 208 5.26 27.72 -8.99
C LYS E 208 6.23 26.59 -8.66
N GLY E 209 6.59 25.83 -9.70
CA GLY E 209 7.65 24.81 -9.63
C GLY E 209 7.17 23.39 -9.47
N ARG E 210 5.89 23.23 -9.11
CA ARG E 210 5.31 21.95 -8.75
C ARG E 210 4.35 21.49 -9.86
N CYS E 211 4.41 20.21 -10.23
CA CYS E 211 3.44 19.66 -11.18
C CYS E 211 2.18 19.21 -10.43
N VAL E 212 1.06 19.85 -10.74
CA VAL E 212 -0.22 19.56 -10.08
C VAL E 212 -1.20 18.80 -10.98
N GLY E 213 -0.80 18.48 -12.20
CA GLY E 213 -1.67 17.76 -13.11
C GLY E 213 -1.43 17.94 -14.60
N VAL E 214 -2.51 17.80 -15.37
CA VAL E 214 -2.47 17.73 -16.82
C VAL E 214 -3.74 18.32 -17.40
N ILE E 215 -3.63 18.93 -18.57
CA ILE E 215 -4.80 19.31 -19.35
C ILE E 215 -4.81 18.50 -20.66
N ALA E 216 -5.98 18.02 -21.05
CA ALA E 216 -6.06 17.18 -22.24
C ALA E 216 -7.38 17.32 -23.02
N LEU E 217 -7.24 17.34 -24.34
CA LEU E 217 -8.37 17.31 -25.24
C LEU E 217 -8.90 15.88 -25.34
N CYS E 218 -10.22 15.71 -25.18
CA CYS E 218 -10.91 14.44 -25.31
C CYS E 218 -11.47 14.30 -26.72
N LEU E 219 -10.88 13.42 -27.53
CA LEU E 219 -11.18 13.37 -28.96
C LEU E 219 -12.60 12.91 -29.28
N GLU E 220 -13.21 12.17 -28.35
CA GLU E 220 -14.53 11.57 -28.60
C GLU E 220 -15.67 12.61 -28.69
N ASP E 221 -15.53 13.71 -27.95
CA ASP E 221 -16.60 14.71 -27.89
C ASP E 221 -16.12 16.15 -27.81
N GLY E 222 -14.82 16.38 -27.96
CA GLY E 222 -14.29 17.73 -28.09
C GLY E 222 -14.11 18.52 -26.80
N THR E 223 -14.49 17.97 -25.66
CA THR E 223 -14.29 18.66 -24.39
C THR E 223 -12.80 18.80 -24.06
N ILE E 224 -12.49 19.80 -23.23
CA ILE E 224 -11.14 20.00 -22.66
C ILE E 224 -11.20 19.54 -21.22
N HIS E 225 -10.16 18.85 -20.75
CA HIS E 225 -10.19 18.24 -19.42
C HIS E 225 -8.97 18.56 -18.58
N ARG E 226 -9.21 18.98 -17.34
CA ARG E 226 -8.11 19.31 -16.43
C ARG E 226 -8.10 18.34 -15.26
N PHE E 227 -6.98 17.65 -15.11
CA PHE E 227 -6.80 16.69 -14.05
C PHE E 227 -5.96 17.31 -12.94
N ARG E 228 -6.52 17.42 -11.74
CA ARG E 228 -5.73 17.82 -10.58
C ARG E 228 -5.17 16.55 -9.96
N SER E 229 -3.90 16.59 -9.57
CA SER E 229 -3.20 15.37 -9.17
C SER E 229 -2.02 15.63 -8.28
N LYS E 230 -1.95 14.91 -7.18
CA LYS E 230 -0.83 15.01 -6.25
C LYS E 230 0.48 14.54 -6.89
N ARG E 231 0.40 13.59 -7.80
CA ARG E 231 1.54 13.23 -8.64
C ARG E 231 1.14 13.14 -10.10
N THR E 232 2.15 13.19 -10.96
CA THR E 232 1.94 13.07 -12.39
C THR E 232 3.09 12.28 -13.00
N ILE E 233 2.77 11.20 -13.71
CA ILE E 233 3.76 10.35 -14.37
C ILE E 233 3.68 10.53 -15.88
N VAL E 234 4.81 10.90 -16.49
CA VAL E 234 4.89 11.03 -17.95
C VAL E 234 5.49 9.73 -18.46
N ALA E 235 4.74 8.99 -19.27
CA ALA E 235 5.18 7.68 -19.76
C ALA E 235 4.90 7.52 -21.26
N THR E 236 5.30 8.54 -22.03
CA THR E 236 4.75 8.80 -23.36
C THR E 236 5.49 8.19 -24.56
N GLY E 237 6.60 7.49 -24.34
CA GLY E 237 7.35 6.96 -25.46
C GLY E 237 8.12 8.02 -26.23
N GLY E 238 8.71 7.60 -27.34
CA GLY E 238 9.71 8.41 -28.05
C GLY E 238 9.18 9.31 -29.16
N TYR E 239 10.14 9.84 -29.93
CA TYR E 239 9.90 10.76 -31.07
C TYR E 239 10.63 10.24 -32.33
N GLY E 240 10.37 9.00 -32.69
CA GLY E 240 10.92 8.44 -33.92
C GLY E 240 10.43 9.20 -35.13
N ARG E 241 9.18 9.67 -35.13
CA ARG E 241 8.58 10.37 -36.30
C ARG E 241 9.24 11.72 -36.60
N ALA E 242 10.26 12.06 -35.81
CA ALA E 242 11.13 13.17 -36.14
C ALA E 242 11.94 12.93 -37.40
N TYR E 243 12.20 11.67 -37.72
CA TYR E 243 12.96 11.31 -38.92
C TYR E 243 12.03 10.86 -40.05
N PHE E 244 12.61 10.69 -41.23
CA PHE E 244 11.83 10.29 -42.39
C PHE E 244 11.51 8.81 -42.31
N SER E 245 12.53 8.00 -42.05
CA SER E 245 12.38 6.56 -41.88
C SER E 245 12.66 6.18 -40.43
N CYS E 246 11.81 5.31 -39.89
CA CYS E 246 11.96 4.83 -38.53
C CYS E 246 11.20 3.52 -38.36
N THR E 247 11.38 2.88 -37.21
CA THR E 247 10.66 1.65 -36.88
C THR E 247 9.42 1.93 -36.06
N THR E 248 9.36 3.12 -35.45
CA THR E 248 8.30 3.48 -34.50
C THR E 248 6.97 3.69 -35.19
N ALA E 249 5.91 3.81 -34.39
CA ALA E 249 4.55 3.98 -34.89
C ALA E 249 4.27 5.44 -35.24
N HIS E 250 3.13 5.70 -35.88
CA HIS E 250 2.73 7.07 -36.21
C HIS E 250 2.49 7.95 -34.98
N MET E 251 2.24 7.31 -33.85
CA MET E 251 1.98 8.01 -32.60
C MET E 251 3.23 8.51 -31.86
N ASN E 252 4.40 7.94 -32.17
CA ASN E 252 5.66 8.32 -31.53
C ASN E 252 6.17 9.70 -31.96
N THR E 253 5.52 10.73 -31.44
CA THR E 253 5.77 12.11 -31.81
C THR E 253 6.31 12.94 -30.64
N GLY E 254 6.73 12.26 -29.57
CA GLY E 254 7.50 12.90 -28.48
C GLY E 254 6.79 13.94 -27.65
N ASP E 255 5.56 13.63 -27.26
CA ASP E 255 4.71 14.58 -26.54
C ASP E 255 5.06 14.71 -25.05
N GLY E 256 5.62 13.66 -24.44
CA GLY E 256 6.13 13.78 -23.11
C GLY E 256 7.23 14.82 -23.07
N THR E 257 8.27 14.62 -23.87
CA THR E 257 9.42 15.55 -23.91
C THR E 257 9.02 16.96 -24.34
N ALA E 258 8.00 17.07 -25.17
CA ALA E 258 7.42 18.38 -25.51
C ALA E 258 6.71 18.97 -24.30
N LEU E 259 5.78 18.22 -23.71
CA LEU E 259 5.14 18.60 -22.42
C LEU E 259 6.16 19.09 -21.39
N ALA E 260 7.31 18.42 -21.32
CA ALA E 260 8.35 18.76 -20.35
C ALA E 260 9.04 20.05 -20.76
N THR E 261 9.31 20.20 -22.06
CA THR E 261 9.98 21.41 -22.58
C THR E 261 9.09 22.65 -22.39
N ARG E 262 7.81 22.53 -22.73
CA ARG E 262 6.86 23.64 -22.52
C ARG E 262 6.70 23.99 -21.05
N ALA E 263 6.71 23.00 -20.18
CA ALA E 263 6.59 23.25 -18.73
C ALA E 263 7.92 23.64 -18.07
N GLY E 264 8.92 23.95 -18.89
CA GLY E 264 10.15 24.57 -18.41
C GLY E 264 11.24 23.62 -17.96
N ILE E 265 11.24 22.39 -18.46
CA ILE E 265 12.23 21.41 -18.07
C ILE E 265 13.19 21.18 -19.23
N ALA E 266 14.48 21.11 -18.92
CA ALA E 266 15.47 20.81 -19.94
C ALA E 266 15.49 19.31 -20.14
N LEU E 267 15.71 18.88 -21.38
CA LEU E 267 15.76 17.46 -21.73
C LEU E 267 17.21 17.02 -21.87
N GLU E 268 17.42 15.71 -21.75
CA GLU E 268 18.75 15.15 -21.61
C GLU E 268 19.11 14.28 -22.81
N ASP E 269 20.39 14.30 -23.19
CA ASP E 269 20.97 13.30 -24.11
C ASP E 269 20.30 13.10 -25.48
N LEU E 270 19.46 14.04 -25.91
CA LEU E 270 18.66 13.86 -27.14
C LEU E 270 19.46 13.54 -28.40
N GLU E 271 20.74 13.92 -28.44
CA GLU E 271 21.59 13.64 -29.60
C GLU E 271 21.78 12.15 -29.88
N PHE E 272 21.58 11.33 -28.85
CA PHE E 272 21.70 9.87 -28.96
C PHE E 272 20.41 9.21 -29.43
N ILE E 273 20.39 8.97 -30.73
CA ILE E 273 19.28 8.37 -31.42
C ILE E 273 19.81 7.03 -31.86
N GLN E 274 19.17 5.96 -31.39
CA GLN E 274 19.65 4.61 -31.69
C GLN E 274 19.21 4.22 -33.10
N PHE E 275 20.16 3.71 -33.89
CA PHE E 275 19.86 3.22 -35.22
C PHE E 275 19.84 1.70 -35.22
N HIS E 276 18.67 1.12 -35.45
CA HIS E 276 18.54 -0.33 -35.48
C HIS E 276 19.12 -0.80 -36.80
N PRO E 277 19.95 -1.85 -36.77
CA PRO E 277 20.53 -2.38 -38.00
C PRO E 277 19.50 -3.01 -38.96
N THR E 278 18.72 -3.96 -38.46
CA THR E 278 17.82 -4.72 -39.30
C THR E 278 16.41 -4.15 -39.30
N GLY E 279 16.22 -3.07 -40.06
CA GLY E 279 14.90 -2.56 -40.40
C GLY E 279 14.75 -2.65 -41.91
N ILE E 280 13.58 -3.08 -42.37
CA ILE E 280 13.32 -3.31 -43.81
C ILE E 280 13.60 -2.08 -44.70
N TYR E 281 14.01 -2.36 -45.94
CA TYR E 281 14.59 -1.35 -46.83
C TYR E 281 13.60 -0.28 -47.29
N GLY E 282 12.43 -0.71 -47.75
CA GLY E 282 11.47 0.25 -48.29
C GLY E 282 10.70 0.98 -47.20
N VAL E 283 10.16 0.22 -46.26
CA VAL E 283 9.10 0.70 -45.36
C VAL E 283 9.58 1.04 -43.96
N GLY E 284 10.45 0.21 -43.40
CA GLY E 284 11.03 0.48 -42.09
C GLY E 284 10.64 -0.48 -40.99
N CYS E 285 9.65 -1.34 -41.23
CA CYS E 285 9.23 -2.34 -40.25
C CYS E 285 10.44 -3.09 -39.70
N LEU E 286 10.38 -3.40 -38.42
CA LEU E 286 11.49 -4.06 -37.74
C LEU E 286 11.62 -5.56 -38.05
N ILE E 287 12.87 -6.00 -38.25
CA ILE E 287 13.24 -7.40 -38.20
C ILE E 287 14.15 -7.54 -36.97
N THR E 288 13.70 -8.28 -35.97
CA THR E 288 14.32 -8.26 -34.64
C THR E 288 15.83 -8.61 -34.56
N GLU E 289 16.44 -8.30 -33.42
CA GLU E 289 17.82 -8.68 -33.12
C GLU E 289 17.85 -10.11 -32.58
N GLY E 290 16.68 -10.71 -32.41
CA GLY E 290 16.56 -12.13 -32.12
C GLY E 290 16.76 -12.99 -33.35
N SER E 291 16.50 -12.44 -34.53
CA SER E 291 16.71 -13.17 -35.78
C SER E 291 18.21 -13.33 -36.10
N ARG E 292 19.03 -12.56 -35.41
CA ARG E 292 20.48 -12.77 -35.44
C ARG E 292 20.94 -13.53 -34.19
N GLY E 293 20.18 -13.42 -33.11
CA GLY E 293 20.47 -14.13 -31.88
C GLY E 293 20.14 -15.62 -31.91
N GLU E 294 19.29 -16.03 -32.84
CA GLU E 294 18.98 -17.44 -33.02
C GLU E 294 20.03 -18.16 -33.89
N GLY E 295 20.77 -17.39 -34.68
CA GLY E 295 21.79 -17.95 -35.58
C GLY E 295 22.02 -17.20 -36.88
N GLY E 296 21.06 -16.37 -37.29
CA GLY E 296 21.15 -15.61 -38.55
C GLY E 296 22.25 -14.57 -38.56
N PHE E 297 22.54 -14.02 -39.75
CA PHE E 297 23.66 -13.08 -39.89
C PHE E 297 23.57 -12.20 -41.14
N LEU E 298 24.39 -11.15 -41.15
CA LEU E 298 24.40 -10.14 -42.22
C LEU E 298 25.35 -10.50 -43.38
N VAL E 299 24.98 -10.07 -44.60
CA VAL E 299 25.69 -10.44 -45.82
C VAL E 299 25.69 -9.30 -46.83
N ASN E 300 26.87 -9.01 -47.39
CA ASN E 300 27.06 -7.93 -48.36
C ASN E 300 26.99 -8.43 -49.82
N SER E 301 27.41 -7.59 -50.77
CA SER E 301 27.43 -7.97 -52.20
C SER E 301 28.55 -8.97 -52.54
N GLU E 302 29.65 -8.93 -51.80
CA GLU E 302 30.74 -9.91 -52.00
C GLU E 302 30.34 -11.30 -51.49
N GLY E 303 29.27 -11.35 -50.69
CA GLY E 303 28.81 -12.58 -50.06
C GLY E 303 29.56 -12.85 -48.77
N GLU E 304 30.22 -11.83 -48.23
CA GLU E 304 30.96 -11.95 -46.98
C GLU E 304 29.98 -11.91 -45.79
N ARG E 305 30.31 -12.67 -44.74
CA ARG E 305 29.68 -12.49 -43.43
C ARG E 305 30.50 -11.42 -42.70
N PHE E 306 30.29 -10.16 -43.09
CA PHE E 306 31.26 -9.09 -42.83
C PHE E 306 31.47 -8.73 -41.38
N MET E 307 30.48 -9.00 -40.53
CA MET E 307 30.61 -8.62 -39.13
C MET E 307 31.77 -9.30 -38.42
N GLU E 308 32.36 -10.34 -39.03
CA GLU E 308 33.58 -10.96 -38.49
C GLU E 308 34.81 -10.04 -38.54
N ARG E 309 34.85 -9.12 -39.50
CA ARG E 309 35.90 -8.11 -39.54
C ARG E 309 35.66 -7.03 -38.50
N TYR E 310 34.53 -6.33 -38.61
CA TYR E 310 34.21 -5.20 -37.72
C TYR E 310 33.94 -5.61 -36.26
N ALA E 311 33.95 -6.91 -35.96
CA ALA E 311 33.88 -7.40 -34.58
C ALA E 311 34.22 -8.91 -34.52
N PRO E 312 35.50 -9.25 -34.29
CA PRO E 312 35.92 -10.66 -34.32
C PRO E 312 35.20 -11.62 -33.32
N LYS E 313 35.00 -11.22 -32.07
CA LYS E 313 34.49 -12.12 -31.02
C LYS E 313 32.96 -12.30 -30.98
N ALA E 314 32.28 -11.16 -30.91
CA ALA E 314 30.83 -11.09 -31.01
C ALA E 314 30.29 -11.43 -32.38
N LYS E 315 30.97 -11.03 -33.42
CA LYS E 315 30.39 -11.17 -34.72
C LYS E 315 29.12 -10.34 -34.80
N ASP E 316 28.01 -10.92 -35.24
CA ASP E 316 26.82 -10.13 -35.61
C ASP E 316 25.92 -9.75 -34.44
N LEU E 317 26.34 -10.14 -33.25
CA LEU E 317 25.67 -9.86 -31.98
C LEU E 317 26.39 -8.77 -31.19
N ALA E 318 27.15 -7.93 -31.88
CA ALA E 318 27.74 -6.74 -31.25
C ALA E 318 26.62 -5.73 -30.98
N SER E 319 26.88 -4.76 -30.10
CA SER E 319 25.86 -3.78 -29.73
C SER E 319 25.38 -3.01 -30.96
N ARG E 320 24.18 -2.44 -30.88
CA ARG E 320 23.50 -1.90 -32.05
C ARG E 320 24.29 -0.88 -32.84
N ASP E 321 24.92 0.07 -32.16
CA ASP E 321 25.67 1.13 -32.83
C ASP E 321 26.81 0.59 -33.73
N VAL E 322 27.65 -0.29 -33.18
CA VAL E 322 28.82 -0.86 -33.87
C VAL E 322 28.41 -1.65 -35.12
N VAL E 323 27.39 -2.48 -34.99
CA VAL E 323 26.81 -3.15 -36.13
C VAL E 323 26.33 -2.09 -37.10
N SER E 324 25.41 -1.24 -36.65
CA SER E 324 24.73 -0.30 -37.55
C SER E 324 25.68 0.64 -38.31
N ARG E 325 26.82 0.95 -37.69
CA ARG E 325 27.83 1.80 -38.33
C ARG E 325 28.58 1.00 -39.38
N ALA E 326 29.08 -0.16 -38.96
CA ALA E 326 29.71 -1.09 -39.88
C ALA E 326 28.78 -1.38 -41.05
N GLU E 327 27.49 -1.58 -40.75
CA GLU E 327 26.46 -1.74 -41.78
C GLU E 327 26.49 -0.56 -42.75
N THR E 328 26.55 0.65 -42.21
CA THR E 328 26.58 1.86 -43.02
C THR E 328 27.91 2.01 -43.79
N ILE E 329 29.00 1.50 -43.22
CA ILE E 329 30.32 1.51 -43.88
C ILE E 329 30.35 0.62 -45.13
N GLU E 330 29.69 -0.54 -45.06
CA GLU E 330 29.59 -1.44 -46.20
C GLU E 330 28.82 -0.82 -47.38
N ILE E 331 27.91 0.11 -47.07
CA ILE E 331 27.12 0.82 -48.08
C ILE E 331 28.00 1.78 -48.87
N MET E 332 28.67 2.67 -48.15
CA MET E 332 29.50 3.71 -48.74
C MET E 332 30.80 3.20 -49.34
N GLU E 333 31.37 2.12 -48.79
CA GLU E 333 32.60 1.53 -49.35
C GLU E 333 32.37 0.69 -50.61
N GLY E 334 31.10 0.51 -51.00
CA GLY E 334 30.72 -0.10 -52.29
C GLY E 334 30.06 -1.47 -52.24
N ARG E 335 30.06 -2.12 -51.08
CA ARG E 335 29.60 -3.52 -50.95
C ARG E 335 28.11 -3.67 -50.56
N GLY E 336 27.30 -2.65 -50.85
CA GLY E 336 25.87 -2.71 -50.61
C GLY E 336 25.12 -3.53 -51.65
N VAL E 337 24.08 -4.22 -51.18
CA VAL E 337 23.31 -5.15 -52.00
C VAL E 337 21.99 -4.52 -52.49
N GLY E 338 21.54 -4.93 -53.68
CA GLY E 338 20.27 -4.48 -54.26
C GLY E 338 20.40 -3.51 -55.43
N PRO E 339 19.29 -3.28 -56.16
CA PRO E 339 19.20 -2.37 -57.32
C PRO E 339 19.96 -1.02 -57.24
N GLU E 340 20.00 -0.40 -56.06
CA GLU E 340 20.69 0.88 -55.84
C GLU E 340 21.99 0.71 -55.03
N LYS E 341 22.28 -0.55 -54.67
CA LYS E 341 23.44 -0.92 -53.83
C LYS E 341 23.48 -0.21 -52.47
N ASP E 342 22.30 0.06 -51.90
CA ASP E 342 22.16 0.95 -50.72
C ASP E 342 21.81 0.26 -49.39
N HIS E 343 21.36 -0.99 -49.45
CA HIS E 343 21.03 -1.76 -48.24
C HIS E 343 21.88 -3.04 -48.19
N ILE E 344 21.70 -3.87 -47.16
CA ILE E 344 22.35 -5.19 -47.10
C ILE E 344 21.36 -6.30 -46.73
N TYR E 345 21.81 -7.54 -46.77
CA TYR E 345 20.95 -8.69 -46.49
C TYR E 345 21.10 -9.21 -45.07
N LEU E 346 19.97 -9.58 -44.46
CA LEU E 346 19.96 -10.41 -43.25
C LEU E 346 19.66 -11.81 -43.72
N GLN E 347 20.52 -12.76 -43.35
CA GLN E 347 20.36 -14.13 -43.77
C GLN E 347 19.83 -15.00 -42.64
N LEU E 348 18.69 -15.65 -42.92
CA LEU E 348 18.08 -16.63 -42.02
C LEU E 348 17.91 -18.01 -42.67
N HIS E 349 18.01 -18.10 -43.99
CA HIS E 349 17.69 -19.34 -44.74
C HIS E 349 18.59 -20.55 -44.49
N HIS E 350 19.71 -20.34 -43.79
CA HIS E 350 20.60 -21.42 -43.37
C HIS E 350 20.20 -22.04 -42.03
N LEU E 351 19.11 -21.57 -41.42
CA LEU E 351 18.56 -22.15 -40.18
C LEU E 351 17.48 -23.17 -40.51
N PRO E 352 17.26 -24.16 -39.61
CA PRO E 352 16.14 -25.10 -39.82
C PRO E 352 14.78 -24.36 -39.79
N ALA E 353 13.83 -24.83 -40.59
CA ALA E 353 12.53 -24.16 -40.68
C ALA E 353 11.73 -24.26 -39.38
N GLU E 354 11.74 -25.44 -38.73
CA GLU E 354 10.98 -25.66 -37.49
C GLU E 354 11.40 -24.73 -36.33
N GLN E 355 12.66 -24.29 -36.36
CA GLN E 355 13.14 -23.26 -35.44
C GLN E 355 12.70 -21.86 -35.91
N LEU E 356 12.68 -21.65 -37.22
CA LEU E 356 12.14 -20.41 -37.79
C LEU E 356 10.65 -20.25 -37.53
N HIS E 357 9.95 -21.34 -37.25
CA HIS E 357 8.54 -21.30 -36.86
C HIS E 357 8.37 -21.08 -35.35
N GLN E 358 9.09 -21.85 -34.54
CA GLN E 358 8.91 -21.81 -33.08
C GLN E 358 9.43 -20.51 -32.45
N ARG E 359 10.45 -19.89 -33.08
CA ARG E 359 11.20 -18.77 -32.48
C ARG E 359 10.98 -17.37 -33.14
N LEU E 360 10.69 -17.33 -34.45
CA LEU E 360 10.56 -16.08 -35.21
C LEU E 360 9.33 -16.07 -36.17
N PRO E 361 8.14 -16.48 -35.69
CA PRO E 361 6.98 -16.66 -36.57
C PRO E 361 6.44 -15.37 -37.20
N GLY E 362 6.49 -14.27 -36.45
CA GLY E 362 5.92 -12.99 -36.90
C GLY E 362 6.78 -12.25 -37.89
N ILE E 363 8.10 -12.32 -37.72
CA ILE E 363 9.03 -11.72 -38.69
C ILE E 363 9.16 -12.57 -39.96
N SER E 364 8.78 -13.84 -39.87
CA SER E 364 8.63 -14.70 -41.06
C SER E 364 7.48 -14.20 -41.93
N GLU E 365 6.43 -13.71 -41.25
CA GLU E 365 5.23 -13.13 -41.87
C GLU E 365 5.43 -11.65 -42.24
N THR E 366 6.00 -10.86 -41.33
CA THR E 366 6.31 -9.44 -41.59
C THR E 366 7.21 -9.29 -42.86
N ALA E 367 8.16 -10.21 -43.06
CA ALA E 367 8.99 -10.21 -44.27
C ALA E 367 8.14 -10.51 -45.51
N LYS E 368 7.36 -11.58 -45.40
CA LYS E 368 6.46 -12.08 -46.46
C LYS E 368 5.59 -11.00 -47.11
N ILE E 369 5.07 -10.10 -46.28
CA ILE E 369 4.12 -9.07 -46.69
C ILE E 369 4.79 -7.82 -47.28
N PHE E 370 5.83 -7.34 -46.61
CA PHE E 370 6.45 -6.06 -46.97
C PHE E 370 7.62 -6.21 -47.94
N ALA E 371 8.44 -7.24 -47.72
CA ALA E 371 9.55 -7.54 -48.61
C ALA E 371 9.09 -8.46 -49.74
N GLY E 372 8.13 -9.35 -49.44
CA GLY E 372 7.77 -10.42 -50.36
C GLY E 372 8.87 -11.46 -50.31
N VAL E 373 9.11 -11.98 -49.11
CA VAL E 373 10.27 -12.86 -48.85
C VAL E 373 9.89 -14.10 -48.04
N ASP E 374 10.18 -15.27 -48.61
CA ASP E 374 10.18 -16.53 -47.87
C ASP E 374 11.46 -16.51 -47.03
N VAL E 375 11.33 -16.57 -45.70
CA VAL E 375 12.51 -16.42 -44.81
C VAL E 375 13.37 -17.69 -44.65
N THR E 376 12.90 -18.82 -45.19
CA THR E 376 13.67 -20.09 -45.27
C THR E 376 14.36 -20.32 -46.62
N LYS E 377 14.07 -19.46 -47.59
CA LYS E 377 14.68 -19.53 -48.94
C LYS E 377 15.59 -18.33 -49.22
N GLU E 378 15.06 -17.12 -49.03
CA GLU E 378 15.75 -15.87 -49.44
C GLU E 378 16.29 -15.03 -48.25
N PRO E 379 17.17 -14.04 -48.56
CA PRO E 379 17.57 -13.07 -47.53
C PRO E 379 16.59 -11.91 -47.45
N ILE E 380 16.55 -11.25 -46.30
CA ILE E 380 15.68 -10.07 -46.08
C ILE E 380 16.47 -8.77 -46.36
N PRO E 381 15.94 -7.88 -47.24
CA PRO E 381 16.62 -6.59 -47.46
C PRO E 381 16.42 -5.64 -46.26
N VAL E 382 17.46 -5.48 -45.43
CA VAL E 382 17.41 -4.65 -44.21
C VAL E 382 18.39 -3.48 -44.28
N ILE E 383 18.20 -2.48 -43.43
CA ILE E 383 18.99 -1.24 -43.49
C ILE E 383 18.91 -0.49 -42.15
N PRO E 384 20.03 0.10 -41.70
CA PRO E 384 20.00 0.96 -40.53
C PRO E 384 18.80 1.90 -40.53
N THR E 385 18.08 1.92 -39.41
CA THR E 385 16.81 2.63 -39.28
C THR E 385 16.62 3.17 -37.85
N VAL E 386 16.18 4.43 -37.73
CA VAL E 386 15.94 5.04 -36.43
C VAL E 386 15.01 4.15 -35.60
N HIS E 387 15.25 4.08 -34.28
CA HIS E 387 14.61 3.07 -33.44
C HIS E 387 14.27 3.47 -31.98
N TYR E 388 15.27 3.77 -31.18
CA TYR E 388 15.06 4.14 -29.77
C TYR E 388 15.56 5.58 -29.52
N ASN E 389 15.08 6.18 -28.41
CA ASN E 389 15.54 7.49 -27.98
C ASN E 389 16.06 7.44 -26.54
N MET E 390 17.36 7.15 -26.40
CA MET E 390 17.98 7.16 -25.08
C MET E 390 17.51 8.42 -24.37
N GLY E 391 17.72 9.55 -25.02
CA GLY E 391 17.31 10.84 -24.49
C GLY E 391 15.89 10.92 -23.95
N GLY E 392 15.65 11.97 -23.18
CA GLY E 392 14.34 12.24 -22.61
C GLY E 392 14.38 13.13 -21.38
N ILE E 393 13.35 12.98 -20.56
CA ILE E 393 13.17 13.79 -19.39
C ILE E 393 14.17 13.32 -18.35
N PRO E 394 15.02 14.21 -17.84
CA PRO E 394 16.01 13.75 -16.88
C PRO E 394 15.36 13.37 -15.54
N THR E 395 15.89 12.33 -14.90
CA THR E 395 15.42 11.90 -13.58
C THR E 395 16.56 11.46 -12.67
N ASN E 396 16.22 11.13 -11.44
CA ASN E 396 17.07 10.35 -10.56
C ASN E 396 16.69 8.88 -10.66
N TYR E 397 17.45 8.01 -10.01
CA TYR E 397 17.13 6.57 -9.97
C TYR E 397 15.70 6.25 -9.49
N LYS E 398 15.10 7.18 -8.75
CA LYS E 398 13.73 7.02 -8.27
C LYS E 398 12.68 7.40 -9.31
N ALA E 399 13.13 7.84 -10.48
CA ALA E 399 12.26 8.22 -11.60
C ALA E 399 11.52 9.56 -11.37
N GLN E 400 12.16 10.50 -10.69
CA GLN E 400 11.58 11.82 -10.48
C GLN E 400 12.26 12.81 -11.41
N VAL E 401 11.46 13.72 -11.96
CA VAL E 401 11.98 14.68 -12.93
C VAL E 401 12.83 15.72 -12.20
N ILE E 402 13.91 16.14 -12.86
CA ILE E 402 14.89 17.04 -12.28
C ILE E 402 15.21 18.25 -13.17
N LYS E 403 15.37 19.41 -12.54
CA LYS E 403 16.08 20.53 -13.13
C LYS E 403 17.51 20.46 -12.61
N TYR E 404 18.45 20.98 -13.39
CA TYR E 404 19.86 20.98 -13.01
C TYR E 404 20.52 22.30 -13.32
N THR E 405 21.22 22.87 -12.34
CA THR E 405 22.05 24.04 -12.54
C THR E 405 23.47 23.66 -12.24
N LYS E 406 24.41 24.49 -12.69
CA LYS E 406 25.82 24.25 -12.42
C LYS E 406 26.13 24.20 -10.91
N GLU E 407 25.51 25.08 -10.14
CA GLU E 407 25.84 25.28 -8.71
C GLU E 407 24.92 24.47 -7.82
N GLY E 408 23.61 24.68 -7.98
CA GLY E 408 22.60 24.01 -7.16
C GLY E 408 22.51 22.49 -7.37
N GLY E 409 22.90 22.03 -8.55
CA GLY E 409 22.83 20.60 -8.87
C GLY E 409 21.39 20.12 -9.04
N ASP E 410 21.19 18.83 -8.80
CA ASP E 410 19.90 18.17 -9.02
C ASP E 410 18.83 18.65 -8.04
N LYS E 411 17.80 19.31 -8.60
CA LYS E 411 16.63 19.78 -7.85
C LYS E 411 15.40 19.04 -8.38
N ILE E 412 14.74 18.23 -7.56
CA ILE E 412 13.54 17.50 -8.03
C ILE E 412 12.42 18.49 -8.31
N VAL E 413 11.59 18.18 -9.30
CA VAL E 413 10.42 18.98 -9.60
C VAL E 413 9.27 18.30 -8.91
N PRO E 414 8.85 18.82 -7.74
CA PRO E 414 7.84 18.12 -6.94
C PRO E 414 6.58 17.76 -7.72
N GLY E 415 6.07 16.55 -7.51
CA GLY E 415 4.85 16.10 -8.18
C GLY E 415 5.07 15.35 -9.47
N LEU E 416 6.22 15.59 -10.12
CA LEU E 416 6.46 15.06 -11.47
C LEU E 416 7.41 13.86 -11.54
N TYR E 417 6.89 12.74 -12.04
CA TYR E 417 7.70 11.54 -12.34
C TYR E 417 7.68 11.24 -13.85
N ALA E 418 8.60 10.39 -14.30
CA ALA E 418 8.67 9.99 -15.72
C ALA E 418 9.43 8.67 -15.88
N CYS E 419 8.98 7.83 -16.82
CA CYS E 419 9.53 6.48 -17.05
C CYS E 419 9.32 5.97 -18.47
N GLY E 420 10.21 5.08 -18.92
CA GLY E 420 10.10 4.47 -20.24
C GLY E 420 11.06 5.04 -21.28
N GLU E 421 10.65 5.00 -22.55
CA GLU E 421 11.46 5.53 -23.68
C GLU E 421 11.53 7.07 -23.59
N CYS E 422 10.45 7.67 -23.10
CA CYS E 422 10.33 9.13 -22.99
C CYS E 422 11.13 9.77 -21.85
N ALA E 423 11.65 8.93 -20.95
CA ALA E 423 12.47 9.41 -19.84
C ALA E 423 13.95 9.10 -20.09
N CYS E 424 14.79 9.58 -19.19
CA CYS E 424 16.23 9.42 -19.30
C CYS E 424 16.80 9.41 -17.90
N HIS E 425 17.08 8.20 -17.41
CA HIS E 425 17.38 7.96 -15.98
C HIS E 425 18.83 8.18 -15.44
N SER E 426 19.92 7.97 -16.22
CA SER E 426 19.98 7.45 -17.61
C SER E 426 20.54 6.02 -17.64
N VAL E 427 19.65 5.02 -17.73
CA VAL E 427 20.05 3.62 -17.70
C VAL E 427 20.60 3.09 -19.03
N HIS E 428 20.66 3.93 -20.06
CA HIS E 428 21.20 3.51 -21.35
C HIS E 428 22.38 4.36 -21.81
N GLY E 429 22.53 5.57 -21.25
CA GLY E 429 23.60 6.47 -21.67
C GLY E 429 23.59 6.77 -23.16
N ALA E 430 24.52 6.14 -23.88
CA ALA E 430 24.76 6.49 -25.29
C ALA E 430 24.49 5.33 -26.25
N ASN E 431 23.88 4.27 -25.73
CA ASN E 431 23.52 3.11 -26.53
C ASN E 431 22.71 2.14 -25.69
N ARG E 432 21.46 1.98 -26.05
CA ARG E 432 20.60 1.01 -25.42
C ARG E 432 21.07 -0.39 -25.74
N LEU E 433 21.05 -1.26 -24.74
CA LEU E 433 21.42 -2.64 -24.92
C LEU E 433 20.21 -3.43 -25.42
N GLY E 434 20.41 -4.26 -26.43
CA GLY E 434 19.29 -5.05 -26.98
C GLY E 434 18.42 -5.71 -25.93
N ALA E 435 17.13 -5.36 -25.92
CA ALA E 435 16.13 -5.95 -25.00
C ALA E 435 16.15 -5.36 -23.61
N ASN E 436 16.76 -4.20 -23.43
CA ASN E 436 16.77 -3.53 -22.13
C ASN E 436 15.64 -2.54 -21.90
N SER E 437 14.85 -2.24 -22.93
CA SER E 437 13.83 -1.18 -22.80
C SER E 437 12.53 -1.65 -22.15
N LEU E 438 12.01 -2.79 -22.61
CA LEU E 438 10.85 -3.40 -21.97
C LEU E 438 11.15 -3.57 -20.47
N LEU E 439 12.37 -3.99 -20.19
CA LEU E 439 12.83 -4.15 -18.82
C LEU E 439 12.83 -2.79 -18.14
N ASP E 440 13.42 -1.79 -18.80
CA ASP E 440 13.47 -0.43 -18.27
C ASP E 440 12.05 0.01 -17.92
N ALA E 441 11.10 -0.25 -18.81
CA ALA E 441 9.73 0.25 -18.65
C ALA E 441 9.00 -0.37 -17.44
N VAL E 442 9.04 -1.69 -17.32
CA VAL E 442 8.40 -2.40 -16.19
C VAL E 442 9.06 -2.03 -14.84
N VAL E 443 10.39 -2.05 -14.80
CA VAL E 443 11.15 -1.83 -13.56
C VAL E 443 10.94 -0.44 -13.02
N PHE E 444 11.26 0.56 -13.85
CA PHE E 444 11.09 1.95 -13.44
C PHE E 444 9.63 2.41 -13.47
N GLY E 445 8.77 1.68 -14.17
CA GLY E 445 7.33 1.88 -14.03
C GLY E 445 6.90 1.51 -12.63
N ARG E 446 7.47 0.42 -12.12
CA ARG E 446 7.20 -0.03 -10.75
C ARG E 446 7.89 0.89 -9.76
N ALA E 447 9.15 1.24 -10.05
CA ALA E 447 9.91 2.18 -9.23
C ALA E 447 9.14 3.48 -8.99
N CYS E 448 8.37 3.91 -9.99
CA CYS E 448 7.48 5.06 -9.82
C CYS E 448 6.40 4.77 -8.78
N SER E 449 5.72 3.63 -8.92
CA SER E 449 4.64 3.27 -7.98
C SER E 449 5.19 3.00 -6.57
N ILE E 450 6.30 2.26 -6.51
CA ILE E 450 6.94 1.97 -5.22
C ILE E 450 7.36 3.27 -4.51
N ASN E 451 7.82 4.27 -5.25
CA ASN E 451 8.34 5.50 -4.65
C ASN E 451 7.29 6.49 -4.24
N ILE E 452 6.17 6.54 -4.96
CA ILE E 452 5.07 7.42 -4.57
C ILE E 452 4.37 6.86 -3.32
N LYS E 453 4.20 5.53 -3.30
CA LYS E 453 3.74 4.79 -2.11
C LYS E 453 4.47 5.24 -0.85
N GLU E 454 5.79 5.46 -0.95
CA GLU E 454 6.64 5.78 0.18
C GLU E 454 7.07 7.25 0.23
N GLU E 455 6.28 8.14 -0.35
CA GLU E 455 6.52 9.57 -0.18
C GLU E 455 5.20 10.33 -0.13
N LEU E 456 4.20 9.86 -0.87
CA LEU E 456 2.88 10.44 -0.83
C LEU E 456 2.20 9.98 0.45
N LYS E 457 1.84 10.94 1.31
CA LYS E 457 1.20 10.65 2.59
C LYS E 457 -0.30 10.85 2.47
N PRO E 458 -1.09 10.07 3.23
CA PRO E 458 -2.53 10.06 3.00
C PRO E 458 -3.29 11.27 3.56
N ASP E 459 -2.56 12.20 4.19
CA ASP E 459 -3.15 13.42 4.77
C ASP E 459 -2.88 14.68 3.92
N GLU E 460 -2.21 14.49 2.78
CA GLU E 460 -1.89 15.58 1.83
C GLU E 460 -2.95 15.58 0.73
N LYS E 461 -3.84 16.58 0.76
CA LYS E 461 -4.98 16.60 -0.16
C LYS E 461 -4.58 17.17 -1.53
N ILE E 462 -5.49 16.98 -2.49
CA ILE E 462 -5.24 17.30 -3.89
C ILE E 462 -5.07 18.81 -4.05
N PRO E 463 -4.04 19.25 -4.82
CA PRO E 463 -3.82 20.68 -4.95
C PRO E 463 -4.94 21.43 -5.66
N GLU E 464 -5.01 22.73 -5.40
CA GLU E 464 -5.90 23.64 -6.11
C GLU E 464 -5.20 24.10 -7.40
N LEU E 465 -5.99 24.44 -8.41
CA LEU E 465 -5.43 24.90 -9.69
C LEU E 465 -5.39 26.42 -9.73
N PRO E 466 -4.20 26.98 -10.03
CA PRO E 466 -4.04 28.42 -10.28
C PRO E 466 -5.12 28.97 -11.19
N GLU E 467 -5.57 30.19 -10.94
CA GLU E 467 -6.55 30.80 -11.83
C GLU E 467 -5.91 31.02 -13.21
N GLY E 468 -6.69 30.75 -14.25
CA GLY E 468 -6.20 30.79 -15.63
C GLY E 468 -5.15 29.73 -15.91
N ALA E 469 -5.34 28.52 -15.33
CA ALA E 469 -4.42 27.41 -15.55
C ALA E 469 -4.89 26.55 -16.72
N GLY E 470 -3.95 26.24 -17.61
CA GLY E 470 -4.25 25.62 -18.89
C GLY E 470 -4.88 26.56 -19.88
N GLU E 471 -4.80 27.86 -19.63
CA GLU E 471 -5.44 28.84 -20.49
C GLU E 471 -4.65 29.02 -21.79
N GLU E 472 -3.33 28.97 -21.69
CA GLU E 472 -2.44 29.09 -22.86
C GLU E 472 -2.44 27.84 -23.73
N SER E 473 -2.70 26.69 -23.11
CA SER E 473 -2.79 25.42 -23.83
C SER E 473 -4.01 25.43 -24.76
N ILE E 474 -5.12 25.96 -24.25
CA ILE E 474 -6.34 26.10 -25.03
C ILE E 474 -6.14 27.15 -26.13
N ALA E 475 -5.56 28.28 -25.74
CA ALA E 475 -5.26 29.36 -26.68
C ALA E 475 -4.53 28.84 -27.92
N ASN E 476 -3.47 28.05 -27.68
CA ASN E 476 -2.68 27.44 -28.74
C ASN E 476 -3.52 26.46 -29.53
N LEU E 477 -4.17 25.54 -28.83
CA LEU E 477 -5.07 24.60 -29.49
C LEU E 477 -6.03 25.33 -30.44
N ASP E 478 -6.53 26.48 -29.99
CA ASP E 478 -7.46 27.29 -30.80
C ASP E 478 -6.78 27.94 -32.01
N ALA E 479 -5.56 28.42 -31.79
CA ALA E 479 -4.74 28.98 -32.86
C ALA E 479 -4.50 27.94 -33.97
N VAL E 480 -4.06 26.76 -33.55
CA VAL E 480 -3.71 25.68 -34.48
C VAL E 480 -4.97 25.16 -35.16
N ARG E 481 -6.03 24.97 -34.37
CA ARG E 481 -7.32 24.54 -34.90
C ARG E 481 -7.75 25.42 -36.07
N TYR E 482 -7.76 26.74 -35.85
CA TYR E 482 -8.12 27.71 -36.88
C TYR E 482 -6.90 28.35 -37.55
N ALA E 483 -5.83 27.59 -37.69
CA ALA E 483 -4.63 28.09 -38.35
C ALA E 483 -4.96 28.27 -39.82
N ASN E 484 -4.53 29.40 -40.37
CA ASN E 484 -5.01 29.87 -41.66
C ASN E 484 -3.93 30.08 -42.72
N GLY E 485 -2.67 29.79 -42.37
CA GLY E 485 -1.51 30.15 -43.20
C GLY E 485 -1.40 29.46 -44.55
N ASP E 486 -0.16 29.18 -44.97
CA ASP E 486 0.11 28.68 -46.33
C ASP E 486 1.07 27.47 -46.42
N VAL E 487 1.48 26.92 -45.27
CA VAL E 487 2.34 25.73 -45.25
C VAL E 487 1.60 24.62 -44.51
N PRO E 488 0.95 23.71 -45.26
CA PRO E 488 0.11 22.73 -44.59
C PRO E 488 0.92 21.79 -43.71
N THR E 489 0.24 21.22 -42.72
CA THR E 489 0.88 20.47 -41.65
C THR E 489 1.61 19.22 -42.18
N ALA E 490 1.13 18.65 -43.28
CA ALA E 490 1.81 17.51 -43.88
C ALA E 490 3.18 17.91 -44.43
N GLU E 491 3.18 18.90 -45.31
CA GLU E 491 4.41 19.31 -46.02
C GLU E 491 5.52 19.72 -45.07
N LEU E 492 5.15 20.45 -44.02
CA LEU E 492 6.11 20.96 -43.05
C LEU E 492 6.77 19.78 -42.34
N ARG E 493 5.94 18.81 -41.98
CA ARG E 493 6.45 17.62 -41.31
C ARG E 493 7.39 16.84 -42.21
N LEU E 494 6.98 16.63 -43.46
CA LEU E 494 7.79 15.86 -44.41
C LEU E 494 9.19 16.46 -44.62
N THR E 495 9.32 17.79 -44.56
CA THR E 495 10.65 18.39 -44.71
C THR E 495 11.44 18.38 -43.38
N MET E 496 10.76 18.54 -42.25
CA MET E 496 11.43 18.34 -40.94
C MET E 496 12.02 16.93 -40.89
N GLN E 497 11.19 15.95 -41.22
CA GLN E 497 11.62 14.57 -41.28
C GLN E 497 12.80 14.36 -42.23
N LYS E 498 12.74 14.98 -43.40
CA LYS E 498 13.79 14.83 -44.42
C LYS E 498 15.11 15.52 -44.04
N THR E 499 15.00 16.62 -43.30
CA THR E 499 16.17 17.31 -42.81
C THR E 499 16.92 16.49 -41.79
N MET E 500 16.21 15.89 -40.84
CA MET E 500 16.85 15.10 -39.79
C MET E 500 17.58 13.89 -40.36
N GLN E 501 16.95 13.25 -41.34
CA GLN E 501 17.54 12.09 -41.97
C GLN E 501 18.85 12.50 -42.60
N LYS E 502 18.85 13.67 -43.24
CA LYS E 502 20.03 14.14 -43.96
C LYS E 502 21.17 14.62 -43.05
N HIS E 503 20.85 15.37 -42.02
CA HIS E 503 21.89 16.01 -41.23
C HIS E 503 22.18 15.26 -39.92
N ALA E 504 21.17 14.57 -39.37
CA ALA E 504 21.34 13.82 -38.12
C ALA E 504 21.31 12.29 -38.29
N GLY E 505 21.85 11.81 -39.41
CA GLY E 505 21.92 10.36 -39.70
C GLY E 505 22.98 9.62 -38.90
N VAL E 506 23.43 8.47 -39.42
CA VAL E 506 24.36 7.61 -38.68
C VAL E 506 25.69 8.30 -38.46
N PHE E 507 26.35 8.66 -39.56
CA PHE E 507 27.61 9.39 -39.50
C PHE E 507 27.39 10.89 -39.74
N ARG E 508 28.03 11.70 -38.90
CA ARG E 508 27.73 13.13 -38.83
C ARG E 508 29.02 13.94 -38.84
N ARG E 509 28.96 15.14 -39.40
CA ARG E 509 30.11 16.05 -39.44
C ARG E 509 29.69 17.45 -38.99
N GLY E 510 30.65 18.23 -38.52
CA GLY E 510 30.38 19.59 -37.99
C GLY E 510 29.67 20.55 -38.93
N ASP E 511 30.08 20.56 -40.20
CA ASP E 511 29.48 21.43 -41.22
C ASP E 511 28.05 21.02 -41.61
N ILE E 512 27.83 19.72 -41.84
CA ILE E 512 26.50 19.22 -42.16
C ILE E 512 25.59 19.41 -40.94
N LEU E 513 26.09 19.12 -39.75
CA LEU E 513 25.29 19.32 -38.55
C LEU E 513 24.89 20.77 -38.41
N ALA E 514 25.86 21.67 -38.56
CA ALA E 514 25.64 23.11 -38.34
C ALA E 514 24.71 23.72 -39.37
N GLU E 515 24.84 23.28 -40.62
CA GLU E 515 23.90 23.64 -41.67
C GLU E 515 22.51 23.13 -41.28
N GLY E 516 22.40 21.83 -41.03
CA GLY E 516 21.16 21.21 -40.59
C GLY E 516 20.44 22.01 -39.52
N VAL E 517 21.20 22.52 -38.54
CA VAL E 517 20.61 23.33 -37.47
C VAL E 517 19.88 24.53 -38.08
N LYS E 518 20.57 25.19 -39.01
CA LYS E 518 20.04 26.39 -39.68
C LYS E 518 18.71 26.07 -40.40
N LYS E 519 18.72 25.01 -41.19
CA LYS E 519 17.52 24.57 -41.88
C LYS E 519 16.43 24.25 -40.88
N MET E 520 16.82 23.65 -39.75
CA MET E 520 15.85 23.26 -38.74
C MET E 520 15.30 24.47 -38.01
N MET E 521 16.14 25.46 -37.76
CA MET E 521 15.68 26.69 -37.13
C MET E 521 14.83 27.53 -38.08
N ASP E 522 15.01 27.34 -39.39
CA ASP E 522 14.13 27.94 -40.40
C ASP E 522 12.73 27.34 -40.29
N LEU E 523 12.68 26.01 -40.26
CA LEU E 523 11.41 25.29 -40.25
C LEU E 523 10.65 25.54 -38.94
N PHE E 524 11.37 25.82 -37.86
CA PHE E 524 10.73 26.14 -36.58
C PHE E 524 9.96 27.46 -36.69
N LYS E 525 10.43 28.33 -37.59
CA LYS E 525 9.75 29.60 -37.83
C LYS E 525 8.55 29.45 -38.75
N GLU E 526 8.66 28.58 -39.76
CA GLU E 526 7.52 28.27 -40.63
C GLU E 526 6.32 27.69 -39.87
N LEU E 527 6.52 27.34 -38.60
CA LEU E 527 5.43 26.95 -37.71
C LEU E 527 4.39 28.06 -37.59
N LYS E 528 4.85 29.31 -37.55
CA LYS E 528 3.93 30.46 -37.53
C LYS E 528 3.04 30.57 -38.78
N ARG E 529 3.45 29.94 -39.87
CA ARG E 529 2.71 29.96 -41.14
C ARG E 529 1.84 28.71 -41.38
N LEU E 530 1.44 28.02 -40.33
CA LEU E 530 0.82 26.69 -40.48
C LEU E 530 -0.61 26.76 -41.01
N LYS E 531 -0.95 25.86 -41.94
CA LYS E 531 -2.30 25.74 -42.48
C LYS E 531 -2.93 24.42 -42.02
N THR E 532 -4.14 24.51 -41.46
CA THR E 532 -4.98 23.33 -41.27
C THR E 532 -6.29 23.51 -42.04
N THR E 533 -7.08 22.45 -42.08
CA THR E 533 -8.32 22.44 -42.84
C THR E 533 -9.48 22.05 -41.94
N ASP E 534 -9.38 20.89 -41.31
CA ASP E 534 -10.40 20.41 -40.39
C ASP E 534 -10.58 21.39 -39.21
N ARG E 535 -11.83 21.82 -39.01
CA ARG E 535 -12.19 22.83 -38.01
C ARG E 535 -12.81 22.25 -36.75
N SER E 536 -13.25 21.00 -36.81
CA SER E 536 -14.05 20.39 -35.75
C SER E 536 -13.26 20.10 -34.47
N LEU E 537 -13.99 19.79 -33.41
CA LEU E 537 -13.39 19.32 -32.15
C LEU E 537 -13.49 17.79 -31.99
N ILE E 538 -14.55 17.22 -32.56
CA ILE E 538 -14.79 15.78 -32.48
C ILE E 538 -13.85 15.05 -33.42
N TRP E 539 -13.05 14.16 -32.83
CA TRP E 539 -12.04 13.35 -33.52
C TRP E 539 -11.40 14.10 -34.67
N ASN E 540 -10.66 15.15 -34.33
CA ASN E 540 -9.98 15.95 -35.32
C ASN E 540 -8.55 15.46 -35.45
N SER E 541 -8.33 14.56 -36.39
CA SER E 541 -7.00 13.98 -36.57
C SER E 541 -6.09 14.91 -37.35
N ASP E 542 -6.64 16.02 -37.87
CA ASP E 542 -5.81 17.08 -38.47
C ASP E 542 -5.19 17.95 -37.36
N LEU E 543 -6.03 18.37 -36.41
CA LEU E 543 -5.60 19.17 -35.25
C LEU E 543 -4.52 18.46 -34.41
N THR E 544 -4.80 17.22 -34.04
CA THR E 544 -3.90 16.44 -33.19
C THR E 544 -2.64 16.04 -33.95
N GLU E 545 -2.72 15.80 -35.26
CA GLU E 545 -1.51 15.57 -36.05
C GLU E 545 -0.66 16.85 -36.12
N SER E 546 -1.29 18.02 -35.99
CA SER E 546 -0.57 19.30 -35.99
C SER E 546 0.04 19.63 -34.63
N LEU E 547 -0.67 19.34 -33.54
CA LEU E 547 -0.07 19.46 -32.22
C LEU E 547 1.13 18.51 -32.14
N GLU E 548 0.98 17.31 -32.73
CA GLU E 548 2.08 16.35 -32.83
C GLU E 548 3.27 16.94 -33.60
N LEU E 549 3.00 17.80 -34.58
CA LEU E 549 4.07 18.49 -35.33
C LEU E 549 4.83 19.53 -34.50
N GLN E 550 4.11 20.35 -33.72
CA GLN E 550 4.71 21.31 -32.81
C GLN E 550 5.60 20.60 -31.80
N ASN E 551 5.10 19.49 -31.26
CA ASN E 551 5.82 18.68 -30.28
C ASN E 551 7.06 18.05 -30.93
N LEU E 552 6.91 17.56 -32.15
CA LEU E 552 8.02 16.96 -32.88
C LEU E 552 9.14 17.96 -33.18
N MET E 553 8.77 19.16 -33.63
CA MET E 553 9.75 20.22 -33.93
C MET E 553 10.56 20.58 -32.69
N LEU E 554 9.87 20.70 -31.55
CA LEU E 554 10.54 20.96 -30.25
C LEU E 554 11.59 19.90 -29.94
N ASN E 555 11.24 18.63 -30.13
CA ASN E 555 12.18 17.55 -29.94
C ASN E 555 13.30 17.60 -30.96
N ALA E 556 12.92 17.71 -32.23
CA ALA E 556 13.86 17.59 -33.36
C ALA E 556 14.96 18.65 -33.36
N THR E 557 14.60 19.87 -32.95
CA THR E 557 15.56 20.96 -32.87
C THR E 557 16.60 20.68 -31.79
N GLN E 558 16.13 20.51 -30.54
CA GLN E 558 17.01 20.24 -29.40
C GLN E 558 17.97 19.10 -29.71
N THR E 559 17.46 18.07 -30.39
CA THR E 559 18.27 16.93 -30.84
C THR E 559 19.48 17.39 -31.68
N ILE E 560 19.20 18.16 -32.74
CA ILE E 560 20.25 18.52 -33.70
C ILE E 560 21.22 19.60 -33.19
N VAL E 561 20.77 20.51 -32.32
CA VAL E 561 21.71 21.49 -31.77
C VAL E 561 22.60 20.78 -30.74
N ALA E 562 22.03 19.83 -30.01
CA ALA E 562 22.78 19.06 -29.04
C ALA E 562 23.86 18.23 -29.71
N ALA E 563 23.50 17.67 -30.87
CA ALA E 563 24.37 16.79 -31.67
C ALA E 563 25.56 17.53 -32.28
N GLU E 564 25.35 18.79 -32.65
CA GLU E 564 26.36 19.64 -33.27
C GLU E 564 27.46 20.05 -32.28
N ASN E 565 27.06 20.30 -31.05
CA ASN E 565 27.98 20.76 -30.00
C ASN E 565 28.88 19.64 -29.48
N ARG E 566 28.33 18.43 -29.35
CA ARG E 566 29.09 17.29 -28.86
C ARG E 566 30.19 16.92 -29.84
N LYS E 567 31.43 17.25 -29.49
CA LYS E 567 32.57 17.00 -30.37
C LYS E 567 33.35 15.77 -29.91
N GLU E 568 32.72 14.62 -30.07
CA GLU E 568 33.34 13.34 -29.77
C GLU E 568 32.62 12.23 -30.55
N SER E 569 32.87 10.97 -30.19
CA SER E 569 32.19 9.83 -30.81
C SER E 569 31.97 8.74 -29.77
N ARG E 570 30.79 8.77 -29.14
CA ARG E 570 30.44 7.90 -28.01
C ARG E 570 29.10 7.22 -28.26
N GLY E 571 29.16 5.94 -28.60
CA GLY E 571 27.95 5.14 -28.78
C GLY E 571 27.23 5.42 -30.09
N ALA E 572 25.94 5.72 -29.98
CA ALA E 572 25.09 6.03 -31.13
C ALA E 572 25.55 7.27 -31.88
N HIS E 573 26.24 8.16 -31.19
CA HIS E 573 26.73 9.41 -31.77
C HIS E 573 28.10 9.20 -32.38
N ALA E 574 28.19 9.36 -33.70
CA ALA E 574 29.46 9.18 -34.40
C ALA E 574 29.76 10.40 -35.26
N ARG E 575 30.92 11.00 -35.04
CA ARG E 575 31.37 12.18 -35.76
C ARG E 575 32.63 11.84 -36.56
N ASP E 576 32.65 12.23 -37.84
CA ASP E 576 33.85 12.08 -38.69
C ASP E 576 34.98 13.00 -38.22
N ASP E 577 34.65 14.25 -37.92
CA ASP E 577 35.61 15.26 -37.43
C ASP E 577 36.12 15.03 -35.99
N PHE E 578 35.48 14.13 -35.24
CA PHE E 578 35.92 13.76 -33.89
C PHE E 578 35.68 12.27 -33.62
N PRO E 579 36.46 11.41 -34.28
CA PRO E 579 36.17 9.97 -34.27
C PRO E 579 36.43 9.27 -32.93
N LYS E 580 37.16 9.90 -32.01
CA LYS E 580 37.54 9.25 -30.75
C LYS E 580 36.67 9.70 -29.58
N ARG E 581 36.58 8.87 -28.56
CA ARG E 581 35.76 9.17 -27.39
C ARG E 581 36.54 10.07 -26.45
N GLU E 582 35.89 11.10 -25.93
CA GLU E 582 36.58 12.10 -25.10
C GLU E 582 36.24 12.03 -23.61
N ASP E 583 37.00 11.23 -22.87
CA ASP E 583 36.75 10.97 -21.45
C ASP E 583 37.62 11.86 -20.56
N GLU E 584 37.42 11.78 -19.24
CA GLU E 584 38.21 12.59 -18.29
C GLU E 584 39.68 12.28 -18.48
N TYR E 585 40.05 10.99 -18.31
CA TYR E 585 41.39 10.49 -18.69
C TYR E 585 41.30 9.81 -20.05
N ASP E 586 42.46 9.39 -20.55
CA ASP E 586 42.53 8.50 -21.69
C ASP E 586 42.62 7.10 -21.13
N TYR E 587 41.56 6.32 -21.31
CA TYR E 587 41.53 4.96 -20.80
C TYR E 587 42.09 3.93 -21.80
N SER E 588 43.03 4.35 -22.66
CA SER E 588 43.80 3.41 -23.49
C SER E 588 45.25 3.33 -22.98
N LYS E 589 45.74 4.42 -22.41
CA LYS E 589 46.95 4.40 -21.58
C LYS E 589 46.55 3.91 -20.19
N PRO E 590 47.53 3.53 -19.35
CA PRO E 590 47.26 3.37 -17.91
C PRO E 590 46.87 4.71 -17.24
N ILE E 591 46.16 4.64 -16.12
CA ILE E 591 45.50 5.84 -15.56
C ILE E 591 46.46 6.65 -14.71
N GLU E 592 47.00 6.03 -13.66
CA GLU E 592 48.00 6.68 -12.79
C GLU E 592 49.12 7.25 -13.65
N GLY E 593 49.60 8.43 -13.28
CA GLY E 593 50.56 9.16 -14.10
C GLY E 593 49.88 9.86 -15.26
N GLN E 594 48.69 10.38 -15.00
CA GLN E 594 48.00 11.31 -15.90
C GLN E 594 47.48 12.47 -15.07
N THR E 595 46.83 13.44 -15.72
CA THR E 595 46.10 14.50 -15.03
C THR E 595 44.66 14.53 -15.52
N LYS E 596 43.72 14.57 -14.59
CA LYS E 596 42.29 14.56 -14.92
C LYS E 596 41.91 15.85 -15.64
N ARG E 597 41.48 15.73 -16.89
CA ARG E 597 40.96 16.87 -17.62
C ARG E 597 39.73 17.41 -16.92
N PRO E 598 39.50 18.73 -17.00
CA PRO E 598 38.36 19.30 -16.28
C PRO E 598 37.04 18.96 -16.95
N PHE E 599 35.94 19.16 -16.23
CA PHE E 599 34.61 18.90 -16.75
C PHE E 599 34.32 19.65 -18.05
N GLU E 600 34.81 20.89 -18.13
CA GLU E 600 34.58 21.72 -19.30
C GLU E 600 35.36 21.27 -20.55
N LYS E 601 36.30 20.34 -20.42
CA LYS E 601 37.15 19.94 -21.56
C LYS E 601 36.87 18.53 -22.09
N HIS E 602 36.52 17.57 -21.22
CA HIS E 602 36.18 16.23 -21.71
C HIS E 602 34.71 16.20 -22.10
N TRP E 603 34.18 15.03 -22.43
CA TRP E 603 32.79 14.93 -22.86
C TRP E 603 31.89 13.92 -22.12
N ARG E 604 32.44 13.14 -21.18
CA ARG E 604 31.61 12.29 -20.34
C ARG E 604 30.67 13.12 -19.49
N LYS E 605 29.59 13.55 -20.13
CA LYS E 605 28.62 14.43 -19.50
C LYS E 605 27.34 14.45 -20.34
N HIS E 606 26.20 14.53 -19.67
CA HIS E 606 24.91 14.53 -20.33
C HIS E 606 24.60 15.89 -20.92
N THR E 607 24.24 15.94 -22.20
CA THR E 607 23.83 17.19 -22.83
C THR E 607 22.43 17.63 -22.40
N LEU E 608 22.32 18.84 -21.83
CA LEU E 608 21.04 19.37 -21.35
C LEU E 608 20.53 20.56 -22.19
N THR E 609 19.55 20.30 -23.06
CA THR E 609 18.95 21.34 -23.90
C THR E 609 17.79 21.98 -23.15
N LYS E 610 17.78 23.31 -23.12
CA LYS E 610 16.66 24.08 -22.59
C LYS E 610 16.10 24.92 -23.73
N GLN E 611 14.82 24.76 -24.07
CA GLN E 611 14.29 25.43 -25.24
C GLN E 611 13.12 26.32 -24.90
N ASP E 612 13.09 27.50 -25.52
CA ASP E 612 11.95 28.39 -25.42
C ASP E 612 10.86 27.94 -26.39
N PRO E 613 9.70 27.53 -25.85
CA PRO E 613 8.61 27.02 -26.69
C PRO E 613 8.18 27.94 -27.84
N ARG E 614 8.25 29.25 -27.63
CA ARG E 614 7.74 30.23 -28.59
C ARG E 614 8.82 30.69 -29.55
N THR E 615 9.98 31.07 -29.03
CA THR E 615 11.08 31.61 -29.85
C THR E 615 11.91 30.51 -30.51
N GLY E 616 11.95 29.34 -29.87
CA GLY E 616 12.73 28.21 -30.34
C GLY E 616 14.21 28.29 -30.01
N HIS E 617 14.60 29.24 -29.16
CA HIS E 617 16.01 29.37 -28.80
C HIS E 617 16.33 28.26 -27.82
N ILE E 618 17.54 27.74 -27.93
CA ILE E 618 17.99 26.57 -27.18
C ILE E 618 19.34 26.85 -26.55
N THR E 619 19.37 26.91 -25.22
CA THR E 619 20.63 27.04 -24.51
C THR E 619 21.18 25.63 -24.23
N LEU E 620 22.45 25.54 -23.86
CA LEU E 620 23.04 24.25 -23.44
C LEU E 620 23.54 24.30 -22.00
N ASP E 621 23.82 23.11 -21.47
CA ASP E 621 24.36 22.95 -20.12
C ASP E 621 24.77 21.48 -20.04
N TYR E 622 25.63 21.13 -19.08
CA TYR E 622 26.21 19.82 -19.03
C TYR E 622 26.30 19.25 -17.61
N ARG E 623 25.74 18.05 -17.46
CA ARG E 623 25.55 17.38 -16.17
C ARG E 623 26.52 16.22 -16.09
N PRO E 624 27.13 16.01 -14.92
CA PRO E 624 28.16 14.97 -14.79
C PRO E 624 27.55 13.59 -14.77
N VAL E 625 28.32 12.59 -15.20
CA VAL E 625 27.86 11.21 -15.08
C VAL E 625 27.94 10.78 -13.62
N ILE E 626 26.92 10.07 -13.16
CA ILE E 626 26.97 9.39 -11.85
C ILE E 626 27.68 8.04 -12.02
N ASP E 627 28.85 7.92 -11.39
CA ASP E 627 29.68 6.72 -11.52
C ASP E 627 29.65 5.82 -10.30
N LYS E 628 29.07 6.32 -9.20
CA LYS E 628 28.86 5.49 -8.01
C LYS E 628 27.67 4.58 -8.28
N THR E 629 27.57 3.48 -7.53
CA THR E 629 26.38 2.64 -7.55
C THR E 629 25.45 3.07 -6.40
N LEU E 630 24.37 2.32 -6.15
CA LEU E 630 23.50 2.56 -4.98
C LEU E 630 24.16 2.09 -3.67
N ASP E 631 24.89 0.99 -3.75
CA ASP E 631 25.47 0.34 -2.59
C ASP E 631 26.78 -0.36 -2.96
N PRO E 632 27.93 0.22 -2.56
CA PRO E 632 29.26 -0.32 -2.90
C PRO E 632 29.48 -1.81 -2.54
N ALA E 633 28.82 -2.28 -1.49
CA ALA E 633 28.94 -3.68 -1.05
C ALA E 633 28.36 -4.66 -2.06
N GLU E 634 27.16 -4.37 -2.56
CA GLU E 634 26.45 -5.26 -3.49
C GLU E 634 27.13 -5.35 -4.86
N VAL E 635 27.62 -4.21 -5.36
CA VAL E 635 28.50 -4.16 -6.53
C VAL E 635 29.33 -2.87 -6.64
N ASP E 636 30.57 -3.02 -7.12
CA ASP E 636 31.51 -1.91 -7.28
C ASP E 636 31.27 -1.26 -8.62
N TRP E 637 31.51 0.05 -8.70
CA TRP E 637 31.33 0.77 -9.95
C TRP E 637 32.40 0.36 -10.95
N ILE E 638 32.04 0.39 -12.23
CA ILE E 638 32.91 -0.06 -13.30
C ILE E 638 33.62 1.14 -13.91
N PRO E 639 34.96 1.08 -13.99
CA PRO E 639 35.68 2.18 -14.62
C PRO E 639 35.67 2.03 -16.15
N PRO E 640 35.72 3.16 -16.88
CA PRO E 640 35.68 3.10 -18.34
C PRO E 640 36.84 2.33 -18.93
N ILE E 641 36.58 1.55 -19.98
CA ILE E 641 37.64 0.93 -20.77
C ILE E 641 37.39 1.22 -22.24
N ILE E 642 38.30 0.76 -23.09
CA ILE E 642 38.10 0.83 -24.54
C ILE E 642 36.98 -0.13 -24.92
N ARG E 643 36.08 0.33 -25.80
CA ARG E 643 34.82 -0.35 -26.07
C ARG E 643 34.85 -1.10 -27.41
N SER E 644 35.52 -2.25 -27.42
CA SER E 644 35.65 -3.13 -28.59
C SER E 644 34.81 -4.40 -28.38
N TYR E 645 34.05 -4.77 -29.41
CA TYR E 645 33.22 -6.00 -29.40
C TYR E 645 33.75 -7.04 -30.41
N THR F 31 -5.63 10.01 -68.99
CA THR F 31 -5.45 8.86 -69.93
C THR F 31 -3.96 8.58 -70.18
N GLY F 32 -3.16 8.65 -69.12
CA GLY F 32 -1.69 8.49 -69.22
C GLY F 32 -1.02 8.18 -67.87
N LYS F 33 -1.70 7.46 -66.98
CA LYS F 33 -1.36 7.47 -65.55
C LYS F 33 -2.20 6.47 -64.78
N ARG F 34 -1.61 5.79 -63.80
CA ARG F 34 -2.35 4.77 -63.03
C ARG F 34 -3.16 5.38 -61.90
N ILE F 35 -4.43 5.67 -62.17
CA ILE F 35 -5.30 6.34 -61.22
C ILE F 35 -6.33 5.34 -60.70
N LYS F 36 -6.24 5.05 -59.40
CA LYS F 36 -7.19 4.20 -58.69
C LYS F 36 -8.18 5.11 -57.97
N THR F 37 -9.44 4.69 -57.85
CA THR F 37 -10.43 5.46 -57.07
C THR F 37 -10.94 4.71 -55.82
N PHE F 38 -11.31 5.47 -54.80
CA PHE F 38 -11.75 4.92 -53.53
C PHE F 38 -13.06 5.56 -53.13
N GLU F 39 -14.01 4.76 -52.65
CA GLU F 39 -15.26 5.27 -52.10
C GLU F 39 -15.21 5.07 -50.61
N ILE F 40 -15.22 6.16 -49.87
CA ILE F 40 -14.88 6.14 -48.47
C ILE F 40 -15.96 6.76 -47.61
N TYR F 41 -16.80 5.93 -47.01
CA TYR F 41 -17.84 6.35 -46.03
C TYR F 41 -17.39 7.56 -45.23
N ARG F 42 -18.19 8.61 -45.29
CA ARG F 42 -17.95 9.85 -44.55
C ARG F 42 -19.14 10.11 -43.64
N PHE F 43 -18.87 10.68 -42.47
CA PHE F 43 -19.94 11.14 -41.60
C PHE F 43 -19.38 12.18 -40.66
N ASN F 44 -19.99 13.37 -40.67
CA ASN F 44 -19.61 14.43 -39.76
C ASN F 44 -20.70 14.60 -38.71
N PRO F 45 -20.39 14.29 -37.44
CA PRO F 45 -21.39 14.49 -36.40
C PRO F 45 -21.64 15.96 -36.14
N GLU F 46 -20.64 16.80 -36.43
CA GLU F 46 -20.66 18.20 -36.12
C GLU F 46 -21.61 18.94 -37.06
N GLU F 47 -21.61 18.59 -38.34
CA GLU F 47 -22.50 19.20 -39.33
C GLU F 47 -23.96 18.93 -38.95
N PRO F 48 -24.83 19.97 -39.01
CA PRO F 48 -26.20 19.88 -38.44
C PRO F 48 -27.14 18.89 -39.14
N GLY F 49 -27.66 17.93 -38.36
CA GLY F 49 -28.57 16.90 -38.87
C GLY F 49 -28.06 16.15 -40.09
N ALA F 50 -26.75 15.89 -40.11
CA ALA F 50 -26.07 15.32 -41.28
C ALA F 50 -26.39 13.85 -41.48
N LYS F 51 -25.94 13.30 -42.61
CA LYS F 51 -26.16 11.89 -42.87
C LYS F 51 -24.92 11.23 -43.45
N PRO F 52 -24.85 9.90 -43.34
CA PRO F 52 -23.78 9.15 -43.97
C PRO F 52 -23.83 9.24 -45.50
N LYS F 53 -22.64 9.23 -46.12
CA LYS F 53 -22.47 9.46 -47.55
C LYS F 53 -21.15 8.87 -47.98
N LEU F 54 -21.05 8.49 -49.25
CA LEU F 54 -19.80 7.99 -49.83
C LEU F 54 -19.11 9.09 -50.63
N GLN F 55 -17.79 9.15 -50.54
CA GLN F 55 -17.01 10.18 -51.23
C GLN F 55 -15.93 9.55 -52.12
N LYS F 56 -15.97 9.81 -53.43
CA LYS F 56 -14.95 9.30 -54.36
C LYS F 56 -13.66 10.09 -54.24
N PHE F 57 -12.55 9.38 -54.22
CA PHE F 57 -11.22 9.99 -54.16
C PHE F 57 -10.40 9.29 -55.23
N ASP F 58 -9.65 10.06 -56.00
CA ASP F 58 -8.78 9.49 -57.02
C ASP F 58 -7.33 9.64 -56.52
N VAL F 59 -6.54 8.59 -56.69
CA VAL F 59 -5.18 8.53 -56.15
C VAL F 59 -4.21 7.98 -57.19
N ASP F 60 -3.12 8.70 -57.46
CA ASP F 60 -2.10 8.21 -58.41
C ASP F 60 -1.29 7.12 -57.72
N LEU F 61 -1.43 5.88 -58.19
CA LEU F 61 -0.82 4.74 -57.52
C LEU F 61 0.69 4.75 -57.59
N ASP F 62 1.24 5.31 -58.66
CA ASP F 62 2.69 5.41 -58.80
C ASP F 62 3.26 6.36 -57.76
N LYS F 63 2.46 7.35 -57.36
CA LYS F 63 2.82 8.31 -56.30
C LYS F 63 2.42 7.83 -54.90
N CYS F 64 2.25 6.52 -54.70
CA CYS F 64 1.60 6.04 -53.46
C CYS F 64 2.05 4.66 -53.07
N GLY F 65 1.89 4.36 -51.79
CA GLY F 65 2.37 3.12 -51.21
C GLY F 65 1.57 1.94 -51.71
N THR F 66 2.02 0.76 -51.31
CA THR F 66 1.45 -0.50 -51.78
C THR F 66 0.15 -0.88 -51.03
N MET F 67 0.06 -0.50 -49.74
CA MET F 67 -1.08 -0.84 -48.86
C MET F 67 -2.16 0.23 -48.78
N VAL F 68 -3.39 -0.22 -48.53
CA VAL F 68 -4.55 0.67 -48.51
C VAL F 68 -4.40 1.80 -47.49
N LEU F 69 -3.83 1.51 -46.33
CA LEU F 69 -3.53 2.55 -45.35
C LEU F 69 -2.68 3.65 -45.97
N ASP F 70 -1.71 3.26 -46.81
CA ASP F 70 -0.81 4.22 -47.47
C ASP F 70 -1.60 5.21 -48.33
N ALA F 71 -2.71 4.75 -48.90
CA ALA F 71 -3.58 5.61 -49.70
C ALA F 71 -4.33 6.55 -48.80
N LEU F 72 -5.05 5.99 -47.83
CA LEU F 72 -5.77 6.78 -46.86
C LEU F 72 -4.92 7.93 -46.37
N ILE F 73 -3.67 7.65 -45.97
CA ILE F 73 -2.80 8.69 -45.42
C ILE F 73 -2.42 9.76 -46.45
N LYS F 74 -2.23 9.32 -47.69
CA LYS F 74 -1.96 10.19 -48.82
C LYS F 74 -3.16 11.10 -49.07
N ILE F 75 -4.34 10.49 -49.16
CA ILE F 75 -5.57 11.24 -49.33
C ILE F 75 -5.69 12.31 -48.25
N LYS F 76 -5.53 11.93 -47.00
CA LYS F 76 -5.61 12.88 -45.90
C LYS F 76 -4.59 13.96 -46.07
N ASN F 77 -3.37 13.57 -46.44
CA ASN F 77 -2.26 14.52 -46.54
C ASN F 77 -2.33 15.48 -47.71
N GLU F 78 -2.69 14.97 -48.88
CA GLU F 78 -2.57 15.75 -50.12
C GLU F 78 -3.90 16.24 -50.68
N VAL F 79 -5.02 15.70 -50.18
CA VAL F 79 -6.34 15.90 -50.81
C VAL F 79 -7.41 16.37 -49.82
N ASP F 80 -7.59 15.65 -48.71
CA ASP F 80 -8.65 15.95 -47.74
C ASP F 80 -8.23 15.61 -46.31
N PRO F 81 -7.68 16.61 -45.60
CA PRO F 81 -7.33 16.37 -44.20
C PRO F 81 -8.49 16.16 -43.22
N THR F 82 -9.74 16.35 -43.66
CA THR F 82 -10.85 16.03 -42.76
C THR F 82 -11.11 14.53 -42.65
N LEU F 83 -10.55 13.76 -43.60
CA LEU F 83 -10.74 12.31 -43.62
C LEU F 83 -10.10 11.73 -42.38
N THR F 84 -10.91 11.02 -41.61
CA THR F 84 -10.53 10.57 -40.28
C THR F 84 -10.60 9.05 -40.17
N PHE F 85 -9.45 8.46 -39.81
CA PHE F 85 -9.34 7.03 -39.53
C PHE F 85 -8.33 6.86 -38.40
N ARG F 86 -8.30 5.67 -37.82
CA ARG F 86 -7.31 5.32 -36.81
C ARG F 86 -6.16 4.59 -37.50
N ARG F 87 -4.95 4.83 -37.02
CA ARG F 87 -3.82 3.99 -37.35
C ARG F 87 -2.77 4.18 -36.29
N SER F 88 -1.79 3.28 -36.19
CA SER F 88 -0.56 3.56 -35.42
C SER F 88 0.62 2.80 -35.97
N CYS F 89 0.74 1.55 -35.59
CA CYS F 89 1.79 0.68 -36.12
C CYS F 89 1.52 0.43 -37.59
N ARG F 90 2.60 0.17 -38.34
CA ARG F 90 2.46 0.06 -39.79
C ARG F 90 2.70 -1.38 -40.24
N GLU F 91 3.13 -2.25 -39.32
CA GLU F 91 3.48 -3.63 -39.62
C GLU F 91 2.39 -4.62 -39.27
N GLY F 92 1.18 -4.12 -38.98
CA GLY F 92 0.02 -4.99 -38.79
C GLY F 92 -0.11 -5.70 -37.44
N ILE F 93 0.30 -5.02 -36.37
CA ILE F 93 0.38 -5.64 -35.04
C ILE F 93 -0.50 -4.92 -33.98
N CYS F 94 -0.62 -3.57 -34.05
CA CYS F 94 -1.37 -2.78 -33.06
C CYS F 94 -2.88 -3.01 -33.05
N GLY F 95 -3.43 -3.07 -34.23
CA GLY F 95 -4.83 -3.45 -34.40
C GLY F 95 -5.76 -2.25 -34.50
N SER F 96 -5.19 -1.06 -34.69
CA SER F 96 -5.96 0.18 -34.77
C SER F 96 -6.76 0.34 -36.04
N CYS F 97 -6.18 -0.01 -37.17
CA CYS F 97 -6.75 0.39 -38.45
C CYS F 97 -7.77 -0.58 -39.05
N ALA F 98 -8.36 -1.46 -38.23
CA ALA F 98 -9.38 -2.38 -38.69
C ALA F 98 -10.50 -1.58 -39.32
N MET F 99 -11.04 -2.10 -40.42
CA MET F 99 -12.11 -1.45 -41.18
C MET F 99 -12.50 -2.35 -42.32
N ASN F 100 -13.59 -2.01 -43.02
CA ASN F 100 -14.14 -2.89 -44.05
C ASN F 100 -13.74 -2.46 -45.45
N ILE F 101 -12.72 -3.11 -46.00
CA ILE F 101 -12.19 -2.81 -47.34
C ILE F 101 -12.66 -3.86 -48.35
N ALA F 102 -13.34 -3.41 -49.40
CA ALA F 102 -13.77 -4.31 -50.46
C ALA F 102 -14.62 -5.47 -49.95
N GLY F 103 -15.51 -5.17 -49.00
CA GLY F 103 -16.47 -6.15 -48.50
C GLY F 103 -16.04 -6.97 -47.30
N GLU F 104 -14.72 -7.00 -47.04
CA GLU F 104 -14.17 -7.83 -45.98
C GLU F 104 -13.52 -7.01 -44.88
N ASN F 105 -13.64 -7.48 -43.64
CA ASN F 105 -12.97 -6.85 -42.50
C ASN F 105 -11.50 -7.17 -42.51
N THR F 106 -10.67 -6.14 -42.41
CA THR F 106 -9.23 -6.37 -42.37
C THR F 106 -8.49 -5.19 -41.76
N LEU F 107 -7.16 -5.25 -41.76
CA LEU F 107 -6.35 -4.14 -41.30
C LEU F 107 -5.88 -3.43 -42.54
N ALA F 108 -6.23 -2.17 -42.70
CA ALA F 108 -5.82 -1.46 -43.92
C ALA F 108 -4.31 -1.43 -44.11
N CYS F 109 -3.55 -1.62 -43.03
CA CYS F 109 -2.11 -1.47 -43.11
C CYS F 109 -1.40 -2.68 -43.70
N ILE F 110 -2.11 -3.80 -43.83
CA ILE F 110 -1.55 -4.96 -44.53
C ILE F 110 -2.39 -5.36 -45.74
N CYS F 111 -3.29 -4.48 -46.13
CA CYS F 111 -4.23 -4.79 -47.20
C CYS F 111 -3.75 -4.15 -48.50
N ASN F 112 -3.38 -4.98 -49.46
CA ASN F 112 -2.82 -4.47 -50.71
C ASN F 112 -3.84 -3.67 -51.46
N ILE F 113 -3.40 -2.55 -52.01
CA ILE F 113 -4.26 -1.79 -52.90
C ILE F 113 -4.44 -2.67 -54.11
N ASP F 114 -5.68 -2.81 -54.56
CA ASP F 114 -5.97 -3.57 -55.76
C ASP F 114 -5.71 -2.68 -56.95
N GLN F 115 -4.61 -2.94 -57.65
CA GLN F 115 -4.11 -1.99 -58.68
C GLN F 115 -4.95 -1.95 -59.97
N ASN F 116 -5.97 -2.79 -60.04
CA ASN F 116 -6.86 -2.85 -61.17
C ASN F 116 -7.72 -1.58 -61.29
N THR F 117 -7.18 -0.56 -61.95
CA THR F 117 -7.79 0.78 -61.96
C THR F 117 -9.23 0.87 -62.52
N SER F 118 -9.69 -0.15 -63.24
CA SER F 118 -11.09 -0.18 -63.68
C SER F 118 -12.11 -0.36 -62.52
N LYS F 119 -11.74 -1.16 -61.51
CA LYS F 119 -12.57 -1.32 -60.30
C LYS F 119 -12.45 -0.05 -59.45
N THR F 120 -13.38 0.09 -58.51
CA THR F 120 -13.22 1.04 -57.41
C THR F 120 -13.20 0.24 -56.10
N THR F 121 -12.49 0.72 -55.09
CA THR F 121 -12.49 0.07 -53.79
C THR F 121 -13.40 0.82 -52.81
N LYS F 122 -14.31 0.09 -52.17
CA LYS F 122 -15.21 0.66 -51.18
C LYS F 122 -14.72 0.38 -49.76
N ILE F 123 -14.53 1.47 -49.03
CA ILE F 123 -14.02 1.45 -47.67
C ILE F 123 -15.07 2.00 -46.69
N TYR F 124 -15.74 1.09 -45.98
CA TYR F 124 -16.69 1.41 -44.93
C TYR F 124 -16.06 1.17 -43.54
N PRO F 125 -16.67 1.67 -42.46
CA PRO F 125 -16.09 1.40 -41.16
C PRO F 125 -16.43 -0.01 -40.71
N LEU F 126 -15.94 -0.42 -39.55
CA LEU F 126 -16.29 -1.75 -39.03
C LEU F 126 -17.80 -1.93 -38.97
N PRO F 127 -18.31 -3.05 -39.50
CA PRO F 127 -19.74 -3.21 -39.65
C PRO F 127 -20.57 -3.25 -38.38
N HIS F 128 -21.78 -2.70 -38.50
CA HIS F 128 -22.79 -2.57 -37.44
C HIS F 128 -22.34 -1.83 -36.20
N MET F 129 -21.28 -1.02 -36.31
CA MET F 129 -20.80 -0.26 -35.14
C MET F 129 -21.30 1.18 -35.18
N PHE F 130 -21.63 1.71 -34.01
CA PHE F 130 -21.97 3.12 -33.89
C PHE F 130 -20.73 3.91 -34.25
N VAL F 131 -20.87 4.86 -35.17
CA VAL F 131 -19.68 5.55 -35.69
C VAL F 131 -19.56 6.98 -35.14
N ILE F 132 -18.35 7.28 -34.67
CA ILE F 132 -18.03 8.59 -34.12
C ILE F 132 -17.79 9.57 -35.26
N LYS F 133 -16.93 9.22 -36.20
CA LYS F 133 -16.66 10.07 -37.36
C LYS F 133 -16.03 9.25 -38.50
N ASP F 134 -16.55 9.38 -39.71
CA ASP F 134 -15.96 8.75 -40.90
C ASP F 134 -15.67 7.26 -40.67
N LEU F 135 -14.39 6.90 -40.48
CA LEU F 135 -14.00 5.52 -40.34
C LEU F 135 -13.66 5.13 -38.89
N VAL F 136 -14.09 5.94 -37.93
CA VAL F 136 -13.83 5.64 -36.54
C VAL F 136 -15.11 5.16 -35.86
N PRO F 137 -15.14 3.89 -35.39
CA PRO F 137 -16.25 3.38 -34.58
C PRO F 137 -16.00 3.47 -33.08
N ASP F 138 -17.09 3.53 -32.33
CA ASP F 138 -17.06 3.52 -30.87
C ASP F 138 -16.75 2.10 -30.43
N MET F 139 -15.56 1.89 -29.90
CA MET F 139 -15.09 0.54 -29.66
C MET F 139 -15.43 0.03 -28.25
N ASN F 140 -16.25 0.76 -27.51
CA ASN F 140 -16.24 0.65 -26.05
C ASN F 140 -16.96 -0.57 -25.48
N LEU F 141 -17.97 -1.05 -26.21
CA LEU F 141 -18.66 -2.25 -25.78
C LEU F 141 -17.74 -3.44 -25.94
N PHE F 142 -16.97 -3.43 -27.02
CA PHE F 142 -15.97 -4.45 -27.28
C PHE F 142 -14.89 -4.47 -26.18
N TYR F 143 -14.51 -3.30 -25.69
CA TYR F 143 -13.50 -3.20 -24.66
C TYR F 143 -14.08 -3.58 -23.32
N ALA F 144 -15.31 -3.22 -23.08
CA ALA F 144 -15.93 -3.50 -21.79
C ALA F 144 -16.17 -5.00 -21.61
N GLN F 145 -16.46 -5.69 -22.71
CA GLN F 145 -16.70 -7.13 -22.68
C GLN F 145 -15.40 -7.92 -22.42
N TYR F 146 -14.32 -7.54 -23.11
CA TYR F 146 -13.02 -8.12 -22.85
C TYR F 146 -12.59 -7.91 -21.39
N ALA F 147 -13.12 -6.87 -20.75
CA ALA F 147 -12.94 -6.70 -19.33
C ALA F 147 -13.74 -7.75 -18.58
N SER F 148 -14.91 -8.07 -19.12
CA SER F 148 -15.87 -8.98 -18.48
C SER F 148 -15.39 -10.44 -18.32
N ILE F 149 -14.37 -10.84 -19.09
CA ILE F 149 -13.83 -12.20 -18.98
C ILE F 149 -12.67 -12.30 -17.95
N GLN F 150 -12.31 -11.17 -17.35
CA GLN F 150 -11.23 -11.10 -16.34
C GLN F 150 -9.91 -11.64 -16.90
N PRO F 151 -9.28 -10.89 -17.82
CA PRO F 151 -8.15 -11.36 -18.58
C PRO F 151 -6.81 -11.25 -17.83
N TRP F 152 -6.73 -11.92 -16.68
CA TRP F 152 -5.52 -11.93 -15.90
C TRP F 152 -5.42 -13.24 -15.15
N LEU F 153 -4.21 -13.61 -14.72
CA LEU F 153 -3.97 -14.91 -14.09
C LEU F 153 -4.49 -14.92 -12.66
N GLN F 154 -5.32 -15.93 -12.35
CA GLN F 154 -5.94 -16.08 -11.04
C GLN F 154 -5.52 -17.43 -10.43
N LYS F 155 -5.23 -17.42 -9.13
CA LYS F 155 -4.73 -18.60 -8.44
C LYS F 155 -5.62 -18.96 -7.26
N LYS F 156 -5.80 -20.26 -7.01
CA LYS F 156 -6.53 -20.72 -5.81
C LYS F 156 -5.66 -20.51 -4.57
N THR F 157 -4.36 -20.79 -4.71
CA THR F 157 -3.40 -20.65 -3.61
C THR F 157 -2.61 -19.36 -3.79
N LYS F 158 -2.85 -18.36 -2.93
CA LYS F 158 -2.07 -17.11 -2.96
C LYS F 158 -0.58 -17.37 -3.23
N ILE F 159 -0.08 -16.77 -4.32
CA ILE F 159 1.33 -16.88 -4.73
C ILE F 159 2.08 -15.65 -4.20
N ASN F 160 3.36 -15.80 -3.89
CA ASN F 160 4.18 -14.66 -3.49
C ASN F 160 4.82 -14.05 -4.74
N LEU F 161 4.51 -12.77 -4.96
CA LEU F 161 4.69 -12.14 -6.27
C LEU F 161 6.14 -11.86 -6.61
N GLY F 162 6.60 -12.43 -7.71
CA GLY F 162 7.99 -12.27 -8.13
C GLY F 162 8.97 -13.20 -7.46
N GLU F 163 8.47 -14.13 -6.63
CA GLU F 163 9.35 -15.01 -5.87
C GLU F 163 9.92 -16.07 -6.78
N LYS F 164 9.08 -16.67 -7.63
CA LYS F 164 9.54 -17.74 -8.52
C LYS F 164 8.57 -17.99 -9.67
N GLN F 165 9.11 -18.51 -10.76
CA GLN F 165 8.29 -18.81 -11.92
C GLN F 165 7.34 -19.90 -11.50
N GLN F 166 6.36 -20.16 -12.34
CA GLN F 166 5.44 -21.26 -12.16
C GLN F 166 5.77 -22.30 -13.22
N TYR F 167 5.64 -23.58 -12.88
CA TYR F 167 5.92 -24.62 -13.85
C TYR F 167 4.87 -24.55 -14.96
N GLN F 168 5.30 -24.72 -16.20
CA GLN F 168 4.40 -24.97 -17.32
C GLN F 168 5.19 -25.64 -18.44
N SER F 169 4.75 -26.81 -18.86
CA SER F 169 5.48 -27.58 -19.86
C SER F 169 5.39 -26.90 -21.20
N ILE F 170 6.30 -27.23 -22.10
CA ILE F 170 6.23 -26.74 -23.46
C ILE F 170 4.90 -27.15 -24.12
N LYS F 171 4.36 -28.30 -23.74
CA LYS F 171 3.15 -28.82 -24.39
C LYS F 171 1.90 -28.08 -23.92
N GLU F 172 1.83 -27.85 -22.60
CA GLU F 172 0.73 -27.13 -21.97
C GLU F 172 0.63 -25.72 -22.52
N GLN F 173 1.77 -25.13 -22.88
CA GLN F 173 1.81 -23.73 -23.26
C GLN F 173 1.64 -23.53 -24.77
N GLU F 174 1.98 -24.52 -25.59
CA GLU F 174 1.61 -24.46 -27.01
C GLU F 174 0.09 -24.61 -27.22
N LYS F 175 -0.65 -24.86 -26.12
CA LYS F 175 -2.12 -24.77 -26.12
C LYS F 175 -2.55 -23.33 -26.30
N LEU F 176 -1.69 -22.42 -25.82
CA LEU F 176 -1.89 -20.99 -26.00
C LEU F 176 -1.62 -20.53 -27.44
N ASP F 177 -0.71 -21.18 -28.17
CA ASP F 177 -0.45 -20.80 -29.57
C ASP F 177 -1.78 -20.82 -30.32
N GLY F 178 -1.95 -19.88 -31.24
CA GLY F 178 -3.25 -19.63 -31.89
C GLY F 178 -4.19 -18.67 -31.15
N LEU F 179 -3.93 -18.47 -29.86
CA LEU F 179 -4.83 -17.73 -28.99
C LEU F 179 -4.25 -16.41 -28.47
N TYR F 180 -3.04 -16.42 -27.92
CA TYR F 180 -2.46 -15.20 -27.34
C TYR F 180 -2.09 -14.16 -28.39
N GLU F 181 -2.02 -14.57 -29.65
CA GLU F 181 -1.71 -13.67 -30.77
C GLU F 181 -2.78 -12.63 -31.07
N CYS F 182 -4.02 -12.87 -30.61
CA CYS F 182 -5.12 -11.96 -30.88
C CYS F 182 -4.75 -10.55 -30.52
N ILE F 183 -4.90 -9.62 -31.48
CA ILE F 183 -4.52 -8.17 -31.27
C ILE F 183 -5.70 -7.24 -30.92
N LEU F 184 -6.88 -7.83 -30.71
CA LEU F 184 -8.09 -7.10 -30.31
C LEU F 184 -8.53 -6.07 -31.37
N CYS F 185 -8.44 -6.46 -32.64
CA CYS F 185 -8.72 -5.55 -33.75
C CYS F 185 -10.20 -5.46 -34.04
N ALA F 186 -10.96 -6.42 -33.52
CA ALA F 186 -12.43 -6.46 -33.61
C ALA F 186 -12.97 -6.75 -35.01
N CYS F 187 -12.09 -7.18 -35.92
CA CYS F 187 -12.49 -7.56 -37.26
C CYS F 187 -13.51 -8.69 -37.28
N CYS F 188 -13.28 -9.70 -36.44
CA CYS F 188 -14.14 -10.86 -36.43
C CYS F 188 -15.48 -10.56 -35.79
N SER F 189 -15.48 -10.10 -34.54
CA SER F 189 -16.72 -9.71 -33.87
C SER F 189 -17.61 -8.83 -34.78
N ALA F 190 -17.00 -7.87 -35.47
CA ALA F 190 -17.72 -6.97 -36.38
C ALA F 190 -18.13 -7.62 -37.72
N SER F 191 -17.71 -8.86 -37.94
CA SER F 191 -18.11 -9.63 -39.12
C SER F 191 -19.13 -10.69 -38.76
N CYS F 192 -19.22 -11.06 -37.48
CA CYS F 192 -20.21 -12.03 -37.01
C CYS F 192 -21.59 -11.41 -37.06
N PRO F 193 -22.52 -12.06 -37.78
CA PRO F 193 -23.87 -11.53 -37.83
C PRO F 193 -24.64 -11.68 -36.52
N SER F 194 -24.41 -12.78 -35.79
CA SER F 194 -25.07 -12.95 -34.47
C SER F 194 -24.69 -11.84 -33.48
N TYR F 195 -23.50 -11.28 -33.67
CA TYR F 195 -23.03 -10.19 -32.85
C TYR F 195 -23.58 -8.88 -33.35
N TRP F 196 -23.82 -8.79 -34.67
CA TRP F 196 -24.46 -7.61 -35.24
C TRP F 196 -25.79 -7.39 -34.55
N TRP F 197 -26.55 -8.48 -34.41
CA TRP F 197 -27.90 -8.44 -33.87
C TRP F 197 -27.95 -8.37 -32.33
N ASN F 198 -27.03 -9.06 -31.65
CA ASN F 198 -27.08 -9.10 -30.19
C ASN F 198 -25.77 -8.78 -29.49
N ALA F 199 -25.04 -7.82 -30.04
CA ALA F 199 -23.76 -7.35 -29.49
C ALA F 199 -23.75 -7.20 -27.99
N ASP F 200 -24.88 -6.79 -27.42
CA ASP F 200 -24.98 -6.48 -25.99
C ASP F 200 -25.03 -7.71 -25.10
N LYS F 201 -25.38 -8.87 -25.67
CA LYS F 201 -25.55 -10.10 -24.89
C LYS F 201 -24.63 -11.23 -25.30
N TYR F 202 -24.49 -11.44 -26.61
CA TYR F 202 -23.50 -12.38 -27.15
C TYR F 202 -22.12 -11.70 -27.14
N LEU F 203 -21.15 -12.28 -26.42
CA LEU F 203 -19.84 -11.64 -26.22
C LEU F 203 -19.03 -11.47 -27.51
N GLY F 204 -19.22 -12.43 -28.42
CA GLY F 204 -18.62 -12.40 -29.75
C GLY F 204 -17.25 -13.05 -29.81
N PRO F 205 -16.81 -13.43 -31.02
CA PRO F 205 -15.64 -14.28 -31.27
C PRO F 205 -14.36 -13.81 -30.59
N ALA F 206 -13.99 -12.55 -30.78
CA ALA F 206 -12.77 -12.03 -30.22
C ALA F 206 -12.74 -12.28 -28.73
N VAL F 207 -13.77 -11.79 -28.04
CA VAL F 207 -13.81 -11.84 -26.59
C VAL F 207 -14.02 -13.27 -26.08
N LEU F 208 -14.64 -14.13 -26.88
CA LEU F 208 -14.82 -15.52 -26.45
C LEU F 208 -13.53 -16.32 -26.58
N MET F 209 -12.83 -16.15 -27.69
CA MET F 209 -11.55 -16.81 -27.86
C MET F 209 -10.61 -16.37 -26.76
N GLN F 210 -10.67 -15.11 -26.39
CA GLN F 210 -9.83 -14.61 -25.31
C GLN F 210 -10.24 -15.13 -23.95
N ALA F 211 -11.52 -15.47 -23.78
CA ALA F 211 -11.98 -16.18 -22.58
C ALA F 211 -11.38 -17.58 -22.50
N TYR F 212 -11.25 -18.22 -23.67
CA TYR F 212 -10.69 -19.56 -23.79
C TYR F 212 -9.21 -19.56 -23.47
N ARG F 213 -8.48 -18.60 -24.01
CA ARG F 213 -7.04 -18.47 -23.73
C ARG F 213 -6.77 -18.52 -22.25
N TRP F 214 -7.65 -17.93 -21.44
CA TRP F 214 -7.47 -17.95 -20.01
C TRP F 214 -8.05 -19.20 -19.33
N ILE F 215 -8.91 -19.91 -20.03
CA ILE F 215 -9.45 -21.18 -19.52
C ILE F 215 -8.44 -22.34 -19.65
N ILE F 216 -7.90 -22.58 -20.86
CA ILE F 216 -6.96 -23.70 -21.05
C ILE F 216 -5.51 -23.38 -20.69
N ASP F 217 -5.28 -22.29 -19.98
CA ASP F 217 -3.95 -21.98 -19.44
C ASP F 217 -3.77 -22.81 -18.17
N SER F 218 -2.86 -23.79 -18.24
CA SER F 218 -2.65 -24.73 -17.14
C SER F 218 -2.14 -24.05 -15.85
N ARG F 219 -1.81 -22.77 -15.96
CA ARG F 219 -1.35 -21.97 -14.80
C ARG F 219 -2.51 -21.30 -14.04
N ASP F 220 -3.71 -21.38 -14.61
CA ASP F 220 -4.89 -20.70 -14.09
C ASP F 220 -5.79 -21.71 -13.33
N ASP F 221 -6.18 -21.37 -12.11
CA ASP F 221 -6.93 -22.29 -11.27
C ASP F 221 -8.44 -22.06 -11.33
N SER F 222 -8.93 -21.33 -12.32
CA SER F 222 -10.29 -20.76 -12.25
C SER F 222 -11.27 -21.13 -13.37
N ALA F 223 -10.91 -22.08 -14.23
CA ALA F 223 -11.80 -22.50 -15.31
C ALA F 223 -13.24 -22.72 -14.83
N ALA F 224 -13.39 -23.18 -13.59
CA ALA F 224 -14.70 -23.34 -12.96
C ALA F 224 -15.56 -22.09 -13.10
N GLU F 225 -15.12 -21.02 -12.47
CA GLU F 225 -15.89 -19.78 -12.42
C GLU F 225 -15.96 -19.12 -13.78
N ARG F 226 -14.83 -19.14 -14.50
CA ARG F 226 -14.72 -18.55 -15.86
C ARG F 226 -15.75 -19.09 -16.85
N LEU F 227 -16.02 -20.39 -16.76
CA LEU F 227 -17.04 -21.03 -17.58
C LEU F 227 -18.42 -20.71 -17.03
N ALA F 228 -18.51 -20.56 -15.70
CA ALA F 228 -19.79 -20.23 -15.06
C ALA F 228 -20.39 -18.91 -15.54
N ARG F 229 -19.54 -17.99 -16.01
CA ARG F 229 -19.98 -16.68 -16.48
C ARG F 229 -20.57 -16.68 -17.87
N MET F 230 -20.38 -17.77 -18.60
CA MET F 230 -20.97 -17.93 -19.94
C MET F 230 -22.03 -19.02 -19.96
N GLN F 231 -22.61 -19.31 -18.79
CA GLN F 231 -23.56 -20.41 -18.65
C GLN F 231 -24.89 -20.16 -19.33
N ASP F 232 -25.36 -18.91 -19.33
CA ASP F 232 -26.62 -18.56 -19.99
C ASP F 232 -26.56 -18.74 -21.50
N GLY F 233 -27.73 -18.71 -22.14
CA GLY F 233 -27.87 -19.10 -23.55
C GLY F 233 -27.57 -18.01 -24.55
N PHE F 234 -26.99 -16.90 -24.08
CA PHE F 234 -26.53 -15.80 -24.93
C PHE F 234 -25.03 -15.60 -24.87
N SER F 235 -24.49 -15.47 -23.66
CA SER F 235 -23.07 -15.12 -23.48
C SER F 235 -22.12 -15.82 -24.45
N ALA F 236 -22.17 -17.15 -24.52
CA ALA F 236 -21.39 -17.90 -25.52
C ALA F 236 -22.23 -18.73 -26.50
N PHE F 237 -23.43 -19.13 -26.08
CA PHE F 237 -24.26 -20.04 -26.88
C PHE F 237 -24.92 -19.44 -28.11
N LYS F 238 -24.97 -18.12 -28.20
CA LYS F 238 -25.48 -17.46 -29.40
C LYS F 238 -24.53 -17.59 -30.60
N CYS F 239 -23.48 -18.39 -30.47
CA CYS F 239 -22.69 -18.79 -31.63
C CYS F 239 -23.45 -19.81 -32.47
N HIS F 240 -23.85 -19.43 -33.68
CA HIS F 240 -24.59 -20.31 -34.60
C HIS F 240 -23.69 -20.77 -35.73
N THR F 241 -22.43 -21.04 -35.39
CA THR F 241 -21.43 -21.64 -36.29
C THR F 241 -21.52 -21.14 -37.73
N ILE F 242 -21.50 -19.82 -37.88
CA ILE F 242 -21.64 -19.18 -39.19
C ILE F 242 -20.31 -19.19 -39.90
N MET F 243 -19.22 -19.00 -39.14
CA MET F 243 -17.80 -19.13 -39.60
C MET F 243 -17.13 -17.86 -40.22
N ASN F 244 -17.87 -16.77 -40.30
CA ASN F 244 -17.33 -15.51 -40.83
C ASN F 244 -16.05 -15.01 -40.15
N CYS F 245 -15.91 -15.32 -38.85
CA CYS F 245 -14.78 -14.86 -38.03
C CYS F 245 -13.45 -15.43 -38.51
N THR F 246 -13.28 -16.74 -38.32
CA THR F 246 -12.08 -17.45 -38.77
C THR F 246 -11.71 -17.13 -40.21
N LYS F 247 -12.72 -16.97 -41.06
CA LYS F 247 -12.52 -16.55 -42.44
C LYS F 247 -12.03 -15.09 -42.61
N THR F 248 -12.41 -14.16 -41.73
CA THR F 248 -12.05 -12.73 -41.91
C THR F 248 -10.82 -12.26 -41.13
N CYS F 249 -10.44 -13.00 -40.09
CA CYS F 249 -9.37 -12.60 -39.19
C CYS F 249 -8.09 -12.27 -39.94
N PRO F 250 -7.63 -11.01 -39.84
CA PRO F 250 -6.45 -10.65 -40.62
C PRO F 250 -5.16 -11.34 -40.12
N LYS F 251 -5.21 -11.94 -38.94
CA LYS F 251 -4.03 -12.56 -38.37
C LYS F 251 -4.14 -14.10 -38.42
N HIS F 252 -4.94 -14.61 -39.35
CA HIS F 252 -5.03 -16.04 -39.57
C HIS F 252 -5.23 -16.85 -38.28
N LEU F 253 -5.94 -16.28 -37.31
CA LEU F 253 -6.33 -17.02 -36.11
C LEU F 253 -7.70 -17.68 -36.31
N ASN F 254 -8.09 -18.51 -35.35
CA ASN F 254 -9.33 -19.25 -35.47
C ASN F 254 -10.08 -19.27 -34.15
N PRO F 255 -11.01 -18.30 -33.95
CA PRO F 255 -11.88 -18.28 -32.79
C PRO F 255 -13.08 -19.25 -32.92
N ALA F 256 -13.56 -19.45 -34.15
CA ALA F 256 -14.64 -20.41 -34.36
C ALA F 256 -14.34 -21.69 -33.62
N ARG F 257 -13.10 -22.17 -33.77
CA ARG F 257 -12.66 -23.39 -33.12
C ARG F 257 -12.69 -23.20 -31.61
N ALA F 258 -12.13 -22.09 -31.16
CA ALA F 258 -12.04 -21.79 -29.73
C ALA F 258 -13.41 -21.75 -29.07
N ILE F 259 -14.41 -21.26 -29.80
CA ILE F 259 -15.77 -21.19 -29.28
C ILE F 259 -16.28 -22.61 -29.11
N GLY F 260 -16.24 -23.36 -30.21
CA GLY F 260 -16.61 -24.77 -30.20
C GLY F 260 -16.01 -25.52 -29.02
N GLU F 261 -14.75 -25.21 -28.73
CA GLU F 261 -14.07 -25.87 -27.64
C GLU F 261 -14.64 -25.43 -26.29
N ILE F 262 -15.09 -24.18 -26.20
CA ILE F 262 -15.72 -23.67 -24.99
C ILE F 262 -17.08 -24.34 -24.80
N LYS F 263 -17.73 -24.68 -25.91
CA LYS F 263 -19.02 -25.33 -25.84
C LYS F 263 -18.82 -26.70 -25.21
N MET F 264 -17.93 -27.51 -25.78
CA MET F 264 -17.58 -28.80 -25.19
C MET F 264 -17.39 -28.69 -23.68
N LEU F 265 -16.63 -27.68 -23.24
CA LEU F 265 -16.44 -27.44 -21.80
C LEU F 265 -17.70 -27.05 -21.05
N LEU F 266 -18.51 -26.17 -21.64
CA LEU F 266 -19.80 -25.78 -21.06
C LEU F 266 -20.75 -26.97 -20.88
N THR F 267 -20.72 -27.91 -21.80
CA THR F 267 -21.57 -29.07 -21.70
C THR F 267 -20.91 -30.22 -20.98
N LYS F 268 -19.67 -30.07 -20.58
CA LYS F 268 -19.02 -31.10 -19.83
C LYS F 268 -18.77 -32.26 -20.75
N MET F 269 -18.92 -32.03 -22.03
CA MET F 269 -18.54 -33.04 -22.95
C MET F 269 -17.05 -33.18 -22.79
N LYS F 270 -16.41 -32.15 -22.26
CA LYS F 270 -14.97 -32.18 -22.06
C LYS F 270 -14.58 -31.55 -20.74
N THR F 271 -13.42 -31.90 -20.23
CA THR F 271 -12.91 -31.19 -19.08
C THR F 271 -11.48 -30.78 -19.31
N LYS F 272 -11.10 -29.66 -18.72
CA LYS F 272 -9.73 -29.19 -18.82
C LYS F 272 -8.86 -30.09 -17.95
N PRO F 273 -7.84 -30.73 -18.55
CA PRO F 273 -6.88 -31.57 -17.79
C PRO F 273 -6.34 -30.90 -16.53
N ALA F 274 -6.13 -31.65 -15.46
CA ALA F 274 -5.39 -31.09 -14.33
C ALA F 274 -3.97 -30.76 -14.84
N PRO F 275 -3.36 -29.69 -14.31
CA PRO F 275 -2.09 -29.24 -14.86
C PRO F 275 -0.93 -30.17 -14.50
N LEU F 276 -0.15 -30.61 -15.49
CA LEU F 276 0.99 -31.52 -15.26
C LEU F 276 1.80 -30.98 -14.05
N PRO F 277 2.24 -31.88 -13.13
CA PRO F 277 2.63 -31.49 -11.75
C PRO F 277 4.05 -30.94 -11.63
N THR F 278 4.21 -29.80 -10.94
CA THR F 278 5.49 -29.06 -10.94
C THR F 278 6.62 -29.92 -10.36
N PRO F 279 7.60 -30.33 -11.20
CA PRO F 279 8.67 -31.20 -10.69
C PRO F 279 9.22 -30.75 -9.33
N ALA F 280 9.72 -31.70 -8.54
CA ALA F 280 10.17 -31.42 -7.17
C ALA F 280 11.56 -30.75 -7.11
N ASN F 281 12.31 -30.79 -8.20
CA ASN F 281 13.63 -30.12 -8.32
C ASN F 281 13.59 -28.77 -9.08
N PHE F 282 12.42 -28.43 -9.64
CA PHE F 282 12.18 -27.15 -10.34
C PHE F 282 12.31 -25.95 -9.37
N GLU G 34 -32.92 -12.88 -16.42
CA GLU G 34 -31.99 -12.17 -15.50
C GLU G 34 -30.60 -12.19 -16.11
N LYS G 35 -30.04 -11.01 -16.39
CA LYS G 35 -28.80 -10.86 -17.16
C LYS G 35 -27.52 -10.86 -16.33
N THR G 36 -26.41 -11.17 -16.98
CA THR G 36 -25.08 -11.03 -16.36
C THR G 36 -24.77 -9.54 -16.27
N PRO G 37 -23.83 -9.14 -15.39
CA PRO G 37 -23.57 -7.71 -15.22
C PRO G 37 -23.09 -7.03 -16.50
N ILE G 38 -22.26 -7.71 -17.29
CA ILE G 38 -21.76 -7.17 -18.56
C ILE G 38 -22.91 -6.90 -19.54
N GLN G 39 -23.92 -7.76 -19.52
CA GLN G 39 -25.07 -7.59 -20.40
C GLN G 39 -25.96 -6.40 -20.04
N VAL G 40 -25.98 -6.07 -18.76
CA VAL G 40 -26.73 -4.92 -18.28
C VAL G 40 -25.97 -3.69 -18.69
N TRP G 41 -24.66 -3.72 -18.49
CA TRP G 41 -23.77 -2.65 -18.94
C TRP G 41 -23.93 -2.44 -20.44
N GLY G 42 -24.08 -3.53 -21.17
CA GLY G 42 -24.29 -3.48 -22.62
C GLY G 42 -25.56 -2.75 -22.97
N TRP G 43 -26.64 -3.06 -22.25
CA TRP G 43 -27.89 -2.36 -22.47
C TRP G 43 -27.74 -0.86 -22.16
N ASP G 44 -27.37 -0.53 -20.93
CA ASP G 44 -26.94 0.83 -20.59
C ASP G 44 -26.13 1.49 -21.74
N TYR G 45 -25.23 0.71 -22.35
CA TYR G 45 -24.45 1.18 -23.50
C TYR G 45 -25.30 1.50 -24.71
N LEU G 46 -26.10 0.53 -25.16
CA LEU G 46 -26.91 0.76 -26.35
C LEU G 46 -27.77 2.01 -26.24
N MET G 47 -28.19 2.35 -25.02
CA MET G 47 -29.07 3.49 -24.83
C MET G 47 -28.30 4.80 -25.00
N ARG G 48 -27.11 4.87 -24.41
CA ARG G 48 -26.23 6.03 -24.62
C ARG G 48 -26.01 6.29 -26.11
N GLN G 49 -25.72 5.24 -26.87
CA GLN G 49 -25.41 5.35 -28.30
C GLN G 49 -26.62 5.80 -29.09
N ARG G 50 -27.80 5.27 -28.75
CA ARG G 50 -29.07 5.74 -29.30
C ARG G 50 -29.27 7.24 -29.05
N ALA G 51 -29.18 7.63 -27.77
CA ALA G 51 -29.42 9.01 -27.35
C ALA G 51 -28.35 10.01 -27.83
N LEU G 52 -27.16 9.53 -28.20
CA LEU G 52 -26.16 10.37 -28.86
C LEU G 52 -26.49 10.57 -30.34
N LYS G 53 -27.44 9.80 -30.85
CA LYS G 53 -27.91 9.89 -32.24
C LYS G 53 -26.79 9.66 -33.27
N ARG G 54 -26.05 8.57 -33.07
CA ARG G 54 -25.01 8.15 -33.99
C ARG G 54 -25.57 7.16 -34.98
N PRO G 55 -25.09 7.22 -36.23
CA PRO G 55 -25.51 6.24 -37.22
C PRO G 55 -24.87 4.88 -36.95
N ILE G 56 -25.42 3.83 -37.52
CA ILE G 56 -24.82 2.49 -37.43
C ILE G 56 -24.15 2.12 -38.76
N ALA G 57 -22.96 1.57 -38.68
CA ALA G 57 -22.16 1.30 -39.87
C ALA G 57 -22.72 0.11 -40.65
N PRO G 58 -22.88 0.25 -41.98
CA PRO G 58 -23.58 -0.75 -42.74
C PRO G 58 -22.97 -2.15 -42.69
N HIS G 59 -23.78 -3.14 -43.06
CA HIS G 59 -23.47 -4.55 -42.90
C HIS G 59 -23.98 -5.40 -44.08
N LEU G 60 -25.25 -5.84 -44.07
CA LEU G 60 -25.79 -6.70 -45.13
C LEU G 60 -25.44 -6.10 -46.47
N THR G 61 -25.75 -4.82 -46.59
CA THR G 61 -25.65 -4.10 -47.84
C THR G 61 -24.22 -4.00 -48.38
N ILE G 62 -23.22 -3.96 -47.49
CA ILE G 62 -21.82 -3.73 -47.88
C ILE G 62 -20.89 -4.92 -47.66
N TYR G 63 -21.31 -5.91 -46.87
CA TYR G 63 -20.43 -7.03 -46.57
C TYR G 63 -20.39 -7.98 -47.75
N LYS G 64 -19.24 -8.59 -47.95
CA LYS G 64 -18.99 -9.43 -49.12
C LYS G 64 -19.79 -10.73 -49.03
N PRO G 65 -20.34 -11.19 -50.16
CA PRO G 65 -20.88 -12.56 -50.19
C PRO G 65 -19.79 -13.58 -49.87
N GLN G 66 -20.13 -14.62 -49.12
CA GLN G 66 -19.14 -15.58 -48.65
C GLN G 66 -19.81 -16.88 -48.26
N MET G 67 -19.19 -18.00 -48.60
CA MET G 67 -19.77 -19.33 -48.35
C MET G 67 -19.96 -19.64 -46.87
N THR G 68 -19.34 -18.86 -46.00
CA THR G 68 -19.54 -19.03 -44.57
C THR G 68 -20.98 -18.66 -44.13
N TRP G 69 -21.46 -17.48 -44.54
CA TRP G 69 -22.77 -16.98 -44.12
C TRP G 69 -23.90 -17.30 -45.11
N MET G 70 -23.58 -17.43 -46.39
CA MET G 70 -24.56 -17.81 -47.41
C MET G 70 -25.13 -19.20 -47.11
N VAL G 71 -24.30 -20.07 -46.56
CA VAL G 71 -24.71 -21.42 -46.22
C VAL G 71 -25.33 -21.47 -44.82
N SER G 72 -24.89 -20.61 -43.91
CA SER G 72 -25.59 -20.53 -42.63
C SER G 72 -26.93 -19.89 -42.87
N GLY G 73 -26.91 -18.80 -43.64
CA GLY G 73 -28.14 -18.22 -44.16
C GLY G 73 -29.09 -19.29 -44.67
N LEU G 74 -28.64 -20.05 -45.66
CA LEU G 74 -29.48 -21.08 -46.29
C LEU G 74 -30.01 -22.16 -45.34
N HIS G 75 -29.17 -22.58 -44.39
CA HIS G 75 -29.55 -23.55 -43.37
C HIS G 75 -30.73 -23.09 -42.54
N ARG G 76 -30.77 -21.81 -42.22
CA ARG G 76 -31.89 -21.20 -41.50
C ARG G 76 -33.11 -21.00 -42.38
N VAL G 77 -32.93 -20.34 -43.52
CA VAL G 77 -34.04 -20.15 -44.45
C VAL G 77 -34.73 -21.51 -44.70
N THR G 78 -33.96 -22.57 -44.93
CA THR G 78 -34.55 -23.92 -45.17
C THR G 78 -35.41 -24.42 -44.02
N GLY G 79 -34.82 -24.49 -42.83
CA GLY G 79 -35.50 -24.97 -41.62
C GLY G 79 -36.77 -24.20 -41.28
N CYS G 80 -36.72 -22.89 -41.48
CA CYS G 80 -37.90 -22.07 -41.24
C CYS G 80 -38.97 -22.22 -42.34
N ALA G 81 -38.56 -22.48 -43.57
CA ALA G 81 -39.51 -22.71 -44.66
C ALA G 81 -40.26 -24.01 -44.45
N MET G 82 -39.58 -25.03 -43.92
CA MET G 82 -40.18 -26.33 -43.63
C MET G 82 -41.09 -26.29 -42.41
N ALA G 83 -40.62 -25.63 -41.36
CA ALA G 83 -41.37 -25.51 -40.12
C ALA G 83 -42.64 -24.68 -40.32
N GLY G 84 -42.57 -23.73 -41.24
CA GLY G 84 -43.74 -22.94 -41.61
C GLY G 84 -44.70 -23.77 -42.43
N THR G 85 -44.16 -24.68 -43.24
CA THR G 85 -44.96 -25.56 -44.08
C THR G 85 -45.67 -26.63 -43.26
N LEU G 86 -45.04 -27.10 -42.20
CA LEU G 86 -45.69 -28.01 -41.26
C LEU G 86 -46.79 -27.33 -40.45
N LEU G 87 -46.66 -26.01 -40.27
CA LEU G 87 -47.68 -25.24 -39.56
C LEU G 87 -48.83 -24.86 -40.50
N ILE G 88 -48.52 -24.23 -41.63
CA ILE G 88 -49.54 -23.94 -42.65
C ILE G 88 -50.14 -25.23 -43.22
N GLY G 89 -49.38 -26.32 -43.17
CA GLY G 89 -49.87 -27.63 -43.60
C GLY G 89 -50.78 -28.33 -42.59
N GLY G 90 -50.32 -28.46 -41.35
CA GLY G 90 -51.07 -29.16 -40.31
C GLY G 90 -52.30 -28.40 -39.82
N VAL G 91 -52.16 -27.09 -39.66
CA VAL G 91 -53.26 -26.25 -39.22
C VAL G 91 -54.18 -25.94 -40.39
N GLY G 92 -53.59 -25.54 -41.51
CA GLY G 92 -54.37 -25.16 -42.68
C GLY G 92 -55.37 -26.22 -43.11
N PHE G 93 -54.91 -27.47 -43.20
CA PHE G 93 -55.75 -28.55 -43.73
C PHE G 93 -56.73 -29.10 -42.70
N SER G 94 -56.35 -29.04 -41.41
CA SER G 94 -57.25 -29.43 -40.33
C SER G 94 -58.41 -28.45 -40.24
N VAL G 95 -58.09 -27.18 -40.03
CA VAL G 95 -59.10 -26.13 -39.86
C VAL G 95 -60.07 -26.12 -41.04
N LEU G 96 -59.57 -25.84 -42.23
CA LEU G 96 -60.42 -25.77 -43.41
C LEU G 96 -61.08 -27.13 -43.66
N PRO G 97 -62.27 -27.12 -44.33
CA PRO G 97 -62.94 -28.40 -44.59
C PRO G 97 -62.08 -29.28 -45.47
N LEU G 98 -61.53 -28.68 -46.53
CA LEU G 98 -60.59 -29.30 -47.45
C LEU G 98 -59.67 -30.33 -46.79
N ASP G 99 -59.66 -31.54 -47.35
CA ASP G 99 -58.75 -32.60 -46.91
C ASP G 99 -57.64 -32.72 -47.94
N PHE G 100 -56.72 -33.69 -47.75
CA PHE G 100 -55.53 -33.77 -48.59
C PHE G 100 -55.83 -34.33 -49.98
N THR G 101 -56.52 -35.47 -50.02
CA THR G 101 -56.78 -36.17 -51.28
C THR G 101 -57.41 -35.29 -52.37
N THR G 102 -58.25 -34.34 -51.96
CA THR G 102 -58.92 -33.43 -52.89
C THR G 102 -58.02 -32.25 -53.33
N PHE G 103 -56.98 -31.97 -52.56
CA PHE G 103 -55.96 -31.01 -52.97
C PHE G 103 -55.09 -31.62 -54.07
N VAL G 104 -54.65 -32.88 -53.85
CA VAL G 104 -53.87 -33.63 -54.83
C VAL G 104 -54.60 -33.73 -56.18
N GLU G 105 -55.91 -33.96 -56.11
CA GLU G 105 -56.74 -34.10 -57.28
C GLU G 105 -56.91 -32.78 -58.03
N PHE G 106 -57.00 -31.68 -57.27
CA PHE G 106 -57.24 -30.34 -57.85
C PHE G 106 -56.12 -29.93 -58.79
N ILE G 107 -54.88 -30.07 -58.35
CA ILE G 107 -53.72 -29.59 -59.11
C ILE G 107 -53.38 -30.49 -60.33
N ARG G 108 -53.66 -31.79 -60.21
CA ARG G 108 -53.45 -32.74 -61.31
C ARG G 108 -54.35 -32.44 -62.50
N GLY G 109 -55.55 -31.92 -62.21
CA GLY G 109 -56.53 -31.54 -63.23
C GLY G 109 -56.14 -30.30 -64.04
N LEU G 110 -55.19 -29.51 -63.54
CA LEU G 110 -54.70 -28.33 -64.26
C LEU G 110 -53.81 -28.70 -65.44
N GLY G 111 -53.29 -29.94 -65.44
CA GLY G 111 -52.53 -30.46 -66.57
C GLY G 111 -51.23 -29.73 -66.82
N ILE G 112 -50.42 -29.60 -65.77
CA ILE G 112 -49.13 -28.89 -65.86
C ILE G 112 -47.99 -29.89 -66.19
N PRO G 113 -47.00 -29.46 -67.01
CA PRO G 113 -45.96 -30.38 -67.55
C PRO G 113 -45.28 -31.30 -66.52
N TRP G 114 -44.89 -32.49 -66.98
CA TRP G 114 -44.10 -33.43 -66.17
C TRP G 114 -42.83 -32.79 -65.59
N VAL G 115 -42.17 -31.93 -66.38
CA VAL G 115 -40.91 -31.27 -65.97
C VAL G 115 -41.15 -30.34 -64.78
N ILE G 116 -42.20 -29.53 -64.85
CA ILE G 116 -42.48 -28.49 -63.85
C ILE G 116 -43.09 -29.06 -62.55
N LEU G 117 -43.68 -30.25 -62.62
CA LEU G 117 -44.10 -30.98 -61.40
C LEU G 117 -42.92 -31.66 -60.70
N ASP G 118 -41.86 -31.95 -61.46
CA ASP G 118 -40.63 -32.51 -60.91
C ASP G 118 -39.76 -31.43 -60.26
N THR G 119 -39.85 -30.22 -60.80
CA THR G 119 -39.22 -29.04 -60.20
C THR G 119 -39.72 -28.85 -58.76
N PHE G 120 -41.05 -28.79 -58.58
CA PHE G 120 -41.65 -28.61 -57.26
C PHE G 120 -41.42 -29.78 -56.31
N LYS G 121 -41.07 -30.96 -56.82
CA LYS G 121 -40.62 -32.07 -55.98
C LYS G 121 -39.17 -31.89 -55.53
N PHE G 122 -38.31 -31.39 -56.42
CA PHE G 122 -36.92 -31.07 -56.09
C PHE G 122 -36.88 -29.96 -55.04
N ILE G 123 -37.68 -28.91 -55.28
CA ILE G 123 -37.81 -27.78 -54.34
C ILE G 123 -38.29 -28.20 -52.94
N ILE G 124 -39.00 -29.33 -52.85
CA ILE G 124 -39.40 -29.91 -51.57
C ILE G 124 -38.30 -30.79 -50.96
N ALA G 125 -37.55 -31.51 -51.79
CA ALA G 125 -36.56 -32.47 -51.32
C ALA G 125 -35.25 -31.79 -50.91
N PHE G 126 -34.72 -30.96 -51.81
CA PHE G 126 -33.44 -30.27 -51.60
C PHE G 126 -33.28 -29.60 -50.23
N PRO G 127 -34.32 -28.87 -49.75
CA PRO G 127 -34.25 -28.31 -48.41
C PRO G 127 -34.09 -29.37 -47.32
N ILE G 128 -34.84 -30.46 -47.43
CA ILE G 128 -34.80 -31.50 -46.41
C ILE G 128 -33.39 -32.11 -46.40
N ALA G 129 -32.86 -32.39 -47.59
CA ALA G 129 -31.55 -33.01 -47.74
C ALA G 129 -30.41 -32.10 -47.27
N PHE G 130 -30.30 -30.93 -47.89
CA PHE G 130 -29.27 -29.95 -47.55
C PHE G 130 -29.23 -29.76 -46.03
N HIS G 131 -30.35 -29.28 -45.50
CA HIS G 131 -30.48 -29.01 -44.07
C HIS G 131 -30.06 -30.19 -43.20
N THR G 132 -30.37 -31.41 -43.63
CA THR G 132 -30.05 -32.59 -42.85
C THR G 132 -28.54 -32.84 -42.89
N LEU G 133 -27.99 -32.70 -44.09
CA LEU G 133 -26.54 -32.86 -44.31
C LEU G 133 -25.79 -31.74 -43.61
N ASN G 134 -26.10 -30.49 -43.96
CA ASN G 134 -25.47 -29.33 -43.33
C ASN G 134 -25.64 -29.34 -41.80
N GLY G 135 -26.66 -30.05 -41.31
CA GLY G 135 -26.90 -30.20 -39.88
C GLY G 135 -25.82 -30.97 -39.15
N ILE G 136 -25.32 -32.05 -39.76
CA ILE G 136 -24.19 -32.79 -39.18
C ILE G 136 -22.89 -31.97 -39.28
N ARG G 137 -22.76 -31.16 -40.35
CA ARG G 137 -21.63 -30.25 -40.51
C ARG G 137 -21.56 -29.26 -39.35
N PHE G 138 -22.69 -28.61 -39.07
CA PHE G 138 -22.79 -27.62 -37.99
C PHE G 138 -22.63 -28.23 -36.61
N ILE G 139 -23.09 -29.47 -36.44
CA ILE G 139 -22.87 -30.20 -35.19
C ILE G 139 -21.37 -30.49 -35.04
N GLY G 140 -20.71 -30.75 -36.17
CA GLY G 140 -19.24 -30.84 -36.21
C GLY G 140 -18.63 -29.58 -35.63
N PHE G 141 -18.98 -28.43 -36.21
CA PHE G 141 -18.44 -27.14 -35.76
C PHE G 141 -18.72 -26.86 -34.27
N ASP G 142 -19.84 -27.35 -33.75
CA ASP G 142 -20.15 -27.20 -32.32
C ASP G 142 -19.16 -27.97 -31.44
N MET G 143 -18.49 -28.97 -32.02
CA MET G 143 -17.50 -29.78 -31.29
C MET G 143 -16.06 -29.44 -31.68
N ALA G 144 -15.89 -28.35 -32.43
CA ALA G 144 -14.58 -27.85 -32.86
C ALA G 144 -13.90 -28.83 -33.81
N LYS G 145 -14.58 -29.16 -34.89
CA LYS G 145 -14.08 -30.16 -35.84
C LYS G 145 -14.28 -29.65 -37.27
N GLY G 146 -13.19 -29.46 -37.98
CA GLY G 146 -13.25 -28.98 -39.36
C GLY G 146 -13.42 -27.47 -39.40
N THR G 147 -12.75 -26.78 -38.48
CA THR G 147 -12.89 -25.34 -38.32
C THR G 147 -11.79 -24.54 -39.04
N ASP G 148 -10.78 -25.21 -39.59
CA ASP G 148 -9.78 -24.53 -40.42
C ASP G 148 -10.43 -24.18 -41.75
N ILE G 149 -9.99 -23.06 -42.33
CA ILE G 149 -10.69 -22.46 -43.48
C ILE G 149 -10.85 -23.43 -44.66
N PRO G 150 -9.81 -24.25 -44.96
CA PRO G 150 -9.99 -25.28 -45.99
C PRO G 150 -11.17 -26.22 -45.73
N SER G 151 -11.21 -26.89 -44.58
CA SER G 151 -12.31 -27.79 -44.25
C SER G 151 -13.70 -27.13 -44.36
N ILE G 152 -13.80 -25.88 -43.91
CA ILE G 152 -15.05 -25.12 -43.97
C ILE G 152 -15.56 -25.00 -45.42
N TYR G 153 -14.65 -24.73 -46.34
CA TYR G 153 -15.01 -24.54 -47.74
C TYR G 153 -15.22 -25.86 -48.49
N ARG G 154 -14.48 -26.91 -48.14
CA ARG G 154 -14.71 -28.22 -48.72
C ARG G 154 -16.02 -28.80 -48.20
N GLY G 155 -16.18 -28.82 -46.87
CA GLY G 155 -17.42 -29.27 -46.22
C GLY G 155 -18.69 -28.60 -46.71
N ALA G 156 -18.59 -27.35 -47.17
CA ALA G 156 -19.74 -26.61 -47.73
C ALA G 156 -20.13 -27.14 -49.11
N TYR G 157 -19.14 -27.36 -49.98
CA TYR G 157 -19.43 -27.88 -51.31
C TYR G 157 -19.91 -29.32 -51.24
N LEU G 158 -19.26 -30.14 -50.40
CA LEU G 158 -19.69 -31.53 -50.21
C LEU G 158 -21.19 -31.60 -49.91
N VAL G 159 -21.62 -30.80 -48.94
CA VAL G 159 -23.01 -30.72 -48.53
C VAL G 159 -23.90 -30.23 -49.68
N LEU G 160 -23.63 -29.04 -50.20
CA LEU G 160 -24.37 -28.54 -51.38
C LEU G 160 -24.46 -29.57 -52.51
N GLY G 161 -23.38 -30.31 -52.73
CA GLY G 161 -23.36 -31.35 -53.76
C GLY G 161 -24.28 -32.49 -53.39
N LEU G 162 -23.99 -33.16 -52.27
CA LEU G 162 -24.79 -34.30 -51.79
C LEU G 162 -26.28 -33.99 -51.57
N ALA G 163 -26.60 -32.72 -51.30
CA ALA G 163 -27.98 -32.28 -51.18
C ALA G 163 -28.68 -32.28 -52.54
N ALA G 164 -27.94 -31.93 -53.59
CA ALA G 164 -28.48 -31.95 -54.94
C ALA G 164 -28.46 -33.37 -55.53
N LEU G 165 -27.40 -34.13 -55.25
CA LEU G 165 -27.31 -35.53 -55.72
C LEU G 165 -28.46 -36.37 -55.17
N ILE G 166 -28.65 -36.34 -53.86
CA ILE G 166 -29.75 -37.06 -53.20
C ILE G 166 -31.13 -36.53 -53.59
N SER G 167 -31.27 -35.21 -53.73
CA SER G 167 -32.56 -34.59 -54.08
C SER G 167 -32.89 -34.68 -55.57
N LEU G 168 -31.91 -35.06 -56.39
CA LEU G 168 -32.16 -35.41 -57.79
C LEU G 168 -32.27 -36.94 -57.92
N ALA G 169 -31.59 -37.67 -57.05
CA ALA G 169 -31.74 -39.12 -56.98
C ALA G 169 -33.11 -39.54 -56.42
N VAL G 170 -34.02 -38.57 -56.28
CA VAL G 170 -35.34 -38.81 -55.68
C VAL G 170 -36.50 -38.24 -56.54
N VAL G 171 -36.26 -37.17 -57.30
CA VAL G 171 -37.26 -36.68 -58.25
C VAL G 171 -37.16 -37.42 -59.57
N VAL G 172 -35.93 -37.74 -59.99
CA VAL G 172 -35.68 -38.34 -61.30
C VAL G 172 -35.61 -39.88 -61.26
N TYR G 173 -35.31 -40.47 -60.10
CA TYR G 173 -35.23 -41.93 -60.01
C TYR G 173 -36.56 -42.67 -60.28
N PRO G 174 -37.68 -42.22 -59.70
CA PRO G 174 -38.99 -42.81 -60.03
C PRO G 174 -39.72 -42.13 -61.22
N ARG G 175 -39.08 -41.16 -61.88
CA ARG G 175 -39.55 -40.59 -63.17
C ARG G 175 -38.88 -41.32 -64.35
N TRP G 176 -37.65 -41.79 -64.12
CA TRP G 176 -36.93 -42.65 -65.06
C TRP G 176 -37.66 -43.99 -65.16
N GLU G 177 -38.12 -44.47 -64.00
CA GLU G 177 -38.90 -45.73 -63.89
C GLU G 177 -40.33 -45.63 -64.43
N ARG G 178 -40.85 -44.40 -64.59
CA ARG G 178 -42.16 -44.16 -65.21
C ARG G 178 -42.09 -43.76 -66.69
N HIS G 179 -40.90 -43.40 -67.17
CA HIS G 179 -40.66 -43.21 -68.61
C HIS G 179 -40.27 -44.54 -69.25
N LYS G 180 -39.76 -45.47 -68.45
CA LYS G 180 -39.60 -46.87 -68.85
C LYS G 180 -40.97 -47.53 -69.00
N LYS G 181 -41.86 -47.28 -68.03
CA LYS G 181 -43.19 -47.90 -67.97
C LYS G 181 -44.11 -47.49 -69.14
N ALA G 182 -44.07 -46.21 -69.53
CA ALA G 182 -44.94 -45.68 -70.59
C ALA G 182 -44.35 -45.76 -72.00
N THR G 183 -43.39 -46.66 -72.22
CA THR G 183 -42.65 -46.74 -73.49
C THR G 183 -42.10 -48.13 -73.86
N LEU G 184 -41.76 -48.97 -72.88
CA LEU G 184 -41.22 -50.31 -73.14
C LEU G 184 -42.32 -51.28 -73.57
N THR H 28 -12.72 31.01 -21.84
CA THR H 28 -11.98 30.78 -20.57
C THR H 28 -12.28 29.41 -19.97
N SER H 29 -11.61 29.09 -18.86
CA SER H 29 -11.85 27.85 -18.12
C SER H 29 -12.66 28.13 -16.86
N ALA H 30 -13.98 28.26 -17.04
CA ALA H 30 -14.93 28.28 -15.91
C ALA H 30 -15.87 27.06 -16.11
N ALA H 31 -15.54 26.00 -15.39
CA ALA H 31 -15.85 24.63 -15.80
C ALA H 31 -16.63 23.84 -14.76
N VAL H 32 -17.37 22.83 -15.24
CA VAL H 32 -18.09 21.91 -14.37
C VAL H 32 -17.11 20.88 -13.77
N THR H 33 -17.53 20.16 -12.72
CA THR H 33 -16.77 19.00 -12.25
C THR H 33 -17.27 17.79 -13.01
N GLY H 34 -16.34 17.05 -13.61
CA GLY H 34 -16.67 15.95 -14.51
C GLY H 34 -16.73 14.60 -13.85
N ALA H 35 -17.49 13.69 -14.45
CA ALA H 35 -17.63 12.32 -13.97
C ALA H 35 -16.66 11.41 -14.71
N ALA H 36 -16.26 10.32 -14.08
CA ALA H 36 -15.43 9.32 -14.72
C ALA H 36 -16.24 8.67 -15.83
N PRO H 37 -15.58 8.29 -16.95
CA PRO H 37 -16.34 7.83 -18.11
C PRO H 37 -16.86 6.43 -17.94
N PRO H 38 -17.98 6.09 -18.59
CA PRO H 38 -18.65 4.82 -18.30
C PRO H 38 -17.69 3.64 -18.51
N GLN H 39 -17.39 2.93 -17.44
CA GLN H 39 -16.32 1.93 -17.44
C GLN H 39 -16.78 0.72 -16.64
N PHE H 40 -16.46 -0.45 -17.15
CA PHE H 40 -16.91 -1.69 -16.54
C PHE H 40 -15.85 -2.19 -15.59
N ASP H 41 -16.12 -2.13 -14.28
CA ASP H 41 -15.26 -2.82 -13.31
C ASP H 41 -15.69 -4.29 -13.27
N PRO H 42 -14.79 -5.20 -13.65
CA PRO H 42 -15.16 -6.60 -13.63
C PRO H 42 -15.19 -7.19 -12.21
N ILE H 43 -14.46 -6.56 -11.29
CA ILE H 43 -14.40 -7.02 -9.91
C ILE H 43 -15.54 -6.43 -9.07
N ALA H 44 -15.97 -5.22 -9.40
CA ALA H 44 -17.16 -4.63 -8.76
C ALA H 44 -18.38 -5.48 -9.11
N ALA H 45 -18.43 -5.94 -10.36
CA ALA H 45 -19.51 -6.82 -10.83
C ALA H 45 -19.51 -8.18 -10.14
N GLU H 46 -18.35 -8.61 -9.61
CA GLU H 46 -18.21 -9.93 -9.00
C GLU H 46 -19.03 -10.14 -7.72
N LYS H 47 -19.49 -9.04 -7.11
CA LYS H 47 -20.23 -9.12 -5.86
C LYS H 47 -21.67 -9.61 -6.05
N GLY H 48 -22.52 -8.72 -6.56
CA GLY H 48 -23.96 -9.01 -6.72
C GLY H 48 -24.33 -10.10 -7.72
N PHE H 49 -23.37 -10.54 -8.53
CA PHE H 49 -23.59 -11.61 -9.51
C PHE H 49 -22.93 -12.92 -9.09
N LYS H 50 -23.69 -13.76 -8.40
CA LYS H 50 -23.44 -15.19 -8.30
C LYS H 50 -24.36 -16.04 -9.21
N PRO H 51 -25.59 -15.57 -9.49
CA PRO H 51 -26.62 -16.49 -9.95
C PRO H 51 -26.63 -16.68 -11.46
N LEU H 52 -26.95 -17.90 -11.87
CA LEU H 52 -26.91 -18.29 -13.28
C LEU H 52 -27.36 -19.74 -13.38
N HIS H 53 -28.08 -20.09 -14.44
CA HIS H 53 -28.51 -21.48 -14.66
C HIS H 53 -27.84 -22.08 -15.89
N SER H 54 -27.47 -23.35 -15.76
CA SER H 54 -26.51 -23.94 -16.68
C SER H 54 -27.17 -24.39 -17.97
N HIS H 55 -27.25 -23.47 -18.95
CA HIS H 55 -27.81 -23.77 -20.27
C HIS H 55 -27.09 -24.91 -20.97
N GLY H 56 -25.87 -25.22 -20.53
CA GLY H 56 -25.08 -26.30 -21.13
C GLY H 56 -25.81 -27.62 -21.30
N THR H 57 -26.37 -28.13 -20.20
CA THR H 57 -27.04 -29.45 -20.20
C THR H 57 -28.23 -29.52 -21.17
N LEU H 58 -28.71 -28.34 -21.59
CA LEU H 58 -29.85 -28.22 -22.50
C LEU H 58 -29.39 -28.17 -23.95
N PHE H 59 -28.36 -27.35 -24.21
CA PHE H 59 -27.69 -27.29 -25.51
C PHE H 59 -27.19 -28.68 -25.95
N LYS H 60 -26.68 -29.45 -24.99
CA LYS H 60 -26.27 -30.83 -25.23
C LYS H 60 -27.45 -31.61 -25.80
N ILE H 61 -28.53 -31.65 -25.03
CA ILE H 61 -29.73 -32.40 -25.41
C ILE H 61 -30.21 -31.98 -26.81
N GLU H 62 -30.35 -30.67 -27.03
CA GLU H 62 -30.75 -30.13 -28.34
C GLU H 62 -30.02 -30.80 -29.52
N ARG H 63 -28.71 -31.04 -29.36
CA ARG H 63 -27.89 -31.59 -30.45
C ARG H 63 -28.01 -33.11 -30.53
N TYR H 64 -27.85 -33.78 -29.39
CA TYR H 64 -28.08 -35.22 -29.37
C TYR H 64 -29.37 -35.57 -30.09
N PHE H 65 -30.42 -34.82 -29.78
CA PHE H 65 -31.72 -34.98 -30.43
C PHE H 65 -31.60 -34.83 -31.96
N ALA H 66 -30.95 -33.76 -32.40
CA ALA H 66 -30.76 -33.51 -33.84
C ALA H 66 -30.01 -34.67 -34.47
N ALA H 67 -29.04 -35.19 -33.71
CA ALA H 67 -28.25 -36.34 -34.11
C ALA H 67 -29.12 -37.59 -34.28
N ALA H 68 -29.98 -37.87 -33.30
CA ALA H 68 -30.85 -39.04 -33.37
C ALA H 68 -31.84 -38.94 -34.55
N MET H 69 -32.15 -37.72 -34.98
CA MET H 69 -32.96 -37.53 -36.18
C MET H 69 -32.20 -37.76 -37.49
N VAL H 70 -30.88 -37.97 -37.40
CA VAL H 70 -30.06 -38.22 -38.59
C VAL H 70 -30.47 -39.56 -39.23
N PRO H 71 -30.49 -40.66 -38.47
CA PRO H 71 -31.01 -41.89 -39.08
C PRO H 71 -32.52 -41.81 -39.36
N LEU H 72 -33.27 -41.12 -38.51
CA LEU H 72 -34.74 -41.05 -38.62
C LEU H 72 -35.27 -40.50 -39.97
N ILE H 73 -34.55 -39.57 -40.61
CA ILE H 73 -35.01 -39.03 -41.89
C ILE H 73 -34.94 -40.09 -43.01
N PRO H 74 -33.77 -40.72 -43.23
CA PRO H 74 -33.77 -41.84 -44.17
C PRO H 74 -34.75 -42.97 -43.80
N ALA H 75 -34.94 -43.22 -42.49
CA ALA H 75 -35.88 -44.25 -42.03
C ALA H 75 -37.31 -43.96 -42.51
N ALA H 76 -37.70 -42.69 -42.50
CA ALA H 76 -39.05 -42.27 -42.88
C ALA H 76 -39.30 -42.26 -44.40
N TYR H 77 -38.27 -42.57 -45.18
CA TYR H 77 -38.38 -42.75 -46.63
C TYR H 77 -38.63 -44.22 -46.95
N PHE H 78 -37.93 -45.10 -46.24
CA PHE H 78 -38.03 -46.55 -46.49
C PHE H 78 -39.22 -47.17 -45.77
N ILE H 79 -39.48 -46.76 -44.53
CA ILE H 79 -40.66 -47.24 -43.81
C ILE H 79 -41.66 -46.09 -43.62
N HIS H 80 -42.93 -46.37 -43.93
CA HIS H 80 -44.00 -45.37 -43.90
C HIS H 80 -45.08 -45.78 -42.88
N GLY H 81 -46.21 -45.07 -42.88
CA GLY H 81 -47.35 -45.46 -42.09
C GLY H 81 -47.45 -44.76 -40.74
N ARG H 82 -48.23 -45.37 -39.84
CA ARG H 82 -48.73 -44.69 -38.65
C ARG H 82 -47.64 -44.31 -37.64
N GLU H 83 -47.02 -45.31 -37.04
CA GLU H 83 -45.98 -45.11 -36.01
C GLU H 83 -44.79 -44.24 -36.45
N MET H 84 -44.47 -44.24 -37.75
CA MET H 84 -43.44 -43.34 -38.28
C MET H 84 -43.96 -41.91 -38.26
N ASP H 85 -45.20 -41.71 -38.75
CA ASP H 85 -45.88 -40.41 -38.69
C ASP H 85 -45.97 -39.89 -37.26
N LEU H 86 -46.16 -40.81 -36.32
CA LEU H 86 -46.26 -40.49 -34.90
C LEU H 86 -44.89 -40.06 -34.33
N CYS H 87 -43.82 -40.74 -34.74
CA CYS H 87 -42.46 -40.43 -34.28
C CYS H 87 -41.82 -39.25 -34.98
N LEU H 88 -42.22 -38.98 -36.22
CA LEU H 88 -41.79 -37.75 -36.88
C LEU H 88 -42.38 -36.52 -36.19
N ALA H 89 -43.70 -36.50 -36.02
CA ALA H 89 -44.41 -35.34 -35.49
C ALA H 89 -44.02 -35.00 -34.04
N LEU H 90 -43.71 -36.01 -33.24
CA LEU H 90 -43.21 -35.75 -31.89
C LEU H 90 -41.81 -35.13 -31.94
N ALA H 91 -40.92 -35.76 -32.71
CA ALA H 91 -39.52 -35.33 -32.75
C ALA H 91 -39.36 -34.01 -33.49
N LEU H 92 -39.96 -33.89 -34.67
CA LEU H 92 -39.91 -32.63 -35.42
C LEU H 92 -40.41 -31.42 -34.64
N THR H 93 -41.47 -31.59 -33.87
CA THR H 93 -41.94 -30.50 -33.01
C THR H 93 -40.84 -30.12 -31.98
N LEU H 94 -40.36 -31.11 -31.25
CA LEU H 94 -39.38 -30.85 -30.21
C LEU H 94 -38.08 -30.25 -30.75
N HIS H 95 -37.79 -30.49 -32.02
CA HIS H 95 -36.61 -29.92 -32.67
C HIS H 95 -36.91 -28.52 -33.17
N VAL H 96 -38.00 -28.37 -33.92
CA VAL H 96 -38.42 -27.07 -34.43
C VAL H 96 -38.74 -26.10 -33.30
N HIS H 97 -39.23 -26.62 -32.18
CA HIS H 97 -39.52 -25.76 -31.05
C HIS H 97 -38.24 -25.04 -30.67
N TRP H 98 -37.22 -25.82 -30.35
CA TRP H 98 -35.88 -25.31 -30.02
C TRP H 98 -35.27 -24.50 -31.16
N GLY H 99 -35.61 -24.87 -32.38
CA GLY H 99 -35.25 -24.10 -33.54
C GLY H 99 -35.75 -22.66 -33.50
N VAL H 100 -37.06 -22.48 -33.56
CA VAL H 100 -37.66 -21.13 -33.72
C VAL H 100 -37.53 -20.27 -32.45
N TRP H 101 -37.33 -20.92 -31.31
CA TRP H 101 -37.04 -20.19 -30.10
C TRP H 101 -35.83 -19.31 -30.37
N GLY H 102 -34.74 -19.92 -30.83
CA GLY H 102 -33.51 -19.21 -31.16
C GLY H 102 -33.65 -18.22 -32.29
N VAL H 103 -34.44 -18.56 -33.31
CA VAL H 103 -34.66 -17.65 -34.46
C VAL H 103 -35.39 -16.39 -34.02
N VAL H 104 -36.28 -16.58 -33.06
CA VAL H 104 -36.98 -15.47 -32.41
C VAL H 104 -36.03 -14.69 -31.50
N ASN H 105 -35.25 -15.41 -30.70
CA ASN H 105 -34.25 -14.78 -29.83
C ASN H 105 -33.12 -14.09 -30.57
N ASP H 106 -32.99 -14.36 -31.87
CA ASP H 106 -32.04 -13.60 -32.65
C ASP H 106 -32.67 -12.28 -33.04
N TYR H 107 -33.78 -12.35 -33.75
CA TYR H 107 -34.41 -11.15 -34.33
C TYR H 107 -35.30 -10.36 -33.36
N GLY H 108 -35.96 -11.08 -32.44
CA GLY H 108 -36.86 -10.45 -31.48
C GLY H 108 -36.14 -9.60 -30.45
N ARG H 109 -35.47 -8.56 -30.93
CA ARG H 109 -34.57 -7.76 -30.11
C ARG H 109 -35.30 -6.58 -29.51
N PRO H 110 -35.27 -6.44 -28.18
CA PRO H 110 -35.84 -5.27 -27.50
C PRO H 110 -35.33 -3.91 -27.99
N PHE H 111 -34.04 -3.85 -28.36
CA PHE H 111 -33.43 -2.61 -28.85
C PHE H 111 -34.09 -2.08 -30.12
N VAL H 112 -34.83 -2.92 -30.84
CA VAL H 112 -35.52 -2.52 -32.06
C VAL H 112 -37.05 -2.77 -32.02
N LEU H 113 -37.53 -3.65 -31.15
CA LEU H 113 -38.98 -3.83 -30.98
C LEU H 113 -39.58 -3.11 -29.77
N GLY H 114 -38.74 -2.66 -28.85
CA GLY H 114 -39.23 -2.22 -27.54
C GLY H 114 -39.55 -3.46 -26.72
N ASP H 115 -39.61 -3.30 -25.41
CA ASP H 115 -39.51 -4.45 -24.50
C ASP H 115 -40.71 -5.41 -24.49
N THR H 116 -41.93 -4.89 -24.55
CA THR H 116 -43.13 -5.76 -24.46
C THR H 116 -43.53 -6.39 -25.80
N LEU H 117 -43.20 -5.75 -26.92
CA LEU H 117 -43.42 -6.37 -28.23
C LEU H 117 -42.40 -7.49 -28.47
N ALA H 118 -41.20 -7.33 -27.91
CA ALA H 118 -40.22 -8.42 -27.88
C ALA H 118 -40.76 -9.57 -27.03
N ALA H 119 -41.31 -9.26 -25.87
CA ALA H 119 -41.90 -10.28 -24.99
C ALA H 119 -43.06 -11.07 -25.63
N ALA H 120 -43.93 -10.37 -26.36
CA ALA H 120 -45.06 -11.00 -27.08
C ALA H 120 -44.56 -12.01 -28.09
N VAL H 121 -43.62 -11.57 -28.93
CA VAL H 121 -42.96 -12.42 -29.93
C VAL H 121 -42.48 -13.75 -29.30
N ARG H 122 -41.78 -13.64 -28.16
CA ARG H 122 -41.31 -14.83 -27.43
C ARG H 122 -42.45 -15.78 -27.12
N VAL H 123 -43.50 -15.28 -26.46
CA VAL H 123 -44.71 -16.08 -26.19
C VAL H 123 -45.24 -16.75 -27.46
N GLY H 124 -45.18 -16.03 -28.58
CA GLY H 124 -45.61 -16.54 -29.88
C GLY H 124 -44.81 -17.76 -30.34
N ALA H 125 -43.53 -17.81 -29.98
CA ALA H 125 -42.70 -18.98 -30.29
C ALA H 125 -43.25 -20.26 -29.68
N TYR H 126 -43.94 -20.12 -28.55
CA TYR H 126 -44.60 -21.24 -27.86
C TYR H 126 -45.98 -21.55 -28.43
N ILE H 127 -46.75 -20.52 -28.77
CA ILE H 127 -48.04 -20.70 -29.46
C ILE H 127 -47.74 -21.42 -30.78
N PHE H 128 -46.68 -20.97 -31.47
CA PHE H 128 -46.24 -21.59 -32.71
C PHE H 128 -46.03 -23.09 -32.51
N THR H 129 -45.35 -23.45 -31.43
CA THR H 129 -45.05 -24.85 -31.13
C THR H 129 -46.33 -25.64 -30.85
N ALA H 130 -47.26 -25.03 -30.11
CA ALA H 130 -48.54 -25.65 -29.77
C ALA H 130 -49.40 -25.94 -31.01
N CYS H 131 -49.65 -24.92 -31.81
CA CYS H 131 -50.43 -25.09 -33.04
C CYS H 131 -49.79 -26.09 -34.00
N LEU H 132 -48.47 -26.18 -33.98
CA LEU H 132 -47.74 -27.06 -34.88
C LEU H 132 -48.04 -28.51 -34.54
N LEU H 133 -47.85 -28.86 -33.27
CA LEU H 133 -48.13 -30.20 -32.78
C LEU H 133 -49.59 -30.60 -32.96
N ALA H 134 -50.49 -29.69 -32.62
CA ALA H 134 -51.92 -29.95 -32.73
C ALA H 134 -52.29 -30.21 -34.18
N GLY H 135 -51.82 -29.34 -35.08
CA GLY H 135 -52.06 -29.50 -36.51
C GLY H 135 -51.50 -30.78 -37.08
N LEU H 136 -50.39 -31.26 -36.52
CA LEU H 136 -49.73 -32.47 -37.01
C LEU H 136 -50.39 -33.73 -36.44
N LEU H 137 -50.73 -33.72 -35.15
CA LEU H 137 -51.43 -34.85 -34.54
C LEU H 137 -52.80 -35.06 -35.17
N TYR H 138 -53.49 -33.97 -35.45
CA TYR H 138 -54.77 -34.00 -36.15
C TYR H 138 -54.61 -34.62 -37.54
N PHE H 139 -53.79 -33.98 -38.37
CA PHE H 139 -53.49 -34.46 -39.72
C PHE H 139 -53.23 -35.96 -39.74
N ASN H 140 -52.30 -36.42 -38.90
CA ASN H 140 -52.03 -37.85 -38.75
C ASN H 140 -53.31 -38.64 -38.48
N GLU H 141 -54.00 -38.29 -37.39
CA GLU H 141 -55.13 -39.06 -36.87
C GLU H 141 -56.50 -38.69 -37.47
N HIS H 142 -56.52 -38.08 -38.67
CA HIS H 142 -57.78 -37.79 -39.38
C HIS H 142 -57.61 -37.84 -40.92
N ASP H 143 -56.52 -37.26 -41.43
CA ASP H 143 -56.22 -37.28 -42.87
C ASP H 143 -55.21 -38.40 -43.19
N VAL H 144 -54.66 -38.37 -44.42
CA VAL H 144 -53.79 -39.43 -44.93
C VAL H 144 -52.58 -39.79 -44.06
N GLY H 145 -52.00 -38.80 -43.38
CA GLY H 145 -50.77 -38.98 -42.62
C GLY H 145 -49.60 -38.40 -43.41
N LEU H 146 -48.58 -37.92 -42.72
CA LEU H 146 -47.42 -37.28 -43.35
C LEU H 146 -46.78 -38.13 -44.44
N THR H 147 -46.38 -39.34 -44.07
CA THR H 147 -45.70 -40.24 -45.00
C THR H 147 -46.56 -40.40 -46.27
N ARG H 148 -47.82 -40.78 -46.10
CA ARG H 148 -48.76 -40.88 -47.21
C ARG H 148 -48.95 -39.55 -47.95
N ALA H 149 -48.74 -38.43 -47.25
CA ALA H 149 -48.91 -37.13 -47.89
C ALA H 149 -47.81 -36.83 -48.89
N PHE H 150 -46.59 -37.25 -48.58
CA PHE H 150 -45.48 -37.12 -49.52
C PHE H 150 -45.73 -38.01 -50.73
N GLU H 151 -46.08 -39.26 -50.47
CA GLU H 151 -46.34 -40.25 -51.52
C GLU H 151 -47.21 -39.68 -52.62
N MET H 152 -48.27 -39.00 -52.21
CA MET H 152 -49.28 -38.50 -53.14
C MET H 152 -48.84 -37.26 -53.91
N VAL H 153 -47.85 -36.52 -53.42
CA VAL H 153 -47.23 -35.46 -54.24
C VAL H 153 -46.12 -36.05 -55.10
N TRP H 154 -45.46 -37.10 -54.60
CA TRP H 154 -44.48 -37.82 -55.42
C TRP H 154 -45.14 -38.61 -56.55
N GLU H 155 -46.38 -39.07 -56.33
CA GLU H 155 -47.12 -39.79 -57.37
C GLU H 155 -47.51 -38.92 -58.58
N LEU H 156 -47.52 -37.60 -58.43
CA LEU H 156 -47.96 -36.69 -59.51
C LEU H 156 -46.96 -36.57 -60.68
#